data_4EXO
# 
_entry.id   4EXO 
# 
_audit_conform.dict_name       mmcif_pdbx.dic 
_audit_conform.dict_version    5.398 
_audit_conform.dict_location   http://mmcif.pdb.org/dictionaries/ascii/mmcif_pdbx.dic 
# 
loop_
_database_2.database_id 
_database_2.database_code 
_database_2.pdbx_database_accession 
_database_2.pdbx_DOI 
PDB   4EXO         pdb_00004exo 10.2210/pdb4exo/pdb 
RCSB  RCSB072198   ?            ?                   
WWPDB D_1000072198 ?            ?                   
# 
loop_
_pdbx_audit_revision_history.ordinal 
_pdbx_audit_revision_history.data_content_type 
_pdbx_audit_revision_history.major_revision 
_pdbx_audit_revision_history.minor_revision 
_pdbx_audit_revision_history.revision_date 
1 'Structure model' 1 0 2012-05-30 
2 'Structure model' 1 1 2012-08-29 
3 'Structure model' 1 2 2017-11-15 
4 'Structure model' 1 3 2023-09-13 
5 'Structure model' 2 0 2023-11-15 
6 'Structure model' 2 1 2024-11-06 
# 
_pdbx_audit_revision_details.ordinal             1 
_pdbx_audit_revision_details.revision_ordinal    1 
_pdbx_audit_revision_details.data_content_type   'Structure model' 
_pdbx_audit_revision_details.provider            repository 
_pdbx_audit_revision_details.type                'Initial release' 
_pdbx_audit_revision_details.description         ? 
_pdbx_audit_revision_details.details             ? 
# 
loop_
_pdbx_audit_revision_group.ordinal 
_pdbx_audit_revision_group.revision_ordinal 
_pdbx_audit_revision_group.data_content_type 
_pdbx_audit_revision_group.group 
1 2 'Structure model' 'Database references'    
2 3 'Structure model' 'Refinement description' 
3 4 'Structure model' 'Data collection'        
4 4 'Structure model' 'Database references'    
5 4 'Structure model' 'Derived calculations'   
6 4 'Structure model' 'Refinement description' 
7 5 'Structure model' 'Atomic model'           
8 5 'Structure model' 'Data collection'        
9 6 'Structure model' 'Structure summary'      
# 
loop_
_pdbx_audit_revision_category.ordinal 
_pdbx_audit_revision_category.revision_ordinal 
_pdbx_audit_revision_category.data_content_type 
_pdbx_audit_revision_category.category 
1  3 'Structure model' software                      
2  4 'Structure model' chem_comp_atom                
3  4 'Structure model' chem_comp_bond                
4  4 'Structure model' database_2                    
5  4 'Structure model' pdbx_initial_refinement_model 
6  4 'Structure model' pdbx_struct_special_symmetry  
7  4 'Structure model' struct_conn                   
8  4 'Structure model' struct_site                   
9  5 'Structure model' atom_site                     
10 5 'Structure model' chem_comp_atom                
11 5 'Structure model' chem_comp_bond                
12 6 'Structure model' pdbx_entry_details            
13 6 'Structure model' pdbx_modification_feature     
# 
loop_
_pdbx_audit_revision_item.ordinal 
_pdbx_audit_revision_item.revision_ordinal 
_pdbx_audit_revision_item.data_content_type 
_pdbx_audit_revision_item.item 
1  4 'Structure model' '_database_2.pdbx_DOI'                
2  4 'Structure model' '_database_2.pdbx_database_accession' 
3  4 'Structure model' '_struct_conn.pdbx_leaving_atom_flag' 
4  4 'Structure model' '_struct_site.pdbx_auth_asym_id'      
5  4 'Structure model' '_struct_site.pdbx_auth_comp_id'      
6  4 'Structure model' '_struct_site.pdbx_auth_seq_id'       
7  5 'Structure model' '_atom_site.auth_atom_id'             
8  5 'Structure model' '_atom_site.label_atom_id'            
9  5 'Structure model' '_chem_comp_atom.atom_id'             
10 5 'Structure model' '_chem_comp_bond.atom_id_1'           
11 5 'Structure model' '_chem_comp_bond.atom_id_2'           
# 
_pdbx_database_status.entry_id                        4EXO 
_pdbx_database_status.deposit_site                    RCSB 
_pdbx_database_status.process_site                    RCSB 
_pdbx_database_status.recvd_initial_deposition_date   2012-04-30 
_pdbx_database_status.status_code                     REL 
_pdbx_database_status.status_code_sf                  REL 
_pdbx_database_status.status_code_mr                  ? 
_pdbx_database_status.SG_entry                        ? 
_pdbx_database_status.status_code_cs                  ? 
_pdbx_database_status.methods_development_category    ? 
_pdbx_database_status.pdb_format_compatible           Y 
_pdbx_database_status.status_code_nmr_data            ? 
# 
_pdbx_database_related.db_name        PDB 
_pdbx_database_related.db_id          2QHK 
_pdbx_database_related.details        
;The crystal structure of the methyl-accepting chemotaxis protein from Vibrio parahaemolyticus RIMD 2210633. THIS ENTRY 4EXO REFLECTS AN ALTERNATIVE MODELING OF X-RAY DATA R2QHKSF
;
_pdbx_database_related.content_type   re-refinement 
# 
loop_
_audit_author.name 
_audit_author.pdbx_ordinal 
'Sweeney, E.G.'     1 
'Henderson, J.N.'   2 
'Goers, J.'         3 
'Wreden, C.'        4 
'Hicks, K.G.'       5 
'Foster, J.K.'      6 
'Parthasarathy, R.' 7 
'Remington, S.J.'   8 
'Guillemin, K.'     9 
# 
loop_
_citation.id 
_citation.title 
_citation.journal_abbrev 
_citation.journal_volume 
_citation.page_first 
_citation.page_last 
_citation.year 
_citation.journal_id_ASTM 
_citation.country 
_citation.journal_id_ISSN 
_citation.journal_id_CSD 
_citation.book_publisher 
_citation.pdbx_database_id_PubMed 
_citation.pdbx_database_id_DOI 
primary         'Structure and Proposed Mechanism for the pH-Sensing Helicobacter pylori Chemoreceptor TlpB.'                
Structure         20 1177 1188 2012 STRUE6 UK 0969-2126 2005 ? 22705207 10.1016/j.str.2012.04.021 
original_data_1 'The crystal structure of the methyl-accepting chemotaxis protein from Vibrio parahaemolyticus RIMD 2210633' 
'To be Published' ?  ?    ?    ?    ?      ?  ?         0353 ? ?        ?                         
# 
loop_
_citation_author.citation_id 
_citation_author.name 
_citation_author.ordinal 
_citation_author.identifier_ORCID 
primary         'Goers Sweeney, E.' 1  ? 
primary         'Henderson, J.N.'   2  ? 
primary         'Goers, J.'         3  ? 
primary         'Wreden, C.'        4  ? 
primary         'Hicks, K.G.'       5  ? 
primary         'Foster, J.K.'      6  ? 
primary         'Parthasarathy, R.' 7  ? 
primary         'Remington, S.J.'   8  ? 
primary         'Guillemin, K.'     9  ? 
original_data_1 'Zhang, R.'         10 ? 
original_data_1 'Li, H.'            11 ? 
original_data_1 'Clancy, S.'        12 ? 
original_data_1 'Joachimiak, A.'    13 ? 
# 
loop_
_entity.id 
_entity.type 
_entity.src_method 
_entity.pdbx_description 
_entity.formula_weight 
_entity.pdbx_number_of_molecules 
_entity.pdbx_ec 
_entity.pdbx_mutation 
_entity.pdbx_fragment 
_entity.details 
1 polymer     man 'Methyl-accepting chemotaxis protein' 16653.252 1   ? ? 'N-terminal periplasmic domain, UNP residues 38-183' ? 
2 non-polymer syn 'PYRUVIC ACID'                        88.062    1   ? ? ?                                                    ? 
3 water       nat water                                 18.015    222 ? ? ?                                                    ? 
# 
_entity_poly.entity_id                      1 
_entity_poly.type                           'polypeptide(L)' 
_entity_poly.nstd_linkage                   no 
_entity_poly.nstd_monomer                   yes 
_entity_poly.pdbx_seq_one_letter_code       
;AELVRDRQELIDARKKELKAY(MSE)(MSE)(MSE)GVTAIKPLYDSDVNGSNKQAAKEILKA(MSE)RFESDGYFFAYD
SQGINTLHAIKPSLEGKNLYDLKDENGVAVIAGLIDASQKGDGFLYFSWHKPTINAQAPKLGYAEYLQKWDWVLGTGIYI
DD
;
_entity_poly.pdbx_seq_one_letter_code_can   
;AELVRDRQELIDARKKELKAYMMMGVTAIKPLYDSDVNGSNKQAAKEILKAMRFESDGYFFAYDSQGINTLHAIKPSLEG
KNLYDLKDENGVAVIAGLIDASQKGDGFLYFSWHKPTINAQAPKLGYAEYLQKWDWVLGTGIYIDD
;
_entity_poly.pdbx_strand_id                 A 
_entity_poly.pdbx_target_identifier         ? 
# 
loop_
_pdbx_entity_nonpoly.entity_id 
_pdbx_entity_nonpoly.name 
_pdbx_entity_nonpoly.comp_id 
2 'PYRUVIC ACID' PYR 
3 water          HOH 
# 
loop_
_entity_poly_seq.entity_id 
_entity_poly_seq.num 
_entity_poly_seq.mon_id 
_entity_poly_seq.hetero 
1 1   ALA n 
1 2   GLU n 
1 3   LEU n 
1 4   VAL n 
1 5   ARG n 
1 6   ASP n 
1 7   ARG n 
1 8   GLN n 
1 9   GLU n 
1 10  LEU n 
1 11  ILE n 
1 12  ASP n 
1 13  ALA n 
1 14  ARG n 
1 15  LYS n 
1 16  LYS n 
1 17  GLU n 
1 18  LEU n 
1 19  LYS n 
1 20  ALA n 
1 21  TYR n 
1 22  MSE n 
1 23  MSE n 
1 24  MSE n 
1 25  GLY n 
1 26  VAL n 
1 27  THR n 
1 28  ALA n 
1 29  ILE n 
1 30  LYS n 
1 31  PRO n 
1 32  LEU n 
1 33  TYR n 
1 34  ASP n 
1 35  SER n 
1 36  ASP n 
1 37  VAL n 
1 38  ASN n 
1 39  GLY n 
1 40  SER n 
1 41  ASN n 
1 42  LYS n 
1 43  GLN n 
1 44  ALA n 
1 45  ALA n 
1 46  LYS n 
1 47  GLU n 
1 48  ILE n 
1 49  LEU n 
1 50  LYS n 
1 51  ALA n 
1 52  MSE n 
1 53  ARG n 
1 54  PHE n 
1 55  GLU n 
1 56  SER n 
1 57  ASP n 
1 58  GLY n 
1 59  TYR n 
1 60  PHE n 
1 61  PHE n 
1 62  ALA n 
1 63  TYR n 
1 64  ASP n 
1 65  SER n 
1 66  GLN n 
1 67  GLY n 
1 68  ILE n 
1 69  ASN n 
1 70  THR n 
1 71  LEU n 
1 72  HIS n 
1 73  ALA n 
1 74  ILE n 
1 75  LYS n 
1 76  PRO n 
1 77  SER n 
1 78  LEU n 
1 79  GLU n 
1 80  GLY n 
1 81  LYS n 
1 82  ASN n 
1 83  LEU n 
1 84  TYR n 
1 85  ASP n 
1 86  LEU n 
1 87  LYS n 
1 88  ASP n 
1 89  GLU n 
1 90  ASN n 
1 91  GLY n 
1 92  VAL n 
1 93  ALA n 
1 94  VAL n 
1 95  ILE n 
1 96  ALA n 
1 97  GLY n 
1 98  LEU n 
1 99  ILE n 
1 100 ASP n 
1 101 ALA n 
1 102 SER n 
1 103 GLN n 
1 104 LYS n 
1 105 GLY n 
1 106 ASP n 
1 107 GLY n 
1 108 PHE n 
1 109 LEU n 
1 110 TYR n 
1 111 PHE n 
1 112 SER n 
1 113 TRP n 
1 114 HIS n 
1 115 LYS n 
1 116 PRO n 
1 117 THR n 
1 118 ILE n 
1 119 ASN n 
1 120 ALA n 
1 121 GLN n 
1 122 ALA n 
1 123 PRO n 
1 124 LYS n 
1 125 LEU n 
1 126 GLY n 
1 127 TYR n 
1 128 ALA n 
1 129 GLU n 
1 130 TYR n 
1 131 LEU n 
1 132 GLN n 
1 133 LYS n 
1 134 TRP n 
1 135 ASP n 
1 136 TRP n 
1 137 VAL n 
1 138 LEU n 
1 139 GLY n 
1 140 THR n 
1 141 GLY n 
1 142 ILE n 
1 143 TYR n 
1 144 ILE n 
1 145 ASP n 
1 146 ASP n 
# 
_entity_src_gen.entity_id                          1 
_entity_src_gen.pdbx_src_id                        1 
_entity_src_gen.pdbx_alt_source_flag               sample 
_entity_src_gen.pdbx_seq_type                      ? 
_entity_src_gen.pdbx_beg_seq_num                   ? 
_entity_src_gen.pdbx_end_seq_num                   ? 
_entity_src_gen.gene_src_common_name               ? 
_entity_src_gen.gene_src_genus                     ? 
_entity_src_gen.pdbx_gene_src_gene                 'GI:28896957, VP0183' 
_entity_src_gen.gene_src_species                   ? 
_entity_src_gen.gene_src_strain                    'RIMD 2210633' 
_entity_src_gen.gene_src_tissue                    ? 
_entity_src_gen.gene_src_tissue_fraction           ? 
_entity_src_gen.gene_src_details                   ? 
_entity_src_gen.pdbx_gene_src_fragment             ? 
_entity_src_gen.pdbx_gene_src_scientific_name      'Vibrio parahaemolyticus' 
_entity_src_gen.pdbx_gene_src_ncbi_taxonomy_id     670 
_entity_src_gen.pdbx_gene_src_variant              ? 
_entity_src_gen.pdbx_gene_src_cell_line            ? 
_entity_src_gen.pdbx_gene_src_atcc                 ? 
_entity_src_gen.pdbx_gene_src_organ                ? 
_entity_src_gen.pdbx_gene_src_organelle            ? 
_entity_src_gen.pdbx_gene_src_cell                 ? 
_entity_src_gen.pdbx_gene_src_cellular_location    ? 
_entity_src_gen.host_org_common_name               ? 
_entity_src_gen.pdbx_host_org_scientific_name      'Escherichia coli' 
_entity_src_gen.pdbx_host_org_ncbi_taxonomy_id     511693 
_entity_src_gen.host_org_genus                     ? 
_entity_src_gen.pdbx_host_org_gene                 ? 
_entity_src_gen.pdbx_host_org_organ                ? 
_entity_src_gen.host_org_species                   ? 
_entity_src_gen.pdbx_host_org_tissue               ? 
_entity_src_gen.pdbx_host_org_tissue_fraction      ? 
_entity_src_gen.pdbx_host_org_strain               BL21 
_entity_src_gen.pdbx_host_org_variant              ? 
_entity_src_gen.pdbx_host_org_cell_line            ? 
_entity_src_gen.pdbx_host_org_atcc                 ? 
_entity_src_gen.pdbx_host_org_culture_collection   ? 
_entity_src_gen.pdbx_host_org_cell                 ? 
_entity_src_gen.pdbx_host_org_organelle            ? 
_entity_src_gen.pdbx_host_org_cellular_location    ? 
_entity_src_gen.pdbx_host_org_vector_type          Plasmid 
_entity_src_gen.pdbx_host_org_vector               ? 
_entity_src_gen.host_org_details                   ? 
_entity_src_gen.expression_system_id               ? 
_entity_src_gen.plasmid_name                       PDM68 
_entity_src_gen.plasmid_details                    ? 
_entity_src_gen.pdbx_description                   ? 
# 
loop_
_chem_comp.id 
_chem_comp.type 
_chem_comp.mon_nstd_flag 
_chem_comp.name 
_chem_comp.pdbx_synonyms 
_chem_comp.formula 
_chem_comp.formula_weight 
ALA 'L-peptide linking' y ALANINE          ? 'C3 H7 N O2'     89.093  
ARG 'L-peptide linking' y ARGININE         ? 'C6 H15 N4 O2 1' 175.209 
ASN 'L-peptide linking' y ASPARAGINE       ? 'C4 H8 N2 O3'    132.118 
ASP 'L-peptide linking' y 'ASPARTIC ACID'  ? 'C4 H7 N O4'     133.103 
GLN 'L-peptide linking' y GLUTAMINE        ? 'C5 H10 N2 O3'   146.144 
GLU 'L-peptide linking' y 'GLUTAMIC ACID'  ? 'C5 H9 N O4'     147.129 
GLY 'peptide linking'   y GLYCINE          ? 'C2 H5 N O2'     75.067  
HIS 'L-peptide linking' y HISTIDINE        ? 'C6 H10 N3 O2 1' 156.162 
HOH non-polymer         . WATER            ? 'H2 O'           18.015  
ILE 'L-peptide linking' y ISOLEUCINE       ? 'C6 H13 N O2'    131.173 
LEU 'L-peptide linking' y LEUCINE          ? 'C6 H13 N O2'    131.173 
LYS 'L-peptide linking' y LYSINE           ? 'C6 H15 N2 O2 1' 147.195 
MSE 'L-peptide linking' n SELENOMETHIONINE ? 'C5 H11 N O2 Se' 196.106 
PHE 'L-peptide linking' y PHENYLALANINE    ? 'C9 H11 N O2'    165.189 
PRO 'L-peptide linking' y PROLINE          ? 'C5 H9 N O2'     115.130 
PYR non-polymer         . 'PYRUVIC ACID'   ? 'C3 H4 O3'       88.062  
SER 'L-peptide linking' y SERINE           ? 'C3 H7 N O3'     105.093 
THR 'L-peptide linking' y THREONINE        ? 'C4 H9 N O3'     119.119 
TRP 'L-peptide linking' y TRYPTOPHAN       ? 'C11 H12 N2 O2'  204.225 
TYR 'L-peptide linking' y TYROSINE         ? 'C9 H11 N O3'    181.189 
VAL 'L-peptide linking' y VALINE           ? 'C5 H11 N O2'    117.146 
# 
loop_
_pdbx_poly_seq_scheme.asym_id 
_pdbx_poly_seq_scheme.entity_id 
_pdbx_poly_seq_scheme.seq_id 
_pdbx_poly_seq_scheme.mon_id 
_pdbx_poly_seq_scheme.ndb_seq_num 
_pdbx_poly_seq_scheme.pdb_seq_num 
_pdbx_poly_seq_scheme.auth_seq_num 
_pdbx_poly_seq_scheme.pdb_mon_id 
_pdbx_poly_seq_scheme.auth_mon_id 
_pdbx_poly_seq_scheme.pdb_strand_id 
_pdbx_poly_seq_scheme.pdb_ins_code 
_pdbx_poly_seq_scheme.hetero 
A 1 1   ALA 1   8   8   ALA ALA A . n 
A 1 2   GLU 2   9   9   GLU GLU A . n 
A 1 3   LEU 3   10  10  LEU LEU A . n 
A 1 4   VAL 4   11  11  VAL VAL A . n 
A 1 5   ARG 5   12  12  ARG ARG A . n 
A 1 6   ASP 6   13  13  ASP ASP A . n 
A 1 7   ARG 7   14  14  ARG ARG A . n 
A 1 8   GLN 8   15  15  GLN GLN A . n 
A 1 9   GLU 9   16  16  GLU GLU A . n 
A 1 10  LEU 10  17  17  LEU LEU A . n 
A 1 11  ILE 11  18  18  ILE ILE A . n 
A 1 12  ASP 12  19  19  ASP ASP A . n 
A 1 13  ALA 13  20  20  ALA ALA A . n 
A 1 14  ARG 14  21  21  ARG ARG A . n 
A 1 15  LYS 15  22  22  LYS LYS A . n 
A 1 16  LYS 16  23  23  LYS LYS A . n 
A 1 17  GLU 17  24  24  GLU GLU A . n 
A 1 18  LEU 18  25  25  LEU LEU A . n 
A 1 19  LYS 19  26  26  LYS LYS A . n 
A 1 20  ALA 20  27  27  ALA ALA A . n 
A 1 21  TYR 21  28  28  TYR TYR A . n 
A 1 22  MSE 22  29  29  MSE MSE A . n 
A 1 23  MSE 23  30  30  MSE MSE A . n 
A 1 24  MSE 24  31  31  MSE MSE A . n 
A 1 25  GLY 25  32  32  GLY GLY A . n 
A 1 26  VAL 26  33  33  VAL VAL A . n 
A 1 27  THR 27  34  34  THR THR A . n 
A 1 28  ALA 28  35  35  ALA ALA A . n 
A 1 29  ILE 29  36  36  ILE ILE A . n 
A 1 30  LYS 30  37  37  LYS LYS A . n 
A 1 31  PRO 31  38  38  PRO PRO A . n 
A 1 32  LEU 32  39  39  LEU LEU A . n 
A 1 33  TYR 33  40  40  TYR TYR A . n 
A 1 34  ASP 34  41  41  ASP ASP A . n 
A 1 35  SER 35  42  42  SER SER A . n 
A 1 36  ASP 36  43  43  ASP ASP A . n 
A 1 37  VAL 37  44  44  VAL VAL A . n 
A 1 38  ASN 38  45  45  ASN ASN A . n 
A 1 39  GLY 39  46  46  GLY GLY A . n 
A 1 40  SER 40  47  47  SER SER A . n 
A 1 41  ASN 41  48  48  ASN ASN A . n 
A 1 42  LYS 42  49  49  LYS LYS A . n 
A 1 43  GLN 43  50  50  GLN GLN A . n 
A 1 44  ALA 44  51  51  ALA ALA A . n 
A 1 45  ALA 45  52  52  ALA ALA A . n 
A 1 46  LYS 46  53  53  LYS LYS A . n 
A 1 47  GLU 47  54  54  GLU GLU A . n 
A 1 48  ILE 48  55  55  ILE ILE A . n 
A 1 49  LEU 49  56  56  LEU LEU A . n 
A 1 50  LYS 50  57  57  LYS LYS A . n 
A 1 51  ALA 51  58  58  ALA ALA A . n 
A 1 52  MSE 52  59  59  MSE MSE A . n 
A 1 53  ARG 53  60  60  ARG ARG A . n 
A 1 54  PHE 54  61  61  PHE PHE A . n 
A 1 55  GLU 55  62  62  GLU GLU A . n 
A 1 56  SER 56  63  63  SER SER A . n 
A 1 57  ASP 57  64  64  ASP ASP A . n 
A 1 58  GLY 58  65  65  GLY GLY A . n 
A 1 59  TYR 59  66  66  TYR TYR A . n 
A 1 60  PHE 60  67  67  PHE PHE A . n 
A 1 61  PHE 61  68  68  PHE PHE A . n 
A 1 62  ALA 62  69  69  ALA ALA A . n 
A 1 63  TYR 63  70  70  TYR TYR A . n 
A 1 64  ASP 64  71  71  ASP ASP A . n 
A 1 65  SER 65  72  72  SER SER A . n 
A 1 66  GLN 66  73  73  GLN GLN A . n 
A 1 67  GLY 67  74  74  GLY GLY A . n 
A 1 68  ILE 68  75  75  ILE ILE A . n 
A 1 69  ASN 69  76  76  ASN ASN A . n 
A 1 70  THR 70  77  77  THR THR A . n 
A 1 71  LEU 71  78  78  LEU LEU A . n 
A 1 72  HIS 72  79  79  HIS HIS A . n 
A 1 73  ALA 73  80  80  ALA ALA A . n 
A 1 74  ILE 74  81  81  ILE ILE A . n 
A 1 75  LYS 75  82  82  LYS LYS A . n 
A 1 76  PRO 76  83  83  PRO PRO A . n 
A 1 77  SER 77  84  84  SER SER A . n 
A 1 78  LEU 78  85  85  LEU LEU A . n 
A 1 79  GLU 79  86  86  GLU GLU A . n 
A 1 80  GLY 80  87  87  GLY GLY A . n 
A 1 81  LYS 81  88  88  LYS LYS A . n 
A 1 82  ASN 82  89  89  ASN ASN A . n 
A 1 83  LEU 83  90  90  LEU LEU A . n 
A 1 84  TYR 84  91  91  TYR TYR A . n 
A 1 85  ASP 85  92  92  ASP ASP A . n 
A 1 86  LEU 86  93  93  LEU LEU A . n 
A 1 87  LYS 87  94  94  LYS LYS A . n 
A 1 88  ASP 88  95  95  ASP ASP A . n 
A 1 89  GLU 89  96  96  GLU GLU A . n 
A 1 90  ASN 90  97  97  ASN ASN A . n 
A 1 91  GLY 91  98  98  GLY GLY A . n 
A 1 92  VAL 92  99  99  VAL VAL A . n 
A 1 93  ALA 93  100 100 ALA ALA A . n 
A 1 94  VAL 94  101 101 VAL VAL A . n 
A 1 95  ILE 95  102 102 ILE ILE A . n 
A 1 96  ALA 96  103 103 ALA ALA A . n 
A 1 97  GLY 97  104 104 GLY GLY A . n 
A 1 98  LEU 98  105 105 LEU LEU A . n 
A 1 99  ILE 99  106 106 ILE ILE A . n 
A 1 100 ASP 100 107 107 ASP ASP A . n 
A 1 101 ALA 101 108 108 ALA ALA A . n 
A 1 102 SER 102 109 109 SER SER A . n 
A 1 103 GLN 103 110 110 GLN GLN A . n 
A 1 104 LYS 104 111 111 LYS LYS A . n 
A 1 105 GLY 105 112 112 GLY GLY A . n 
A 1 106 ASP 106 113 113 ASP ASP A . n 
A 1 107 GLY 107 114 114 GLY GLY A . n 
A 1 108 PHE 108 115 115 PHE PHE A . n 
A 1 109 LEU 109 116 116 LEU LEU A . n 
A 1 110 TYR 110 117 117 TYR TYR A . n 
A 1 111 PHE 111 118 118 PHE PHE A . n 
A 1 112 SER 112 119 119 SER SER A . n 
A 1 113 TRP 113 120 120 TRP TRP A . n 
A 1 114 HIS 114 121 121 HIS HIS A . n 
A 1 115 LYS 115 122 122 LYS LYS A . n 
A 1 116 PRO 116 123 123 PRO PRO A . n 
A 1 117 THR 117 124 124 THR THR A . n 
A 1 118 ILE 118 125 125 ILE ILE A . n 
A 1 119 ASN 119 126 126 ASN ASN A . n 
A 1 120 ALA 120 127 127 ALA ALA A . n 
A 1 121 GLN 121 128 128 GLN GLN A . n 
A 1 122 ALA 122 129 129 ALA ALA A . n 
A 1 123 PRO 123 130 130 PRO PRO A . n 
A 1 124 LYS 124 131 131 LYS LYS A . n 
A 1 125 LEU 125 132 132 LEU LEU A . n 
A 1 126 GLY 126 133 133 GLY GLY A . n 
A 1 127 TYR 127 134 134 TYR TYR A . n 
A 1 128 ALA 128 135 135 ALA ALA A . n 
A 1 129 GLU 129 136 136 GLU GLU A . n 
A 1 130 TYR 130 137 137 TYR TYR A . n 
A 1 131 LEU 131 138 138 LEU LEU A . n 
A 1 132 GLN 132 139 139 GLN GLN A . n 
A 1 133 LYS 133 140 140 LYS LYS A . n 
A 1 134 TRP 134 141 141 TRP TRP A . n 
A 1 135 ASP 135 142 142 ASP ASP A . n 
A 1 136 TRP 136 143 143 TRP TRP A . n 
A 1 137 VAL 137 144 144 VAL VAL A . n 
A 1 138 LEU 138 145 145 LEU LEU A . n 
A 1 139 GLY 139 146 146 GLY GLY A . n 
A 1 140 THR 140 147 147 THR THR A . n 
A 1 141 GLY 141 148 148 GLY GLY A . n 
A 1 142 ILE 142 149 149 ILE ILE A . n 
A 1 143 TYR 143 150 150 TYR TYR A . n 
A 1 144 ILE 144 151 151 ILE ILE A . n 
A 1 145 ASP 145 152 152 ASP ASP A . n 
A 1 146 ASP 146 153 153 ASP ASP A . n 
# 
loop_
_pdbx_nonpoly_scheme.asym_id 
_pdbx_nonpoly_scheme.entity_id 
_pdbx_nonpoly_scheme.mon_id 
_pdbx_nonpoly_scheme.ndb_seq_num 
_pdbx_nonpoly_scheme.pdb_seq_num 
_pdbx_nonpoly_scheme.auth_seq_num 
_pdbx_nonpoly_scheme.pdb_mon_id 
_pdbx_nonpoly_scheme.auth_mon_id 
_pdbx_nonpoly_scheme.pdb_strand_id 
_pdbx_nonpoly_scheme.pdb_ins_code 
B 2 PYR 1   201 1   PYR PYR A . 
C 3 HOH 1   301 176 HOH HOH A . 
C 3 HOH 2   302 177 HOH HOH A . 
C 3 HOH 3   303 178 HOH HOH A . 
C 3 HOH 4   304 179 HOH HOH A . 
C 3 HOH 5   305 180 HOH HOH A . 
C 3 HOH 6   306 181 HOH HOH A . 
C 3 HOH 7   307 182 HOH HOH A . 
C 3 HOH 8   308 183 HOH HOH A . 
C 3 HOH 9   309 184 HOH HOH A . 
C 3 HOH 10  310 185 HOH HOH A . 
C 3 HOH 11  311 186 HOH HOH A . 
C 3 HOH 12  312 187 HOH HOH A . 
C 3 HOH 13  313 188 HOH HOH A . 
C 3 HOH 14  314 189 HOH HOH A . 
C 3 HOH 15  315 190 HOH HOH A . 
C 3 HOH 16  316 191 HOH HOH A . 
C 3 HOH 17  317 192 HOH HOH A . 
C 3 HOH 18  318 193 HOH HOH A . 
C 3 HOH 19  319 194 HOH HOH A . 
C 3 HOH 20  320 195 HOH HOH A . 
C 3 HOH 21  321 196 HOH HOH A . 
C 3 HOH 22  322 197 HOH HOH A . 
C 3 HOH 23  323 198 HOH HOH A . 
C 3 HOH 24  324 199 HOH HOH A . 
C 3 HOH 25  325 200 HOH HOH A . 
C 3 HOH 26  326 201 HOH HOH A . 
C 3 HOH 27  327 202 HOH HOH A . 
C 3 HOH 28  328 203 HOH HOH A . 
C 3 HOH 29  329 204 HOH HOH A . 
C 3 HOH 30  330 205 HOH HOH A . 
C 3 HOH 31  331 206 HOH HOH A . 
C 3 HOH 32  332 207 HOH HOH A . 
C 3 HOH 33  333 208 HOH HOH A . 
C 3 HOH 34  334 209 HOH HOH A . 
C 3 HOH 35  335 210 HOH HOH A . 
C 3 HOH 36  336 211 HOH HOH A . 
C 3 HOH 37  337 212 HOH HOH A . 
C 3 HOH 38  338 213 HOH HOH A . 
C 3 HOH 39  339 214 HOH HOH A . 
C 3 HOH 40  340 215 HOH HOH A . 
C 3 HOH 41  341 216 HOH HOH A . 
C 3 HOH 42  342 217 HOH HOH A . 
C 3 HOH 43  343 218 HOH HOH A . 
C 3 HOH 44  344 219 HOH HOH A . 
C 3 HOH 45  345 220 HOH HOH A . 
C 3 HOH 46  346 221 HOH HOH A . 
C 3 HOH 47  347 222 HOH HOH A . 
C 3 HOH 48  348 223 HOH HOH A . 
C 3 HOH 49  349 224 HOH HOH A . 
C 3 HOH 50  350 225 HOH HOH A . 
C 3 HOH 51  351 226 HOH HOH A . 
C 3 HOH 52  352 227 HOH HOH A . 
C 3 HOH 53  353 228 HOH HOH A . 
C 3 HOH 54  354 229 HOH HOH A . 
C 3 HOH 55  355 230 HOH HOH A . 
C 3 HOH 56  356 231 HOH HOH A . 
C 3 HOH 57  357 232 HOH HOH A . 
C 3 HOH 58  358 233 HOH HOH A . 
C 3 HOH 59  359 234 HOH HOH A . 
C 3 HOH 60  360 235 HOH HOH A . 
C 3 HOH 61  361 236 HOH HOH A . 
C 3 HOH 62  362 237 HOH HOH A . 
C 3 HOH 63  363 238 HOH HOH A . 
C 3 HOH 64  364 239 HOH HOH A . 
C 3 HOH 65  365 240 HOH HOH A . 
C 3 HOH 66  366 241 HOH HOH A . 
C 3 HOH 67  367 242 HOH HOH A . 
C 3 HOH 68  368 243 HOH HOH A . 
C 3 HOH 69  369 244 HOH HOH A . 
C 3 HOH 70  370 245 HOH HOH A . 
C 3 HOH 71  371 246 HOH HOH A . 
C 3 HOH 72  372 247 HOH HOH A . 
C 3 HOH 73  373 248 HOH HOH A . 
C 3 HOH 74  374 249 HOH HOH A . 
C 3 HOH 75  375 250 HOH HOH A . 
C 3 HOH 76  376 251 HOH HOH A . 
C 3 HOH 77  377 252 HOH HOH A . 
C 3 HOH 78  378 253 HOH HOH A . 
C 3 HOH 79  379 255 HOH HOH A . 
C 3 HOH 80  380 256 HOH HOH A . 
C 3 HOH 81  381 257 HOH HOH A . 
C 3 HOH 82  382 258 HOH HOH A . 
C 3 HOH 83  383 259 HOH HOH A . 
C 3 HOH 84  384 260 HOH HOH A . 
C 3 HOH 85  385 261 HOH HOH A . 
C 3 HOH 86  386 262 HOH HOH A . 
C 3 HOH 87  387 263 HOH HOH A . 
C 3 HOH 88  388 264 HOH HOH A . 
C 3 HOH 89  389 265 HOH HOH A . 
C 3 HOH 90  390 266 HOH HOH A . 
C 3 HOH 91  391 267 HOH HOH A . 
C 3 HOH 92  392 268 HOH HOH A . 
C 3 HOH 93  393 269 HOH HOH A . 
C 3 HOH 94  394 270 HOH HOH A . 
C 3 HOH 95  395 271 HOH HOH A . 
C 3 HOH 96  396 272 HOH HOH A . 
C 3 HOH 97  397 273 HOH HOH A . 
C 3 HOH 98  398 274 HOH HOH A . 
C 3 HOH 99  399 275 HOH HOH A . 
C 3 HOH 100 400 276 HOH HOH A . 
C 3 HOH 101 401 277 HOH HOH A . 
C 3 HOH 102 402 278 HOH HOH A . 
C 3 HOH 103 403 279 HOH HOH A . 
C 3 HOH 104 404 280 HOH HOH A . 
C 3 HOH 105 405 281 HOH HOH A . 
C 3 HOH 106 406 282 HOH HOH A . 
C 3 HOH 107 407 283 HOH HOH A . 
C 3 HOH 108 408 284 HOH HOH A . 
C 3 HOH 109 409 285 HOH HOH A . 
C 3 HOH 110 410 286 HOH HOH A . 
C 3 HOH 111 411 287 HOH HOH A . 
C 3 HOH 112 412 288 HOH HOH A . 
C 3 HOH 113 413 289 HOH HOH A . 
C 3 HOH 114 414 291 HOH HOH A . 
C 3 HOH 115 415 292 HOH HOH A . 
C 3 HOH 116 416 293 HOH HOH A . 
C 3 HOH 117 417 294 HOH HOH A . 
C 3 HOH 118 418 295 HOH HOH A . 
C 3 HOH 119 419 296 HOH HOH A . 
C 3 HOH 120 420 297 HOH HOH A . 
C 3 HOH 121 421 298 HOH HOH A . 
C 3 HOH 122 422 299 HOH HOH A . 
C 3 HOH 123 423 300 HOH HOH A . 
C 3 HOH 124 424 301 HOH HOH A . 
C 3 HOH 125 425 302 HOH HOH A . 
C 3 HOH 126 426 303 HOH HOH A . 
C 3 HOH 127 427 304 HOH HOH A . 
C 3 HOH 128 428 306 HOH HOH A . 
C 3 HOH 129 429 307 HOH HOH A . 
C 3 HOH 130 430 308 HOH HOH A . 
C 3 HOH 131 431 309 HOH HOH A . 
C 3 HOH 132 432 310 HOH HOH A . 
C 3 HOH 133 433 311 HOH HOH A . 
C 3 HOH 134 434 314 HOH HOH A . 
C 3 HOH 135 435 315 HOH HOH A . 
C 3 HOH 136 436 316 HOH HOH A . 
C 3 HOH 137 437 317 HOH HOH A . 
C 3 HOH 138 438 318 HOH HOH A . 
C 3 HOH 139 439 319 HOH HOH A . 
C 3 HOH 140 440 320 HOH HOH A . 
C 3 HOH 141 441 321 HOH HOH A . 
C 3 HOH 142 442 322 HOH HOH A . 
C 3 HOH 143 443 323 HOH HOH A . 
C 3 HOH 144 444 326 HOH HOH A . 
C 3 HOH 145 445 327 HOH HOH A . 
C 3 HOH 146 446 328 HOH HOH A . 
C 3 HOH 147 447 331 HOH HOH A . 
C 3 HOH 148 448 332 HOH HOH A . 
C 3 HOH 149 449 333 HOH HOH A . 
C 3 HOH 150 450 334 HOH HOH A . 
C 3 HOH 151 451 335 HOH HOH A . 
C 3 HOH 152 452 339 HOH HOH A . 
C 3 HOH 153 453 341 HOH HOH A . 
C 3 HOH 154 454 342 HOH HOH A . 
C 3 HOH 155 455 343 HOH HOH A . 
C 3 HOH 156 456 344 HOH HOH A . 
C 3 HOH 157 457 345 HOH HOH A . 
C 3 HOH 158 458 346 HOH HOH A . 
C 3 HOH 159 459 354 HOH HOH A . 
C 3 HOH 160 460 355 HOH HOH A . 
C 3 HOH 161 461 360 HOH HOH A . 
C 3 HOH 162 462 361 HOH HOH A . 
C 3 HOH 163 463 362 HOH HOH A . 
C 3 HOH 164 464 363 HOH HOH A . 
C 3 HOH 165 465 364 HOH HOH A . 
C 3 HOH 166 466 368 HOH HOH A . 
C 3 HOH 167 467 369 HOH HOH A . 
C 3 HOH 168 468 372 HOH HOH A . 
C 3 HOH 169 469 376 HOH HOH A . 
C 3 HOH 170 470 377 HOH HOH A . 
C 3 HOH 171 471 391 HOH HOH A . 
C 3 HOH 172 472 393 HOH HOH A . 
C 3 HOH 173 473 400 HOH HOH A . 
C 3 HOH 174 474 402 HOH HOH A . 
C 3 HOH 175 475 405 HOH HOH A . 
C 3 HOH 176 476 408 HOH HOH A . 
C 3 HOH 177 477 413 HOH HOH A . 
C 3 HOH 178 478 415 HOH HOH A . 
C 3 HOH 179 479 420 HOH HOH A . 
C 3 HOH 180 480 423 HOH HOH A . 
C 3 HOH 181 481 1   HOH HOH A . 
C 3 HOH 182 482 2   HOH HOH A . 
C 3 HOH 183 483 3   HOH HOH A . 
C 3 HOH 184 484 1   HOH HOH A . 
C 3 HOH 185 485 2   HOH HOH A . 
C 3 HOH 186 486 3   HOH HOH A . 
C 3 HOH 187 487 4   HOH HOH A . 
C 3 HOH 188 488 5   HOH HOH A . 
C 3 HOH 189 489 6   HOH HOH A . 
C 3 HOH 190 490 7   HOH HOH A . 
C 3 HOH 191 491 8   HOH HOH A . 
C 3 HOH 192 492 9   HOH HOH A . 
C 3 HOH 193 493 10  HOH HOH A . 
C 3 HOH 194 494 11  HOH HOH A . 
C 3 HOH 195 495 12  HOH HOH A . 
C 3 HOH 196 496 13  HOH HOH A . 
C 3 HOH 197 497 14  HOH HOH A . 
C 3 HOH 198 498 15  HOH HOH A . 
C 3 HOH 199 499 18  HOH HOH A . 
C 3 HOH 200 500 19  HOH HOH A . 
C 3 HOH 201 501 20  HOH HOH A . 
C 3 HOH 202 502 21  HOH HOH A . 
C 3 HOH 203 503 22  HOH HOH A . 
C 3 HOH 204 504 23  HOH HOH A . 
C 3 HOH 205 505 24  HOH HOH A . 
C 3 HOH 206 506 25  HOH HOH A . 
C 3 HOH 207 507 26  HOH HOH A . 
C 3 HOH 208 508 27  HOH HOH A . 
C 3 HOH 209 509 28  HOH HOH A . 
C 3 HOH 210 510 29  HOH HOH A . 
C 3 HOH 211 511 30  HOH HOH A . 
C 3 HOH 212 512 31  HOH HOH A . 
C 3 HOH 213 513 32  HOH HOH A . 
C 3 HOH 214 514 33  HOH HOH A . 
C 3 HOH 215 515 34  HOH HOH A . 
C 3 HOH 216 516 36  HOH HOH A . 
C 3 HOH 217 517 37  HOH HOH A . 
C 3 HOH 218 518 38  HOH HOH A . 
C 3 HOH 219 519 39  HOH HOH A . 
C 3 HOH 220 520 40  HOH HOH A . 
C 3 HOH 221 521 41  HOH HOH A . 
C 3 HOH 222 522 1   HOH HOH A . 
# 
loop_
_software.pdbx_ordinal 
_software.name 
_software.version 
_software.date 
_software.type 
_software.contact_author 
_software.contact_author_email 
_software.classification 
_software.location 
_software.language 
_software.citation_id 
1 REFMAC      5.5.0109 ?                program 'Garib N. Murshudov' garib@ysbl.york.ac.uk    refinement        
http://www.ccp4.ac.uk/dist/html/refmac5.html Fortran_77 ? 
2 PDB_EXTRACT 3.11     'April 22, 2011' package PDB                  deposit@deposit.rcsb.org 'data extraction' 
http://sw-tools.pdb.org/apps/PDB_EXTRACT/    C++        ? 
# 
_cell.length_a           112.268 
_cell.length_b           112.268 
_cell.length_c           62.731 
_cell.angle_alpha        90.000 
_cell.angle_beta         90.000 
_cell.angle_gamma        90.000 
_cell.entry_id           4EXO 
_cell.pdbx_unique_axis   ? 
_cell.Z_PDB              16 
_cell.length_a_esd       ? 
_cell.length_b_esd       ? 
_cell.length_c_esd       ? 
_cell.angle_alpha_esd    ? 
_cell.angle_beta_esd     ? 
_cell.angle_gamma_esd    ? 
# 
_symmetry.space_group_name_H-M             'I 4 2 2' 
_symmetry.entry_id                         4EXO 
_symmetry.pdbx_full_space_group_name_H-M   ? 
_symmetry.Int_Tables_number                97 
_symmetry.cell_setting                     ? 
_symmetry.space_group_name_Hall            ? 
# 
_exptl.crystals_number   1 
_exptl.entry_id          4EXO 
_exptl.method            'X-RAY DIFFRACTION' 
# 
_exptl_crystal.id                    1 
_exptl_crystal.density_Matthews      2.97 
_exptl_crystal.density_meas          ? 
_exptl_crystal.density_percent_sol   58.55 
_exptl_crystal.description           'AUTHOR USED THE SF DATA FROM ENTRY 2QHK' 
_exptl_crystal.F_000                 ? 
_exptl_crystal.preparation           ? 
# 
_diffrn.id                     1 
_diffrn.ambient_temp           ? 
_diffrn.ambient_temp_details   ? 
_diffrn.crystal_id             1 
# 
_diffrn_radiation.diffrn_id                        1 
_diffrn_radiation.wavelength_id                    1 
_diffrn_radiation.pdbx_diffrn_protocol             'SINGLE WAVELENGTH' 
_diffrn_radiation.monochromator                    ? 
_diffrn_radiation.pdbx_monochromatic_or_laue_m_l   M 
_diffrn_radiation.pdbx_scattering_type             x-ray 
# 
_diffrn_radiation_wavelength.id           1 
_diffrn_radiation_wavelength.wavelength   0.97940 
_diffrn_radiation_wavelength.wt           1.0 
# 
_diffrn_source.diffrn_id                   1 
_diffrn_source.source                      SYNCHROTRON 
_diffrn_source.type                        'APS BEAMLINE 19-ID' 
_diffrn_source.pdbx_wavelength             ? 
_diffrn_source.pdbx_wavelength_list        0.97940 
_diffrn_source.pdbx_synchrotron_site       APS 
_diffrn_source.pdbx_synchrotron_beamline   19-ID 
# 
_refine.entry_id                                 4EXO 
_refine.ls_d_res_high                            1.90 
_refine.ls_d_res_low                             15.0000 
_refine.pdbx_ls_sigma_F                          0.000 
_refine.pdbx_data_cutoff_high_absF               ? 
_refine.pdbx_data_cutoff_low_absF                ? 
_refine.ls_percent_reflns_obs                    99.4400 
_refine.ls_number_reflns_obs                     15778 
_refine.ls_number_reflns_all                     ? 
_refine.pdbx_ls_cross_valid_method               THROUGHOUT 
_refine.pdbx_R_Free_selection_details            RANDOM 
_refine.details                                  ? 
_refine.ls_R_factor_obs                          0.1588 
_refine.ls_R_factor_R_work                       0.1564 
_refine.ls_wR_factor_R_work                      ? 
_refine.ls_R_factor_R_free                       0.2061 
_refine.ls_wR_factor_R_free                      ? 
_refine.ls_percent_reflns_R_free                 5.0000 
_refine.ls_number_reflns_R_free                  784 
_refine.ls_R_factor_R_free_error                 ? 
_refine.B_iso_mean                               29.1020 
_refine.solvent_model_param_bsol                 ? 
_refine.solvent_model_param_ksol                 ? 
_refine.pdbx_isotropic_thermal_model             ? 
_refine.aniso_B[1][1]                            0.0300 
_refine.aniso_B[2][2]                            0.0300 
_refine.aniso_B[3][3]                            -0.0500 
_refine.aniso_B[1][2]                            0.0000 
_refine.aniso_B[1][3]                            0.0000 
_refine.aniso_B[2][3]                            0.0000 
_refine.correlation_coeff_Fo_to_Fc               0.9660 
_refine.correlation_coeff_Fo_to_Fc_free          0.9310 
_refine.overall_SU_R_Cruickshank_DPI             ? 
_refine.overall_SU_R_free                        ? 
_refine.pdbx_overall_ESU_R                       0.1180 
_refine.pdbx_overall_ESU_R_Free                  0.1230 
_refine.overall_SU_ML                            0.0690 
_refine.overall_SU_B                             2.2930 
_refine.solvent_model_details                    MASK 
_refine.pdbx_solvent_vdw_probe_radii             1.4000 
_refine.pdbx_solvent_ion_probe_radii             0.8000 
_refine.pdbx_solvent_shrinkage_radii             0.8000 
_refine.ls_number_parameters                     ? 
_refine.ls_number_restraints                     ? 
_refine.pdbx_starting_model                      'PDB entry 2QHK' 
_refine.pdbx_method_to_determine_struct          'MOLECULAR REPLACEMENT' 
_refine.pdbx_stereochemistry_target_values       'MAXIMUM LIKELIHOOD' 
_refine.pdbx_stereochem_target_val_spec_case     ? 
_refine.overall_FOM_work_R_set                   ? 
_refine.B_iso_max                                90.110 
_refine.B_iso_min                                15.010 
_refine.pdbx_overall_phase_error                 ? 
_refine.occupancy_max                            1.000 
_refine.occupancy_min                            0.300 
_refine.pdbx_ls_sigma_I                          ? 
_refine.ls_redundancy_reflns_obs                 ? 
_refine.ls_R_factor_R_free_error_details         ? 
_refine.pdbx_data_cutoff_high_rms_absF           ? 
_refine.overall_FOM_free_R_set                   ? 
_refine.ls_R_factor_all                          ? 
_refine.pdbx_diffrn_id                           1 
_refine.pdbx_refine_id                           'X-RAY DIFFRACTION' 
_refine.pdbx_TLS_residual_ADP_flag               ? 
_refine.pdbx_overall_SU_R_free_Cruickshank_DPI   ? 
_refine.pdbx_overall_SU_R_Blow_DPI               ? 
_refine.pdbx_overall_SU_R_free_Blow_DPI          ? 
# 
_refine_hist.pdbx_refine_id                   'X-RAY DIFFRACTION' 
_refine_hist.cycle_id                         LAST 
_refine_hist.pdbx_number_atoms_protein        1160 
_refine_hist.pdbx_number_atoms_nucleic_acid   0 
_refine_hist.pdbx_number_atoms_ligand         6 
_refine_hist.number_atoms_solvent             222 
_refine_hist.number_atoms_total               1388 
_refine_hist.d_res_high                       1.90 
_refine_hist.d_res_low                        15.0000 
# 
loop_
_refine_ls_restr.type 
_refine_ls_restr.number 
_refine_ls_restr.dev_ideal 
_refine_ls_restr.dev_ideal_target 
_refine_ls_restr.weight 
_refine_ls_restr.pdbx_restraint_function 
_refine_ls_restr.pdbx_refine_id 
r_bond_refined_d       1215 0.017  0.022  ? ? 'X-RAY DIFFRACTION' 
r_angle_refined_deg    1642 1.424  1.964  ? ? 'X-RAY DIFFRACTION' 
r_dihedral_angle_1_deg 151  6.159  5.000  ? ? 'X-RAY DIFFRACTION' 
r_dihedral_angle_2_deg 57   36.889 25.263 ? ? 'X-RAY DIFFRACTION' 
r_dihedral_angle_3_deg 218  13.337 15.000 ? ? 'X-RAY DIFFRACTION' 
r_dihedral_angle_4_deg 4    19.737 15.000 ? ? 'X-RAY DIFFRACTION' 
r_chiral_restr         172  0.113  0.200  ? ? 'X-RAY DIFFRACTION' 
r_gen_planes_refined   929  0.007  0.021  ? ? 'X-RAY DIFFRACTION' 
r_mcbond_it            736  0.915  1.500  ? ? 'X-RAY DIFFRACTION' 
r_mcangle_it           1175 1.680  2.000  ? ? 'X-RAY DIFFRACTION' 
r_scbond_it            479  2.491  3.000  ? ? 'X-RAY DIFFRACTION' 
r_scangle_it           466  4.113  4.500  ? ? 'X-RAY DIFFRACTION' 
# 
_refine_ls_shell.d_res_high                       1.90 
_refine_ls_shell.d_res_low                        1.9570 
_refine_ls_shell.pdbx_total_number_of_bins_used   20 
_refine_ls_shell.percent_reflns_obs               93.1800 
_refine_ls_shell.number_reflns_R_work             1010 
_refine_ls_shell.R_factor_all                     ? 
_refine_ls_shell.R_factor_R_work                  0.1900 
_refine_ls_shell.R_factor_R_free                  0.2440 
_refine_ls_shell.percent_reflns_R_free            ? 
_refine_ls_shell.number_reflns_R_free             56 
_refine_ls_shell.R_factor_R_free_error            ? 
_refine_ls_shell.number_reflns_all                1066 
_refine_ls_shell.number_reflns_obs                ? 
_refine_ls_shell.redundancy_reflns_obs            ? 
_refine_ls_shell.pdbx_refine_id                   'X-RAY DIFFRACTION' 
# 
_struct.entry_id                  4EXO 
_struct.title                     'Revised, rerefined crystal structure of PDB entry 2QHK, methyl accepting chemotaxis protein' 
_struct.pdbx_model_details        ? 
_struct.pdbx_CASP_flag            ? 
_struct.pdbx_model_type_details   ? 
# 
_struct_keywords.entry_id        4EXO 
_struct_keywords.pdbx_keywords   'SIGNALING PROTEIN' 
_struct_keywords.text            
'signaling protein, chemotaxis receptor, PAS domain, four helix bundle, methyl accepting chemotaxis receptor, periplasmic domain' 
# 
loop_
_struct_asym.id 
_struct_asym.pdbx_blank_PDB_chainid_flag 
_struct_asym.pdbx_modified 
_struct_asym.entity_id 
_struct_asym.details 
A N N 1 ? 
B N N 2 ? 
C N N 3 ? 
# 
_struct_ref.id                         1 
_struct_ref.db_name                    UNP 
_struct_ref.db_code                    Q87T87_VIBPA 
_struct_ref.pdbx_db_accession          Q87T87 
_struct_ref.entity_id                  1 
_struct_ref.pdbx_seq_one_letter_code   
;AELVRDRQELIDARKKELKAYMMMGVTAIKPLYDSDVNGSNKQAAKEILKAMRFESDGYFFAYDSQGINTLHAIKPSLEG
KNLYDLKDENGVAVIAGLIDASQKGDGFLYFSWHKPTINAQAPKLGYAEYLQKWDWVLGTGIYIDD
;
_struct_ref.pdbx_align_begin           38 
_struct_ref.pdbx_db_isoform            ? 
# 
_struct_ref_seq.align_id                      1 
_struct_ref_seq.ref_id                        1 
_struct_ref_seq.pdbx_PDB_id_code              4EXO 
_struct_ref_seq.pdbx_strand_id                A 
_struct_ref_seq.seq_align_beg                 1 
_struct_ref_seq.pdbx_seq_align_beg_ins_code   ? 
_struct_ref_seq.seq_align_end                 146 
_struct_ref_seq.pdbx_seq_align_end_ins_code   ? 
_struct_ref_seq.pdbx_db_accession             Q87T87 
_struct_ref_seq.db_align_beg                  38 
_struct_ref_seq.pdbx_db_align_beg_ins_code    ? 
_struct_ref_seq.db_align_end                  183 
_struct_ref_seq.pdbx_db_align_end_ins_code    ? 
_struct_ref_seq.pdbx_auth_seq_align_beg       8 
_struct_ref_seq.pdbx_auth_seq_align_end       153 
# 
_pdbx_struct_assembly.id                   1 
_pdbx_struct_assembly.details              author_and_software_defined_assembly 
_pdbx_struct_assembly.method_details       PISA 
_pdbx_struct_assembly.oligomeric_details   dimeric 
_pdbx_struct_assembly.oligomeric_count     2 
# 
loop_
_pdbx_struct_assembly_prop.biol_id 
_pdbx_struct_assembly_prop.type 
_pdbx_struct_assembly_prop.value 
_pdbx_struct_assembly_prop.details 
1 'ABSA (A^2)' 1920  ? 
1 MORE         -10   ? 
1 'SSA (A^2)'  14250 ? 
# 
_pdbx_struct_assembly_gen.assembly_id       1 
_pdbx_struct_assembly_gen.oper_expression   1,2 
_pdbx_struct_assembly_gen.asym_id_list      A,B,C 
# 
loop_
_pdbx_struct_oper_list.id 
_pdbx_struct_oper_list.type 
_pdbx_struct_oper_list.name 
_pdbx_struct_oper_list.symmetry_operation 
_pdbx_struct_oper_list.matrix[1][1] 
_pdbx_struct_oper_list.matrix[1][2] 
_pdbx_struct_oper_list.matrix[1][3] 
_pdbx_struct_oper_list.vector[1] 
_pdbx_struct_oper_list.matrix[2][1] 
_pdbx_struct_oper_list.matrix[2][2] 
_pdbx_struct_oper_list.matrix[2][3] 
_pdbx_struct_oper_list.vector[2] 
_pdbx_struct_oper_list.matrix[3][1] 
_pdbx_struct_oper_list.matrix[3][2] 
_pdbx_struct_oper_list.matrix[3][3] 
_pdbx_struct_oper_list.vector[3] 
1 'identity operation'         1_555  x,y,z                1.0000000000 0.0000000000 0.0000000000  0.0000000000  0.0000000000 1.0000000000  0.0000000000  0.0000000000   0.0000000000  0.0000000000  1.0000000000  0.0000000000  
2 'crystal symmetry operation' 16_555 -y+1/2,-x+1/2,-z+1/2 0.1896586181 0.9811839549 -0.0361615161 14.8660912366 0.9811839549 -0.1907578034 -0.0298246058 -17.5418978457 -0.0361615161 -0.0298246058 -0.9989008147 13.1008017500 
# 
_struct_biol.id        1 
_struct_biol.details   ? 
# 
loop_
_struct_conf.conf_type_id 
_struct_conf.id 
_struct_conf.pdbx_PDB_helix_id 
_struct_conf.beg_label_comp_id 
_struct_conf.beg_label_asym_id 
_struct_conf.beg_label_seq_id 
_struct_conf.pdbx_beg_PDB_ins_code 
_struct_conf.end_label_comp_id 
_struct_conf.end_label_asym_id 
_struct_conf.end_label_seq_id 
_struct_conf.pdbx_end_PDB_ins_code 
_struct_conf.beg_auth_comp_id 
_struct_conf.beg_auth_asym_id 
_struct_conf.beg_auth_seq_id 
_struct_conf.end_auth_comp_id 
_struct_conf.end_auth_asym_id 
_struct_conf.end_auth_seq_id 
_struct_conf.pdbx_PDB_helix_class 
_struct_conf.details 
_struct_conf.pdbx_PDB_helix_length 
HELX_P HELX_P1 1 ALA A 1   ? ILE A 29  ? ALA A 8   ILE A 36  1 ? 29 
HELX_P HELX_P2 2 ILE A 29  ? SER A 35  ? ILE A 36  SER A 42  1 ? 7  
HELX_P HELX_P3 3 ASN A 41  ? MSE A 52  ? ASN A 48  MSE A 59  1 ? 12 
HELX_P HELX_P4 4 LYS A 75  ? GLU A 79  ? LYS A 82  GLU A 86  5 ? 5  
HELX_P HELX_P5 5 ALA A 93  ? GLY A 105 ? ALA A 100 GLY A 112 1 ? 13 
HELX_P HELX_P6 6 PRO A 116 ? ASN A 119 ? PRO A 123 ASN A 126 5 ? 4  
HELX_P HELX_P7 7 GLN A 132 ? ASP A 135 ? GLN A 139 ASP A 142 5 ? 4  
# 
_struct_conf_type.id          HELX_P 
_struct_conf_type.criteria    ? 
_struct_conf_type.reference   ? 
# 
loop_
_struct_conn.id 
_struct_conn.conn_type_id 
_struct_conn.pdbx_leaving_atom_flag 
_struct_conn.pdbx_PDB_id 
_struct_conn.ptnr1_label_asym_id 
_struct_conn.ptnr1_label_comp_id 
_struct_conn.ptnr1_label_seq_id 
_struct_conn.ptnr1_label_atom_id 
_struct_conn.pdbx_ptnr1_label_alt_id 
_struct_conn.pdbx_ptnr1_PDB_ins_code 
_struct_conn.pdbx_ptnr1_standard_comp_id 
_struct_conn.ptnr1_symmetry 
_struct_conn.ptnr2_label_asym_id 
_struct_conn.ptnr2_label_comp_id 
_struct_conn.ptnr2_label_seq_id 
_struct_conn.ptnr2_label_atom_id 
_struct_conn.pdbx_ptnr2_label_alt_id 
_struct_conn.pdbx_ptnr2_PDB_ins_code 
_struct_conn.ptnr1_auth_asym_id 
_struct_conn.ptnr1_auth_comp_id 
_struct_conn.ptnr1_auth_seq_id 
_struct_conn.ptnr2_auth_asym_id 
_struct_conn.ptnr2_auth_comp_id 
_struct_conn.ptnr2_auth_seq_id 
_struct_conn.ptnr2_symmetry 
_struct_conn.pdbx_ptnr3_label_atom_id 
_struct_conn.pdbx_ptnr3_label_seq_id 
_struct_conn.pdbx_ptnr3_label_comp_id 
_struct_conn.pdbx_ptnr3_label_asym_id 
_struct_conn.pdbx_ptnr3_label_alt_id 
_struct_conn.pdbx_ptnr3_PDB_ins_code 
_struct_conn.details 
_struct_conn.pdbx_dist_value 
_struct_conn.pdbx_value_order 
_struct_conn.pdbx_role 
covale1 covale both ? A TYR 21 C ? ? ? 1_555 A MSE 22 N ? ? A TYR 28 A MSE 29 1_555 ? ? ? ? ? ? ? 1.349 ? ? 
covale2 covale both ? A MSE 22 C ? ? ? 1_555 A MSE 23 N ? ? A MSE 29 A MSE 30 1_555 ? ? ? ? ? ? ? 1.330 ? ? 
covale3 covale both ? A MSE 23 C ? ? ? 1_555 A MSE 24 N A ? A MSE 30 A MSE 31 1_555 ? ? ? ? ? ? ? 1.329 ? ? 
covale4 covale both ? A MSE 23 C ? ? ? 1_555 A MSE 24 N B ? A MSE 30 A MSE 31 1_555 ? ? ? ? ? ? ? 1.329 ? ? 
covale5 covale both ? A MSE 24 C A ? ? 1_555 A GLY 25 N ? ? A MSE 31 A GLY 32 1_555 ? ? ? ? ? ? ? 1.331 ? ? 
covale6 covale both ? A MSE 24 C B ? ? 1_555 A GLY 25 N ? ? A MSE 31 A GLY 32 1_555 ? ? ? ? ? ? ? 1.333 ? ? 
covale7 covale both ? A ALA 51 C ? ? ? 1_555 A MSE 52 N ? ? A ALA 58 A MSE 59 1_555 ? ? ? ? ? ? ? 1.340 ? ? 
covale8 covale both ? A MSE 52 C ? ? ? 1_555 A ARG 53 N ? ? A MSE 59 A ARG 60 1_555 ? ? ? ? ? ? ? 1.334 ? ? 
# 
_struct_conn_type.id          covale 
_struct_conn_type.criteria    ? 
_struct_conn_type.reference   ? 
# 
loop_
_pdbx_modification_feature.ordinal 
_pdbx_modification_feature.label_comp_id 
_pdbx_modification_feature.label_asym_id 
_pdbx_modification_feature.label_seq_id 
_pdbx_modification_feature.label_alt_id 
_pdbx_modification_feature.modified_residue_label_comp_id 
_pdbx_modification_feature.modified_residue_label_asym_id 
_pdbx_modification_feature.modified_residue_label_seq_id 
_pdbx_modification_feature.modified_residue_label_alt_id 
_pdbx_modification_feature.auth_comp_id 
_pdbx_modification_feature.auth_asym_id 
_pdbx_modification_feature.auth_seq_id 
_pdbx_modification_feature.PDB_ins_code 
_pdbx_modification_feature.symmetry 
_pdbx_modification_feature.modified_residue_auth_comp_id 
_pdbx_modification_feature.modified_residue_auth_asym_id 
_pdbx_modification_feature.modified_residue_auth_seq_id 
_pdbx_modification_feature.modified_residue_PDB_ins_code 
_pdbx_modification_feature.modified_residue_symmetry 
_pdbx_modification_feature.comp_id_linking_atom 
_pdbx_modification_feature.modified_residue_id_linking_atom 
_pdbx_modification_feature.modified_residue_id 
_pdbx_modification_feature.ref_pcm_id 
_pdbx_modification_feature.ref_comp_id 
_pdbx_modification_feature.type 
_pdbx_modification_feature.category 
1 MSE A 22 ? . . . . MSE A 29 ? 1_555 . . . . . . . MET 1 MSE Selenomethionine 'Named protein modification' 
2 MSE A 23 ? . . . . MSE A 30 ? 1_555 . . . . . . . MET 1 MSE Selenomethionine 'Named protein modification' 
3 MSE A 24 A . . . . MSE A 31 ? 1_555 . . . . . . . MET 1 MSE Selenomethionine 'Named protein modification' 
4 MSE A 24 B . . . . MSE A 31 ? 1_555 . . . . . . . MET 1 MSE Selenomethionine 'Named protein modification' 
5 MSE A 52 ? . . . . MSE A 59 ? 1_555 . . . . . . . MET 1 MSE Selenomethionine 'Named protein modification' 
# 
_struct_sheet.id               A 
_struct_sheet.type             ? 
_struct_sheet.number_strands   5 
_struct_sheet.details          ? 
# 
loop_
_struct_sheet_order.sheet_id 
_struct_sheet_order.range_id_1 
_struct_sheet_order.range_id_2 
_struct_sheet_order.offset 
_struct_sheet_order.sense 
A 1 2 ? anti-parallel 
A 2 3 ? anti-parallel 
A 3 4 ? anti-parallel 
A 4 5 ? anti-parallel 
# 
loop_
_struct_sheet_range.sheet_id 
_struct_sheet_range.id 
_struct_sheet_range.beg_label_comp_id 
_struct_sheet_range.beg_label_asym_id 
_struct_sheet_range.beg_label_seq_id 
_struct_sheet_range.pdbx_beg_PDB_ins_code 
_struct_sheet_range.end_label_comp_id 
_struct_sheet_range.end_label_asym_id 
_struct_sheet_range.end_label_seq_id 
_struct_sheet_range.pdbx_end_PDB_ins_code 
_struct_sheet_range.beg_auth_comp_id 
_struct_sheet_range.beg_auth_asym_id 
_struct_sheet_range.beg_auth_seq_id 
_struct_sheet_range.end_auth_comp_id 
_struct_sheet_range.end_auth_asym_id 
_struct_sheet_range.end_auth_seq_id 
A 1 ASN A 69  ? HIS A 72  ? ASN A 76  HIS A 79  
A 2 PHE A 61  ? TYR A 63  ? PHE A 68  TYR A 70  
A 3 TRP A 136 ? TYR A 143 ? TRP A 143 TYR A 150 
A 4 GLN A 121 ? LEU A 131 ? GLN A 128 LEU A 138 
A 5 PHE A 108 ? HIS A 114 ? PHE A 115 HIS A 121 
# 
loop_
_pdbx_struct_sheet_hbond.sheet_id 
_pdbx_struct_sheet_hbond.range_id_1 
_pdbx_struct_sheet_hbond.range_id_2 
_pdbx_struct_sheet_hbond.range_1_label_atom_id 
_pdbx_struct_sheet_hbond.range_1_label_comp_id 
_pdbx_struct_sheet_hbond.range_1_label_asym_id 
_pdbx_struct_sheet_hbond.range_1_label_seq_id 
_pdbx_struct_sheet_hbond.range_1_PDB_ins_code 
_pdbx_struct_sheet_hbond.range_1_auth_atom_id 
_pdbx_struct_sheet_hbond.range_1_auth_comp_id 
_pdbx_struct_sheet_hbond.range_1_auth_asym_id 
_pdbx_struct_sheet_hbond.range_1_auth_seq_id 
_pdbx_struct_sheet_hbond.range_2_label_atom_id 
_pdbx_struct_sheet_hbond.range_2_label_comp_id 
_pdbx_struct_sheet_hbond.range_2_label_asym_id 
_pdbx_struct_sheet_hbond.range_2_label_seq_id 
_pdbx_struct_sheet_hbond.range_2_PDB_ins_code 
_pdbx_struct_sheet_hbond.range_2_auth_atom_id 
_pdbx_struct_sheet_hbond.range_2_auth_comp_id 
_pdbx_struct_sheet_hbond.range_2_auth_asym_id 
_pdbx_struct_sheet_hbond.range_2_auth_seq_id 
A 1 2 O THR A 70  ? O THR A 77  N ALA A 62  ? N ALA A 69  
A 2 3 N TYR A 63  ? N TYR A 70  O VAL A 137 ? O VAL A 144 
A 3 4 O TRP A 136 ? O TRP A 143 N LEU A 131 ? N LEU A 138 
A 4 5 O LYS A 124 ? O LYS A 131 N PHE A 111 ? N PHE A 118 
# 
_struct_site.id                   AC1 
_struct_site.pdbx_evidence_code   Software 
_struct_site.pdbx_auth_asym_id    A 
_struct_site.pdbx_auth_comp_id    PYR 
_struct_site.pdbx_auth_seq_id     201 
_struct_site.pdbx_auth_ins_code   ? 
_struct_site.pdbx_num_residues    7 
_struct_site.details              'BINDING SITE FOR RESIDUE PYR A 201' 
# 
loop_
_struct_site_gen.id 
_struct_site_gen.site_id 
_struct_site_gen.pdbx_num_res 
_struct_site_gen.label_comp_id 
_struct_site_gen.label_asym_id 
_struct_site_gen.label_seq_id 
_struct_site_gen.pdbx_auth_ins_code 
_struct_site_gen.auth_comp_id 
_struct_site_gen.auth_asym_id 
_struct_site_gen.auth_seq_id 
_struct_site_gen.label_atom_id 
_struct_site_gen.label_alt_id 
_struct_site_gen.symmetry 
_struct_site_gen.details 
1 AC1 7 TYR A 59  ? TYR A 66  . ? 1_555 ? 
2 AC1 7 PHE A 61  ? PHE A 68  . ? 1_555 ? 
3 AC1 7 TYR A 63  ? TYR A 70  . ? 1_555 ? 
4 AC1 7 HIS A 72  ? HIS A 79  . ? 1_555 ? 
5 AC1 7 PHE A 111 ? PHE A 118 . ? 1_555 ? 
6 AC1 7 TRP A 113 ? TRP A 120 . ? 1_555 ? 
7 AC1 7 LYS A 124 ? LYS A 131 . ? 1_555 ? 
# 
_pdbx_entry_details.entry_id                   4EXO 
_pdbx_entry_details.compound_details           ? 
_pdbx_entry_details.source_details             ? 
_pdbx_entry_details.nonpolymer_details         ? 
_pdbx_entry_details.sequence_details           ? 
_pdbx_entry_details.has_ligand_of_interest     ? 
_pdbx_entry_details.has_protein_modification   Y 
# 
loop_
_pdbx_validate_close_contact.id 
_pdbx_validate_close_contact.PDB_model_num 
_pdbx_validate_close_contact.auth_atom_id_1 
_pdbx_validate_close_contact.auth_asym_id_1 
_pdbx_validate_close_contact.auth_comp_id_1 
_pdbx_validate_close_contact.auth_seq_id_1 
_pdbx_validate_close_contact.PDB_ins_code_1 
_pdbx_validate_close_contact.label_alt_id_1 
_pdbx_validate_close_contact.auth_atom_id_2 
_pdbx_validate_close_contact.auth_asym_id_2 
_pdbx_validate_close_contact.auth_comp_id_2 
_pdbx_validate_close_contact.auth_seq_id_2 
_pdbx_validate_close_contact.PDB_ins_code_2 
_pdbx_validate_close_contact.label_alt_id_2 
_pdbx_validate_close_contact.dist 
1 1 O A HOH 390 ? ? O A HOH 474 ? ? 2.02 
2 1 O A HOH 381 ? ? O A HOH 500 ? ? 2.06 
3 1 O A HOH 480 ? ? O A HOH 482 ? ? 2.08 
4 1 O A HOH 335 ? ? O A HOH 475 ? ? 2.15 
5 1 O A HOH 366 ? ? O A HOH 497 ? ? 2.19 
# 
loop_
_pdbx_struct_mod_residue.id 
_pdbx_struct_mod_residue.label_asym_id 
_pdbx_struct_mod_residue.label_comp_id 
_pdbx_struct_mod_residue.label_seq_id 
_pdbx_struct_mod_residue.auth_asym_id 
_pdbx_struct_mod_residue.auth_comp_id 
_pdbx_struct_mod_residue.auth_seq_id 
_pdbx_struct_mod_residue.PDB_ins_code 
_pdbx_struct_mod_residue.parent_comp_id 
_pdbx_struct_mod_residue.details 
1 A MSE 22 A MSE 29 ? MET SELENOMETHIONINE 
2 A MSE 23 A MSE 30 ? MET SELENOMETHIONINE 
3 A MSE 24 A MSE 31 ? MET SELENOMETHIONINE 
4 A MSE 52 A MSE 59 ? MET SELENOMETHIONINE 
# 
_pdbx_struct_special_symmetry.id              1 
_pdbx_struct_special_symmetry.PDB_model_num   1 
_pdbx_struct_special_symmetry.auth_asym_id    A 
_pdbx_struct_special_symmetry.auth_comp_id    HOH 
_pdbx_struct_special_symmetry.auth_seq_id     339 
_pdbx_struct_special_symmetry.PDB_ins_code    ? 
_pdbx_struct_special_symmetry.label_asym_id   C 
_pdbx_struct_special_symmetry.label_comp_id   HOH 
_pdbx_struct_special_symmetry.label_seq_id    . 
# 
_pdbx_database_remark.id     0 
_pdbx_database_remark.text   
;THIS ENTRY 4EXO REFLECTS AN ALTERNATIVE MODELING OF THE
STRUCTURAL DATA IN R2QHKSF ORIGINAL DATA DETERMINED BY
AUTHOR:ZHANG, R., LI, H., CLANCY, S., JOACHIMIAK, A., 
MIDWEST CENTER FOR STRUCTURAL GENOMICS (MCSG)
;
# 
loop_
_chem_comp_atom.comp_id 
_chem_comp_atom.atom_id 
_chem_comp_atom.type_symbol 
_chem_comp_atom.pdbx_aromatic_flag 
_chem_comp_atom.pdbx_stereo_config 
_chem_comp_atom.pdbx_ordinal 
ALA N    N  N N 1   
ALA CA   C  N S 2   
ALA C    C  N N 3   
ALA O    O  N N 4   
ALA CB   C  N N 5   
ALA OXT  O  N N 6   
ALA H    H  N N 7   
ALA H2   H  N N 8   
ALA HA   H  N N 9   
ALA HB1  H  N N 10  
ALA HB2  H  N N 11  
ALA HB3  H  N N 12  
ALA HXT  H  N N 13  
ARG N    N  N N 14  
ARG CA   C  N S 15  
ARG C    C  N N 16  
ARG O    O  N N 17  
ARG CB   C  N N 18  
ARG CG   C  N N 19  
ARG CD   C  N N 20  
ARG NE   N  N N 21  
ARG CZ   C  N N 22  
ARG NH1  N  N N 23  
ARG NH2  N  N N 24  
ARG OXT  O  N N 25  
ARG H    H  N N 26  
ARG H2   H  N N 27  
ARG HA   H  N N 28  
ARG HB2  H  N N 29  
ARG HB3  H  N N 30  
ARG HG2  H  N N 31  
ARG HG3  H  N N 32  
ARG HD2  H  N N 33  
ARG HD3  H  N N 34  
ARG HE   H  N N 35  
ARG HH11 H  N N 36  
ARG HH12 H  N N 37  
ARG HH21 H  N N 38  
ARG HH22 H  N N 39  
ARG HXT  H  N N 40  
ASN N    N  N N 41  
ASN CA   C  N S 42  
ASN C    C  N N 43  
ASN O    O  N N 44  
ASN CB   C  N N 45  
ASN CG   C  N N 46  
ASN OD1  O  N N 47  
ASN ND2  N  N N 48  
ASN OXT  O  N N 49  
ASN H    H  N N 50  
ASN H2   H  N N 51  
ASN HA   H  N N 52  
ASN HB2  H  N N 53  
ASN HB3  H  N N 54  
ASN HD21 H  N N 55  
ASN HD22 H  N N 56  
ASN HXT  H  N N 57  
ASP N    N  N N 58  
ASP CA   C  N S 59  
ASP C    C  N N 60  
ASP O    O  N N 61  
ASP CB   C  N N 62  
ASP CG   C  N N 63  
ASP OD1  O  N N 64  
ASP OD2  O  N N 65  
ASP OXT  O  N N 66  
ASP H    H  N N 67  
ASP H2   H  N N 68  
ASP HA   H  N N 69  
ASP HB2  H  N N 70  
ASP HB3  H  N N 71  
ASP HD2  H  N N 72  
ASP HXT  H  N N 73  
GLN N    N  N N 74  
GLN CA   C  N S 75  
GLN C    C  N N 76  
GLN O    O  N N 77  
GLN CB   C  N N 78  
GLN CG   C  N N 79  
GLN CD   C  N N 80  
GLN OE1  O  N N 81  
GLN NE2  N  N N 82  
GLN OXT  O  N N 83  
GLN H    H  N N 84  
GLN H2   H  N N 85  
GLN HA   H  N N 86  
GLN HB2  H  N N 87  
GLN HB3  H  N N 88  
GLN HG2  H  N N 89  
GLN HG3  H  N N 90  
GLN HE21 H  N N 91  
GLN HE22 H  N N 92  
GLN HXT  H  N N 93  
GLU N    N  N N 94  
GLU CA   C  N S 95  
GLU C    C  N N 96  
GLU O    O  N N 97  
GLU CB   C  N N 98  
GLU CG   C  N N 99  
GLU CD   C  N N 100 
GLU OE1  O  N N 101 
GLU OE2  O  N N 102 
GLU OXT  O  N N 103 
GLU H    H  N N 104 
GLU H2   H  N N 105 
GLU HA   H  N N 106 
GLU HB2  H  N N 107 
GLU HB3  H  N N 108 
GLU HG2  H  N N 109 
GLU HG3  H  N N 110 
GLU HE2  H  N N 111 
GLU HXT  H  N N 112 
GLY N    N  N N 113 
GLY CA   C  N N 114 
GLY C    C  N N 115 
GLY O    O  N N 116 
GLY OXT  O  N N 117 
GLY H    H  N N 118 
GLY H2   H  N N 119 
GLY HA2  H  N N 120 
GLY HA3  H  N N 121 
GLY HXT  H  N N 122 
HIS N    N  N N 123 
HIS CA   C  N S 124 
HIS C    C  N N 125 
HIS O    O  N N 126 
HIS CB   C  N N 127 
HIS CG   C  Y N 128 
HIS ND1  N  Y N 129 
HIS CD2  C  Y N 130 
HIS CE1  C  Y N 131 
HIS NE2  N  Y N 132 
HIS OXT  O  N N 133 
HIS H    H  N N 134 
HIS H2   H  N N 135 
HIS HA   H  N N 136 
HIS HB2  H  N N 137 
HIS HB3  H  N N 138 
HIS HD1  H  N N 139 
HIS HD2  H  N N 140 
HIS HE1  H  N N 141 
HIS HE2  H  N N 142 
HIS HXT  H  N N 143 
HOH O    O  N N 144 
HOH H1   H  N N 145 
HOH H2   H  N N 146 
ILE N    N  N N 147 
ILE CA   C  N S 148 
ILE C    C  N N 149 
ILE O    O  N N 150 
ILE CB   C  N S 151 
ILE CG1  C  N N 152 
ILE CG2  C  N N 153 
ILE CD1  C  N N 154 
ILE OXT  O  N N 155 
ILE H    H  N N 156 
ILE H2   H  N N 157 
ILE HA   H  N N 158 
ILE HB   H  N N 159 
ILE HG12 H  N N 160 
ILE HG13 H  N N 161 
ILE HG21 H  N N 162 
ILE HG22 H  N N 163 
ILE HG23 H  N N 164 
ILE HD11 H  N N 165 
ILE HD12 H  N N 166 
ILE HD13 H  N N 167 
ILE HXT  H  N N 168 
LEU N    N  N N 169 
LEU CA   C  N S 170 
LEU C    C  N N 171 
LEU O    O  N N 172 
LEU CB   C  N N 173 
LEU CG   C  N N 174 
LEU CD1  C  N N 175 
LEU CD2  C  N N 176 
LEU OXT  O  N N 177 
LEU H    H  N N 178 
LEU H2   H  N N 179 
LEU HA   H  N N 180 
LEU HB2  H  N N 181 
LEU HB3  H  N N 182 
LEU HG   H  N N 183 
LEU HD11 H  N N 184 
LEU HD12 H  N N 185 
LEU HD13 H  N N 186 
LEU HD21 H  N N 187 
LEU HD22 H  N N 188 
LEU HD23 H  N N 189 
LEU HXT  H  N N 190 
LYS N    N  N N 191 
LYS CA   C  N S 192 
LYS C    C  N N 193 
LYS O    O  N N 194 
LYS CB   C  N N 195 
LYS CG   C  N N 196 
LYS CD   C  N N 197 
LYS CE   C  N N 198 
LYS NZ   N  N N 199 
LYS OXT  O  N N 200 
LYS H    H  N N 201 
LYS H2   H  N N 202 
LYS HA   H  N N 203 
LYS HB2  H  N N 204 
LYS HB3  H  N N 205 
LYS HG2  H  N N 206 
LYS HG3  H  N N 207 
LYS HD2  H  N N 208 
LYS HD3  H  N N 209 
LYS HE2  H  N N 210 
LYS HE3  H  N N 211 
LYS HZ1  H  N N 212 
LYS HZ2  H  N N 213 
LYS HZ3  H  N N 214 
LYS HXT  H  N N 215 
MSE N    N  N N 216 
MSE CA   C  N S 217 
MSE C    C  N N 218 
MSE O    O  N N 219 
MSE OXT  O  N N 220 
MSE CB   C  N N 221 
MSE CG   C  N N 222 
MSE SE   SE N N 223 
MSE CE   C  N N 224 
MSE H    H  N N 225 
MSE H2   H  N N 226 
MSE HA   H  N N 227 
MSE HXT  H  N N 228 
MSE HB2  H  N N 229 
MSE HB3  H  N N 230 
MSE HG2  H  N N 231 
MSE HG3  H  N N 232 
MSE HE1  H  N N 233 
MSE HE2  H  N N 234 
MSE HE3  H  N N 235 
PHE N    N  N N 236 
PHE CA   C  N S 237 
PHE C    C  N N 238 
PHE O    O  N N 239 
PHE CB   C  N N 240 
PHE CG   C  Y N 241 
PHE CD1  C  Y N 242 
PHE CD2  C  Y N 243 
PHE CE1  C  Y N 244 
PHE CE2  C  Y N 245 
PHE CZ   C  Y N 246 
PHE OXT  O  N N 247 
PHE H    H  N N 248 
PHE H2   H  N N 249 
PHE HA   H  N N 250 
PHE HB2  H  N N 251 
PHE HB3  H  N N 252 
PHE HD1  H  N N 253 
PHE HD2  H  N N 254 
PHE HE1  H  N N 255 
PHE HE2  H  N N 256 
PHE HZ   H  N N 257 
PHE HXT  H  N N 258 
PRO N    N  N N 259 
PRO CA   C  N S 260 
PRO C    C  N N 261 
PRO O    O  N N 262 
PRO CB   C  N N 263 
PRO CG   C  N N 264 
PRO CD   C  N N 265 
PRO OXT  O  N N 266 
PRO H    H  N N 267 
PRO HA   H  N N 268 
PRO HB2  H  N N 269 
PRO HB3  H  N N 270 
PRO HG2  H  N N 271 
PRO HG3  H  N N 272 
PRO HD2  H  N N 273 
PRO HD3  H  N N 274 
PRO HXT  H  N N 275 
PYR C    C  N N 276 
PYR O    O  N N 277 
PYR OXT  O  N N 278 
PYR CA   C  N N 279 
PYR O3   O  N N 280 
PYR CB   C  N N 281 
PYR HXT  H  N N 282 
PYR HB1  H  N N 283 
PYR HB2  H  N N 284 
PYR HB3  H  N N 285 
SER N    N  N N 286 
SER CA   C  N S 287 
SER C    C  N N 288 
SER O    O  N N 289 
SER CB   C  N N 290 
SER OG   O  N N 291 
SER OXT  O  N N 292 
SER H    H  N N 293 
SER H2   H  N N 294 
SER HA   H  N N 295 
SER HB2  H  N N 296 
SER HB3  H  N N 297 
SER HG   H  N N 298 
SER HXT  H  N N 299 
THR N    N  N N 300 
THR CA   C  N S 301 
THR C    C  N N 302 
THR O    O  N N 303 
THR CB   C  N R 304 
THR OG1  O  N N 305 
THR CG2  C  N N 306 
THR OXT  O  N N 307 
THR H    H  N N 308 
THR H2   H  N N 309 
THR HA   H  N N 310 
THR HB   H  N N 311 
THR HG1  H  N N 312 
THR HG21 H  N N 313 
THR HG22 H  N N 314 
THR HG23 H  N N 315 
THR HXT  H  N N 316 
TRP N    N  N N 317 
TRP CA   C  N S 318 
TRP C    C  N N 319 
TRP O    O  N N 320 
TRP CB   C  N N 321 
TRP CG   C  Y N 322 
TRP CD1  C  Y N 323 
TRP CD2  C  Y N 324 
TRP NE1  N  Y N 325 
TRP CE2  C  Y N 326 
TRP CE3  C  Y N 327 
TRP CZ2  C  Y N 328 
TRP CZ3  C  Y N 329 
TRP CH2  C  Y N 330 
TRP OXT  O  N N 331 
TRP H    H  N N 332 
TRP H2   H  N N 333 
TRP HA   H  N N 334 
TRP HB2  H  N N 335 
TRP HB3  H  N N 336 
TRP HD1  H  N N 337 
TRP HE1  H  N N 338 
TRP HE3  H  N N 339 
TRP HZ2  H  N N 340 
TRP HZ3  H  N N 341 
TRP HH2  H  N N 342 
TRP HXT  H  N N 343 
TYR N    N  N N 344 
TYR CA   C  N S 345 
TYR C    C  N N 346 
TYR O    O  N N 347 
TYR CB   C  N N 348 
TYR CG   C  Y N 349 
TYR CD1  C  Y N 350 
TYR CD2  C  Y N 351 
TYR CE1  C  Y N 352 
TYR CE2  C  Y N 353 
TYR CZ   C  Y N 354 
TYR OH   O  N N 355 
TYR OXT  O  N N 356 
TYR H    H  N N 357 
TYR H2   H  N N 358 
TYR HA   H  N N 359 
TYR HB2  H  N N 360 
TYR HB3  H  N N 361 
TYR HD1  H  N N 362 
TYR HD2  H  N N 363 
TYR HE1  H  N N 364 
TYR HE2  H  N N 365 
TYR HH   H  N N 366 
TYR HXT  H  N N 367 
VAL N    N  N N 368 
VAL CA   C  N S 369 
VAL C    C  N N 370 
VAL O    O  N N 371 
VAL CB   C  N N 372 
VAL CG1  C  N N 373 
VAL CG2  C  N N 374 
VAL OXT  O  N N 375 
VAL H    H  N N 376 
VAL H2   H  N N 377 
VAL HA   H  N N 378 
VAL HB   H  N N 379 
VAL HG11 H  N N 380 
VAL HG12 H  N N 381 
VAL HG13 H  N N 382 
VAL HG21 H  N N 383 
VAL HG22 H  N N 384 
VAL HG23 H  N N 385 
VAL HXT  H  N N 386 
# 
loop_
_chem_comp_bond.comp_id 
_chem_comp_bond.atom_id_1 
_chem_comp_bond.atom_id_2 
_chem_comp_bond.value_order 
_chem_comp_bond.pdbx_aromatic_flag 
_chem_comp_bond.pdbx_stereo_config 
_chem_comp_bond.pdbx_ordinal 
ALA N   CA   sing N N 1   
ALA N   H    sing N N 2   
ALA N   H2   sing N N 3   
ALA CA  C    sing N N 4   
ALA CA  CB   sing N N 5   
ALA CA  HA   sing N N 6   
ALA C   O    doub N N 7   
ALA C   OXT  sing N N 8   
ALA CB  HB1  sing N N 9   
ALA CB  HB2  sing N N 10  
ALA CB  HB3  sing N N 11  
ALA OXT HXT  sing N N 12  
ARG N   CA   sing N N 13  
ARG N   H    sing N N 14  
ARG N   H2   sing N N 15  
ARG CA  C    sing N N 16  
ARG CA  CB   sing N N 17  
ARG CA  HA   sing N N 18  
ARG C   O    doub N N 19  
ARG C   OXT  sing N N 20  
ARG CB  CG   sing N N 21  
ARG CB  HB2  sing N N 22  
ARG CB  HB3  sing N N 23  
ARG CG  CD   sing N N 24  
ARG CG  HG2  sing N N 25  
ARG CG  HG3  sing N N 26  
ARG CD  NE   sing N N 27  
ARG CD  HD2  sing N N 28  
ARG CD  HD3  sing N N 29  
ARG NE  CZ   sing N N 30  
ARG NE  HE   sing N N 31  
ARG CZ  NH1  sing N N 32  
ARG CZ  NH2  doub N N 33  
ARG NH1 HH11 sing N N 34  
ARG NH1 HH12 sing N N 35  
ARG NH2 HH21 sing N N 36  
ARG NH2 HH22 sing N N 37  
ARG OXT HXT  sing N N 38  
ASN N   CA   sing N N 39  
ASN N   H    sing N N 40  
ASN N   H2   sing N N 41  
ASN CA  C    sing N N 42  
ASN CA  CB   sing N N 43  
ASN CA  HA   sing N N 44  
ASN C   O    doub N N 45  
ASN C   OXT  sing N N 46  
ASN CB  CG   sing N N 47  
ASN CB  HB2  sing N N 48  
ASN CB  HB3  sing N N 49  
ASN CG  OD1  doub N N 50  
ASN CG  ND2  sing N N 51  
ASN ND2 HD21 sing N N 52  
ASN ND2 HD22 sing N N 53  
ASN OXT HXT  sing N N 54  
ASP N   CA   sing N N 55  
ASP N   H    sing N N 56  
ASP N   H2   sing N N 57  
ASP CA  C    sing N N 58  
ASP CA  CB   sing N N 59  
ASP CA  HA   sing N N 60  
ASP C   O    doub N N 61  
ASP C   OXT  sing N N 62  
ASP CB  CG   sing N N 63  
ASP CB  HB2  sing N N 64  
ASP CB  HB3  sing N N 65  
ASP CG  OD1  doub N N 66  
ASP CG  OD2  sing N N 67  
ASP OD2 HD2  sing N N 68  
ASP OXT HXT  sing N N 69  
GLN N   CA   sing N N 70  
GLN N   H    sing N N 71  
GLN N   H2   sing N N 72  
GLN CA  C    sing N N 73  
GLN CA  CB   sing N N 74  
GLN CA  HA   sing N N 75  
GLN C   O    doub N N 76  
GLN C   OXT  sing N N 77  
GLN CB  CG   sing N N 78  
GLN CB  HB2  sing N N 79  
GLN CB  HB3  sing N N 80  
GLN CG  CD   sing N N 81  
GLN CG  HG2  sing N N 82  
GLN CG  HG3  sing N N 83  
GLN CD  OE1  doub N N 84  
GLN CD  NE2  sing N N 85  
GLN NE2 HE21 sing N N 86  
GLN NE2 HE22 sing N N 87  
GLN OXT HXT  sing N N 88  
GLU N   CA   sing N N 89  
GLU N   H    sing N N 90  
GLU N   H2   sing N N 91  
GLU CA  C    sing N N 92  
GLU CA  CB   sing N N 93  
GLU CA  HA   sing N N 94  
GLU C   O    doub N N 95  
GLU C   OXT  sing N N 96  
GLU CB  CG   sing N N 97  
GLU CB  HB2  sing N N 98  
GLU CB  HB3  sing N N 99  
GLU CG  CD   sing N N 100 
GLU CG  HG2  sing N N 101 
GLU CG  HG3  sing N N 102 
GLU CD  OE1  doub N N 103 
GLU CD  OE2  sing N N 104 
GLU OE2 HE2  sing N N 105 
GLU OXT HXT  sing N N 106 
GLY N   CA   sing N N 107 
GLY N   H    sing N N 108 
GLY N   H2   sing N N 109 
GLY CA  C    sing N N 110 
GLY CA  HA2  sing N N 111 
GLY CA  HA3  sing N N 112 
GLY C   O    doub N N 113 
GLY C   OXT  sing N N 114 
GLY OXT HXT  sing N N 115 
HIS N   CA   sing N N 116 
HIS N   H    sing N N 117 
HIS N   H2   sing N N 118 
HIS CA  C    sing N N 119 
HIS CA  CB   sing N N 120 
HIS CA  HA   sing N N 121 
HIS C   O    doub N N 122 
HIS C   OXT  sing N N 123 
HIS CB  CG   sing N N 124 
HIS CB  HB2  sing N N 125 
HIS CB  HB3  sing N N 126 
HIS CG  ND1  sing Y N 127 
HIS CG  CD2  doub Y N 128 
HIS ND1 CE1  doub Y N 129 
HIS ND1 HD1  sing N N 130 
HIS CD2 NE2  sing Y N 131 
HIS CD2 HD2  sing N N 132 
HIS CE1 NE2  sing Y N 133 
HIS CE1 HE1  sing N N 134 
HIS NE2 HE2  sing N N 135 
HIS OXT HXT  sing N N 136 
HOH O   H1   sing N N 137 
HOH O   H2   sing N N 138 
ILE N   CA   sing N N 139 
ILE N   H    sing N N 140 
ILE N   H2   sing N N 141 
ILE CA  C    sing N N 142 
ILE CA  CB   sing N N 143 
ILE CA  HA   sing N N 144 
ILE C   O    doub N N 145 
ILE C   OXT  sing N N 146 
ILE CB  CG1  sing N N 147 
ILE CB  CG2  sing N N 148 
ILE CB  HB   sing N N 149 
ILE CG1 CD1  sing N N 150 
ILE CG1 HG12 sing N N 151 
ILE CG1 HG13 sing N N 152 
ILE CG2 HG21 sing N N 153 
ILE CG2 HG22 sing N N 154 
ILE CG2 HG23 sing N N 155 
ILE CD1 HD11 sing N N 156 
ILE CD1 HD12 sing N N 157 
ILE CD1 HD13 sing N N 158 
ILE OXT HXT  sing N N 159 
LEU N   CA   sing N N 160 
LEU N   H    sing N N 161 
LEU N   H2   sing N N 162 
LEU CA  C    sing N N 163 
LEU CA  CB   sing N N 164 
LEU CA  HA   sing N N 165 
LEU C   O    doub N N 166 
LEU C   OXT  sing N N 167 
LEU CB  CG   sing N N 168 
LEU CB  HB2  sing N N 169 
LEU CB  HB3  sing N N 170 
LEU CG  CD1  sing N N 171 
LEU CG  CD2  sing N N 172 
LEU CG  HG   sing N N 173 
LEU CD1 HD11 sing N N 174 
LEU CD1 HD12 sing N N 175 
LEU CD1 HD13 sing N N 176 
LEU CD2 HD21 sing N N 177 
LEU CD2 HD22 sing N N 178 
LEU CD2 HD23 sing N N 179 
LEU OXT HXT  sing N N 180 
LYS N   CA   sing N N 181 
LYS N   H    sing N N 182 
LYS N   H2   sing N N 183 
LYS CA  C    sing N N 184 
LYS CA  CB   sing N N 185 
LYS CA  HA   sing N N 186 
LYS C   O    doub N N 187 
LYS C   OXT  sing N N 188 
LYS CB  CG   sing N N 189 
LYS CB  HB2  sing N N 190 
LYS CB  HB3  sing N N 191 
LYS CG  CD   sing N N 192 
LYS CG  HG2  sing N N 193 
LYS CG  HG3  sing N N 194 
LYS CD  CE   sing N N 195 
LYS CD  HD2  sing N N 196 
LYS CD  HD3  sing N N 197 
LYS CE  NZ   sing N N 198 
LYS CE  HE2  sing N N 199 
LYS CE  HE3  sing N N 200 
LYS NZ  HZ1  sing N N 201 
LYS NZ  HZ2  sing N N 202 
LYS NZ  HZ3  sing N N 203 
LYS OXT HXT  sing N N 204 
MSE N   CA   sing N N 205 
MSE N   H    sing N N 206 
MSE N   H2   sing N N 207 
MSE CA  C    sing N N 208 
MSE CA  CB   sing N N 209 
MSE CA  HA   sing N N 210 
MSE C   O    doub N N 211 
MSE C   OXT  sing N N 212 
MSE OXT HXT  sing N N 213 
MSE CB  CG   sing N N 214 
MSE CB  HB2  sing N N 215 
MSE CB  HB3  sing N N 216 
MSE CG  SE   sing N N 217 
MSE CG  HG2  sing N N 218 
MSE CG  HG3  sing N N 219 
MSE SE  CE   sing N N 220 
MSE CE  HE1  sing N N 221 
MSE CE  HE2  sing N N 222 
MSE CE  HE3  sing N N 223 
PHE N   CA   sing N N 224 
PHE N   H    sing N N 225 
PHE N   H2   sing N N 226 
PHE CA  C    sing N N 227 
PHE CA  CB   sing N N 228 
PHE CA  HA   sing N N 229 
PHE C   O    doub N N 230 
PHE C   OXT  sing N N 231 
PHE CB  CG   sing N N 232 
PHE CB  HB2  sing N N 233 
PHE CB  HB3  sing N N 234 
PHE CG  CD1  doub Y N 235 
PHE CG  CD2  sing Y N 236 
PHE CD1 CE1  sing Y N 237 
PHE CD1 HD1  sing N N 238 
PHE CD2 CE2  doub Y N 239 
PHE CD2 HD2  sing N N 240 
PHE CE1 CZ   doub Y N 241 
PHE CE1 HE1  sing N N 242 
PHE CE2 CZ   sing Y N 243 
PHE CE2 HE2  sing N N 244 
PHE CZ  HZ   sing N N 245 
PHE OXT HXT  sing N N 246 
PRO N   CA   sing N N 247 
PRO N   CD   sing N N 248 
PRO N   H    sing N N 249 
PRO CA  C    sing N N 250 
PRO CA  CB   sing N N 251 
PRO CA  HA   sing N N 252 
PRO C   O    doub N N 253 
PRO C   OXT  sing N N 254 
PRO CB  CG   sing N N 255 
PRO CB  HB2  sing N N 256 
PRO CB  HB3  sing N N 257 
PRO CG  CD   sing N N 258 
PRO CG  HG2  sing N N 259 
PRO CG  HG3  sing N N 260 
PRO CD  HD2  sing N N 261 
PRO CD  HD3  sing N N 262 
PRO OXT HXT  sing N N 263 
PYR C   O    doub N N 264 
PYR C   OXT  sing N N 265 
PYR C   CA   sing N N 266 
PYR OXT HXT  sing N N 267 
PYR CA  O3   doub N N 268 
PYR CA  CB   sing N N 269 
PYR CB  HB1  sing N N 270 
PYR CB  HB2  sing N N 271 
PYR CB  HB3  sing N N 272 
SER N   CA   sing N N 273 
SER N   H    sing N N 274 
SER N   H2   sing N N 275 
SER CA  C    sing N N 276 
SER CA  CB   sing N N 277 
SER CA  HA   sing N N 278 
SER C   O    doub N N 279 
SER C   OXT  sing N N 280 
SER CB  OG   sing N N 281 
SER CB  HB2  sing N N 282 
SER CB  HB3  sing N N 283 
SER OG  HG   sing N N 284 
SER OXT HXT  sing N N 285 
THR N   CA   sing N N 286 
THR N   H    sing N N 287 
THR N   H2   sing N N 288 
THR CA  C    sing N N 289 
THR CA  CB   sing N N 290 
THR CA  HA   sing N N 291 
THR C   O    doub N N 292 
THR C   OXT  sing N N 293 
THR CB  OG1  sing N N 294 
THR CB  CG2  sing N N 295 
THR CB  HB   sing N N 296 
THR OG1 HG1  sing N N 297 
THR CG2 HG21 sing N N 298 
THR CG2 HG22 sing N N 299 
THR CG2 HG23 sing N N 300 
THR OXT HXT  sing N N 301 
TRP N   CA   sing N N 302 
TRP N   H    sing N N 303 
TRP N   H2   sing N N 304 
TRP CA  C    sing N N 305 
TRP CA  CB   sing N N 306 
TRP CA  HA   sing N N 307 
TRP C   O    doub N N 308 
TRP C   OXT  sing N N 309 
TRP CB  CG   sing N N 310 
TRP CB  HB2  sing N N 311 
TRP CB  HB3  sing N N 312 
TRP CG  CD1  doub Y N 313 
TRP CG  CD2  sing Y N 314 
TRP CD1 NE1  sing Y N 315 
TRP CD1 HD1  sing N N 316 
TRP CD2 CE2  doub Y N 317 
TRP CD2 CE3  sing Y N 318 
TRP NE1 CE2  sing Y N 319 
TRP NE1 HE1  sing N N 320 
TRP CE2 CZ2  sing Y N 321 
TRP CE3 CZ3  doub Y N 322 
TRP CE3 HE3  sing N N 323 
TRP CZ2 CH2  doub Y N 324 
TRP CZ2 HZ2  sing N N 325 
TRP CZ3 CH2  sing Y N 326 
TRP CZ3 HZ3  sing N N 327 
TRP CH2 HH2  sing N N 328 
TRP OXT HXT  sing N N 329 
TYR N   CA   sing N N 330 
TYR N   H    sing N N 331 
TYR N   H2   sing N N 332 
TYR CA  C    sing N N 333 
TYR CA  CB   sing N N 334 
TYR CA  HA   sing N N 335 
TYR C   O    doub N N 336 
TYR C   OXT  sing N N 337 
TYR CB  CG   sing N N 338 
TYR CB  HB2  sing N N 339 
TYR CB  HB3  sing N N 340 
TYR CG  CD1  doub Y N 341 
TYR CG  CD2  sing Y N 342 
TYR CD1 CE1  sing Y N 343 
TYR CD1 HD1  sing N N 344 
TYR CD2 CE2  doub Y N 345 
TYR CD2 HD2  sing N N 346 
TYR CE1 CZ   doub Y N 347 
TYR CE1 HE1  sing N N 348 
TYR CE2 CZ   sing Y N 349 
TYR CE2 HE2  sing N N 350 
TYR CZ  OH   sing N N 351 
TYR OH  HH   sing N N 352 
TYR OXT HXT  sing N N 353 
VAL N   CA   sing N N 354 
VAL N   H    sing N N 355 
VAL N   H2   sing N N 356 
VAL CA  C    sing N N 357 
VAL CA  CB   sing N N 358 
VAL CA  HA   sing N N 359 
VAL C   O    doub N N 360 
VAL C   OXT  sing N N 361 
VAL CB  CG1  sing N N 362 
VAL CB  CG2  sing N N 363 
VAL CB  HB   sing N N 364 
VAL CG1 HG11 sing N N 365 
VAL CG1 HG12 sing N N 366 
VAL CG1 HG13 sing N N 367 
VAL CG2 HG21 sing N N 368 
VAL CG2 HG22 sing N N 369 
VAL CG2 HG23 sing N N 370 
VAL OXT HXT  sing N N 371 
# 
_pdbx_initial_refinement_model.id               1 
_pdbx_initial_refinement_model.entity_id_list   ? 
_pdbx_initial_refinement_model.type             'experimental model' 
_pdbx_initial_refinement_model.source_name      PDB 
_pdbx_initial_refinement_model.accession_code   2QHK 
_pdbx_initial_refinement_model.details          'PDB entry 2QHK' 
# 
_atom_sites.entry_id                    4EXO 
_atom_sites.fract_transf_matrix[1][1]   -0.00828993 
_atom_sites.fract_transf_matrix[1][2]   0.00002996 
_atom_sites.fract_transf_matrix[1][3]   -0.00325743 
_atom_sites.fract_transf_matrix[2][1]   0.00142507 
_atom_sites.fract_transf_matrix[2][2]   0.00804251 
_atom_sites.fract_transf_matrix[2][3]   -0.00355273 
_atom_sites.fract_transf_matrix[3][1]   0.00524265 
_atom_sites.fract_transf_matrix[3][2]   -0.00685062 
_atom_sites.fract_transf_matrix[3][3]   -0.01340519 
_atom_sites.fract_transf_vector[1]      0.339708 
_atom_sites.fract_transf_vector[2]      0.326717 
_atom_sites.fract_transf_vector[3]      0.238753 
# 
loop_
_atom_type.symbol 
C  
N  
O  
SE 
# 
loop_
_atom_site.group_PDB 
_atom_site.id 
_atom_site.type_symbol 
_atom_site.label_atom_id 
_atom_site.label_alt_id 
_atom_site.label_comp_id 
_atom_site.label_asym_id 
_atom_site.label_entity_id 
_atom_site.label_seq_id 
_atom_site.pdbx_PDB_ins_code 
_atom_site.Cartn_x 
_atom_site.Cartn_y 
_atom_site.Cartn_z 
_atom_site.occupancy 
_atom_site.B_iso_or_equiv 
_atom_site.pdbx_formal_charge 
_atom_site.auth_seq_id 
_atom_site.auth_comp_id 
_atom_site.auth_asym_id 
_atom_site.auth_atom_id 
_atom_site.pdbx_PDB_model_num 
ATOM   1    N  N   . ALA A 1 1   ? -24.828 -19.254 0.375   1.00 83.75 ? 8   ALA A N   1 
ATOM   2    C  CA  . ALA A 1 1   ? -24.394 -18.892 1.757   1.00 83.75 ? 8   ALA A CA  1 
ATOM   3    C  C   . ALA A 1 1   ? -23.142 -19.660 2.188   1.00 83.74 ? 8   ALA A C   1 
ATOM   4    O  O   . ALA A 1 1   ? -22.411 -19.210 3.079   1.00 83.70 ? 8   ALA A O   1 
ATOM   5    C  CB  . ALA A 1 1   ? -25.534 -19.110 2.760   1.00 83.66 ? 8   ALA A CB  1 
ATOM   6    N  N   . GLU A 1 2   ? -22.896 -20.802 1.540   1.00 83.57 ? 9   GLU A N   1 
ATOM   7    C  CA  . GLU A 1 2   ? -21.826 -21.726 1.938   1.00 83.42 ? 9   GLU A CA  1 
ATOM   8    C  C   . GLU A 1 2   ? -20.483 -21.413 1.265   1.00 82.81 ? 9   GLU A C   1 
ATOM   9    O  O   . GLU A 1 2   ? -19.443 -21.349 1.931   1.00 82.75 ? 9   GLU A O   1 
ATOM   10   C  CB  . GLU A 1 2   ? -22.241 -23.171 1.635   1.00 83.68 ? 9   GLU A CB  1 
ATOM   11   C  CG  . GLU A 1 2   ? -22.095 -24.142 2.817   1.00 85.26 ? 9   GLU A CG  1 
ATOM   12   C  CD  . GLU A 1 2   ? -20.668 -24.252 3.357   1.00 87.04 ? 9   GLU A CD  1 
ATOM   13   O  OE1 . GLU A 1 2   ? -19.714 -24.320 2.545   1.00 87.75 ? 9   GLU A OE1 1 
ATOM   14   O  OE2 . GLU A 1 2   ? -20.509 -24.281 4.601   1.00 87.25 ? 9   GLU A OE2 1 
ATOM   15   N  N   . LEU A 1 3   ? -20.519 -21.235 -0.055  1.00 82.00 ? 10  LEU A N   1 
ATOM   16   C  CA  . LEU A 1 3   ? -19.337 -20.870 -0.838  1.00 80.99 ? 10  LEU A CA  1 
ATOM   17   C  C   . LEU A 1 3   ? -18.995 -19.385 -0.623  1.00 80.16 ? 10  LEU A C   1 
ATOM   18   O  O   . LEU A 1 3   ? -17.841 -18.973 -0.792  1.00 80.01 ? 10  LEU A O   1 
ATOM   19   C  CB  . LEU A 1 3   ? -19.577 -21.183 -2.321  1.00 81.19 ? 10  LEU A CB  1 
ATOM   20   C  CG  . LEU A 1 3   ? -18.413 -21.610 -3.225  1.00 81.34 ? 10  LEU A CG  1 
ATOM   21   C  CD1 . LEU A 1 3   ? -18.889 -22.603 -4.281  1.00 81.06 ? 10  LEU A CD1 1 
ATOM   22   C  CD2 . LEU A 1 3   ? -17.727 -20.404 -3.874  1.00 81.69 ? 10  LEU A CD2 1 
ATOM   23   N  N   . VAL A 1 4   ? -20.007 -18.595 -0.253  1.00 78.84 ? 11  VAL A N   1 
ATOM   24   C  CA  . VAL A 1 4   ? -19.819 -17.208 0.199   1.00 77.64 ? 11  VAL A CA  1 
ATOM   25   C  C   . VAL A 1 4   ? -19.096 -17.130 1.560   1.00 76.81 ? 11  VAL A C   1 
ATOM   26   O  O   . VAL A 1 4   ? -18.308 -16.205 1.808   1.00 76.54 ? 11  VAL A O   1 
ATOM   27   C  CB  . VAL A 1 4   ? -21.176 -16.416 0.184   1.00 77.57 ? 11  VAL A CB  1 
ATOM   28   C  CG1 . VAL A 1 4   ? -21.413 -15.604 1.470   1.00 77.13 ? 11  VAL A CG1 1 
ATOM   29   C  CG2 . VAL A 1 4   ? -21.253 -15.526 -1.059  1.00 77.76 ? 11  VAL A CG2 1 
ATOM   30   N  N   . ARG A 1 5   ? -19.361 -18.114 2.421   1.00 75.71 ? 12  ARG A N   1 
ATOM   31   C  CA  . ARG A 1 5   ? -18.723 -18.221 3.734   1.00 74.59 ? 12  ARG A CA  1 
ATOM   32   C  C   . ARG A 1 5   ? -17.221 -18.466 3.587   1.00 73.10 ? 12  ARG A C   1 
ATOM   33   O  O   . ARG A 1 5   ? -16.406 -17.815 4.243   1.00 72.73 ? 12  ARG A O   1 
ATOM   34   C  CB  . ARG A 1 5   ? -19.387 -19.341 4.561   1.00 74.91 ? 12  ARG A CB  1 
ATOM   35   C  CG  . ARG A 1 5   ? -18.726 -19.666 5.906   1.00 76.42 ? 12  ARG A CG  1 
ATOM   36   C  CD  . ARG A 1 5   ? -18.909 -18.545 6.934   1.00 79.33 ? 12  ARG A CD  1 
ATOM   37   N  NE  . ARG A 1 5   ? -18.952 -19.070 8.301   1.00 81.41 ? 12  ARG A NE  1 
ATOM   38   C  CZ  . ARG A 1 5   ? -17.910 -19.142 9.130   1.00 82.32 ? 12  ARG A CZ  1 
ATOM   39   N  NH1 . ARG A 1 5   ? -18.071 -19.649 10.347  1.00 82.68 ? 12  ARG A NH1 1 
ATOM   40   N  NH2 . ARG A 1 5   ? -16.709 -18.709 8.756   1.00 82.23 ? 12  ARG A NH2 1 
ATOM   41   N  N   . ASP A 1 6   ? -16.872 -19.401 2.709   1.00 71.45 ? 13  ASP A N   1 
ATOM   42   C  CA  . ASP A 1 6   ? -15.481 -19.765 2.466   1.00 70.07 ? 13  ASP A CA  1 
ATOM   43   C  C   . ASP A 1 6   ? -14.672 -18.596 1.895   1.00 68.49 ? 13  ASP A C   1 
ATOM   44   O  O   . ASP A 1 6   ? -13.477 -18.474 2.170   1.00 68.14 ? 13  ASP A O   1 
ATOM   45   C  CB  . ASP A 1 6   ? -15.398 -20.988 1.541   1.00 70.48 ? 13  ASP A CB  1 
ATOM   46   C  CG  . ASP A 1 6   ? -15.804 -22.297 2.241   1.00 71.59 ? 13  ASP A CG  1 
ATOM   47   O  OD1 . ASP A 1 6   ? -16.637 -22.267 3.183   1.00 72.44 ? 13  ASP A OD1 1 
ATOM   48   O  OD2 . ASP A 1 6   ? -15.285 -23.364 1.838   1.00 72.02 ? 13  ASP A OD2 1 
ATOM   49   N  N   . ARG A 1 7   ? -15.335 -17.743 1.114   1.00 66.61 ? 14  ARG A N   1 
ATOM   50   C  CA  . ARG A 1 7   ? -14.706 -16.543 0.548   1.00 64.85 ? 14  ARG A CA  1 
ATOM   51   C  C   . ARG A 1 7   ? -14.438 -15.487 1.624   1.00 62.82 ? 14  ARG A C   1 
ATOM   52   O  O   . ARG A 1 7   ? -13.349 -14.931 1.671   1.00 62.18 ? 14  ARG A O   1 
ATOM   53   C  CB  . ARG A 1 7   ? -15.542 -15.954 -0.591  1.00 65.10 ? 14  ARG A CB  1 
ATOM   54   C  CG  . ARG A 1 7   ? -14.763 -14.991 -1.472  1.00 67.02 ? 14  ARG A CG  1 
ATOM   55   C  CD  . ARG A 1 7   ? -15.578 -14.544 -2.685  1.00 69.70 ? 14  ARG A CD  1 
ATOM   56   N  NE  . ARG A 1 7   ? -14.855 -13.572 -3.508  1.00 71.18 ? 14  ARG A NE  1 
ATOM   57   C  CZ  . ARG A 1 7   ? -14.763 -12.269 -3.241  1.00 72.19 ? 14  ARG A CZ  1 
ATOM   58   N  NH1 . ARG A 1 7   ? -15.343 -11.749 -2.157  1.00 71.91 ? 14  ARG A NH1 1 
ATOM   59   N  NH2 . ARG A 1 7   ? -14.082 -11.480 -4.061  1.00 72.26 ? 14  ARG A NH2 1 
ATOM   60   N  N   . GLN A 1 8   ? -15.423 -15.226 2.485   1.00 60.75 ? 15  GLN A N   1 
ATOM   61   C  CA  . GLN A 1 8   ? -15.223 -14.330 3.624   1.00 59.06 ? 15  GLN A CA  1 
ATOM   62   C  C   . GLN A 1 8   ? -14.097 -14.800 4.546   1.00 57.14 ? 15  GLN A C   1 
ATOM   63   O  O   . GLN A 1 8   ? -13.317 -13.986 5.061   1.00 56.78 ? 15  GLN A O   1 
ATOM   64   C  CB  . GLN A 1 8   ? -16.515 -14.111 4.423   1.00 59.47 ? 15  GLN A CB  1 
ATOM   65   C  CG  . GLN A 1 8   ? -16.479 -12.853 5.303   1.00 61.36 ? 15  GLN A CG  1 
ATOM   66   C  CD  . GLN A 1 8   ? -15.718 -11.681 4.645   1.00 64.79 ? 15  GLN A CD  1 
ATOM   67   O  OE1 . GLN A 1 8   ? -16.023 -11.253 3.522   1.00 65.80 ? 15  GLN A OE1 1 
ATOM   68   N  NE2 . GLN A 1 8   ? -14.718 -11.168 5.351   1.00 65.56 ? 15  GLN A NE2 1 
ATOM   69   N  N   . GLU A 1 9   ? -14.011 -16.113 4.737   1.00 54.69 ? 16  GLU A N   1 
ATOM   70   C  CA  . GLU A 1 9   ? -12.939 -16.713 5.513   1.00 52.52 ? 16  GLU A CA  1 
ATOM   71   C  C   . GLU A 1 9   ? -11.576 -16.419 4.903   1.00 50.20 ? 16  GLU A C   1 
ATOM   72   O  O   . GLU A 1 9   ? -10.646 -16.045 5.616   1.00 49.66 ? 16  GLU A O   1 
ATOM   73   C  CB  . GLU A 1 9   ? -13.131 -18.223 5.591   1.00 53.21 ? 16  GLU A CB  1 
ATOM   74   C  CG  . GLU A 1 9   ? -14.236 -18.672 6.530   1.00 55.19 ? 16  GLU A CG  1 
ATOM   75   C  CD  . GLU A 1 9   ? -14.065 -20.127 6.946   1.00 58.37 ? 16  GLU A CD  1 
ATOM   76   O  OE1 . GLU A 1 9   ? -13.740 -20.981 6.083   1.00 58.02 ? 16  GLU A OE1 1 
ATOM   77   O  OE2 . GLU A 1 9   ? -14.242 -20.409 8.148   1.00 60.57 ? 16  GLU A OE2 1 
ATOM   78   N  N   . LEU A 1 10  ? -11.466 -16.603 3.591   1.00 48.02 ? 17  LEU A N   1 
ATOM   79   C  CA  . LEU A 1 10  ? -10.209 -16.373 2.882   1.00 46.80 ? 17  LEU A CA  1 
ATOM   80   C  C   . LEU A 1 10  ? -9.813  -14.892 2.963   1.00 45.02 ? 17  LEU A C   1 
ATOM   81   O  O   . LEU A 1 10  ? -8.669  -14.578 3.273   1.00 44.49 ? 17  LEU A O   1 
ATOM   82   C  CB  . LEU A 1 10  ? -10.277 -16.856 1.425   1.00 47.08 ? 17  LEU A CB  1 
ATOM   83   C  CG  . LEU A 1 10  ? -10.200 -18.371 1.100   1.00 49.36 ? 17  LEU A CG  1 
ATOM   84   C  CD1 . LEU A 1 10  ? -10.379 -18.649 -0.402  1.00 51.90 ? 17  LEU A CD1 1 
ATOM   85   C  CD2 . LEU A 1 10  ? -8.915  -19.030 1.589   1.00 50.78 ? 17  LEU A CD2 1 
ATOM   86   N  N   . ILE A 1 11  ? -10.774 -14.004 2.699   1.00 43.35 ? 18  ILE A N   1 
ATOM   87   C  CA  . ILE A 1 11  ? -10.591 -12.549 2.831   1.00 42.06 ? 18  ILE A CA  1 
ATOM   88   C  C   . ILE A 1 11  ? -10.071 -12.154 4.236   1.00 40.66 ? 18  ILE A C   1 
ATOM   89   O  O   . ILE A 1 11  ? -9.042  -11.487 4.352   1.00 40.26 ? 18  ILE A O   1 
ATOM   90   C  CB  . ILE A 1 11  ? -11.912 -11.771 2.501   1.00 42.15 ? 18  ILE A CB  1 
ATOM   91   C  CG1 . ILE A 1 11  ? -12.329 -11.929 1.012   1.00 42.80 ? 18  ILE A CG1 1 
ATOM   92   C  CG2 . ILE A 1 11  ? -11.846 -10.301 2.981   1.00 41.48 ? 18  ILE A CG2 1 
ATOM   93   C  CD1 . ILE A 1 11  ? -11.397 -11.345 -0.026  1.00 43.12 ? 18  ILE A CD1 1 
ATOM   94   N  N   . ASP A 1 12  ? -10.766 -12.582 5.288   1.00 38.78 ? 19  ASP A N   1 
ATOM   95   C  CA  . ASP A 1 12  ? -10.360 -12.255 6.664   1.00 37.29 ? 19  ASP A CA  1 
ATOM   96   C  C   . ASP A 1 12  ? -8.935  -12.743 7.025   1.00 35.10 ? 19  ASP A C   1 
ATOM   97   O  O   . ASP A 1 12  ? -8.192  -12.053 7.729   1.00 33.99 ? 19  ASP A O   1 
ATOM   98   C  CB  . ASP A 1 12  ? -11.373 -12.808 7.662   1.00 37.71 ? 19  ASP A CB  1 
ATOM   99   C  CG  . ASP A 1 12  ? -12.703 -12.060 7.626   1.00 42.30 ? 19  ASP A CG  1 
ATOM   100  O  OD1 . ASP A 1 12  ? -12.804 -11.021 6.930   1.00 46.13 ? 19  ASP A OD1 1 
ATOM   101  O  OD2 . ASP A 1 12  ? -13.658 -12.519 8.291   1.00 46.16 ? 19  ASP A OD2 1 
ATOM   102  N  N   . ALA A 1 13  ? -8.574  -13.932 6.544   1.00 32.71 ? 20  ALA A N   1 
ATOM   103  C  CA  . ALA A 1 13  ? -7.220  -14.438 6.734   1.00 31.67 ? 20  ALA A CA  1 
ATOM   104  C  C   . ALA A 1 13  ? -6.216  -13.493 6.027   1.00 30.66 ? 20  ALA A C   1 
ATOM   105  O  O   . ALA A 1 13  ? -5.172  -13.182 6.575   1.00 28.59 ? 20  ALA A O   1 
ATOM   106  C  CB  . ALA A 1 13  ? -7.093  -15.844 6.233   1.00 31.60 ? 20  ALA A CB  1 
ATOM   107  N  N   . ARG A 1 14  ? -6.579  -13.008 4.834   1.00 30.32 ? 21  ARG A N   1 
ATOM   108  C  CA  . ARG A 1 14  ? -5.702  -12.099 4.092   1.00 30.53 ? 21  ARG A CA  1 
ATOM   109  C  C   . ARG A 1 14  ? -5.574  -10.735 4.778   1.00 28.48 ? 21  ARG A C   1 
ATOM   110  O  O   . ARG A 1 14  ? -4.517  -10.127 4.726   1.00 27.86 ? 21  ARG A O   1 
ATOM   111  C  CB  . ARG A 1 14  ? -6.193  -11.890 2.643   1.00 31.63 ? 21  ARG A CB  1 
ATOM   112  C  CG  . ARG A 1 14  ? -6.086  -13.113 1.724   1.00 36.17 ? 21  ARG A CG  1 
ATOM   113  C  CD  . ARG A 1 14  ? -4.815  -13.893 1.993   1.00 42.89 ? 21  ARG A CD  1 
ATOM   114  N  NE  . ARG A 1 14  ? -4.359  -14.693 0.856   1.00 50.48 ? 21  ARG A NE  1 
ATOM   115  C  CZ  . ARG A 1 14  ? -3.149  -14.606 0.291   1.00 52.25 ? 21  ARG A CZ  1 
ATOM   116  N  NH1 . ARG A 1 14  ? -2.243  -13.733 0.726   1.00 50.04 ? 21  ARG A NH1 1 
ATOM   117  N  NH2 . ARG A 1 14  ? -2.843  -15.400 -0.736  1.00 53.81 ? 21  ARG A NH2 1 
ATOM   118  N  N   . LYS A 1 15  ? -6.645  -10.265 5.401   1.00 27.04 ? 22  LYS A N   1 
ATOM   119  C  CA  . LYS A 1 15  ? -6.598  -8.992  6.125   1.00 26.86 ? 22  LYS A CA  1 
ATOM   120  C  C   . LYS A 1 15  ? -5.652  -9.084  7.322   1.00 26.02 ? 22  LYS A C   1 
ATOM   121  O  O   . LYS A 1 15  ? -4.901  -8.143  7.620   1.00 24.89 ? 22  LYS A O   1 
ATOM   122  C  CB  . LYS A 1 15  ? -8.005  -8.542  6.540   1.00 27.54 ? 22  LYS A CB  1 
ATOM   123  C  CG  . LYS A 1 15  ? -8.889  -8.252  5.331   1.00 28.49 ? 22  LYS A CG  1 
ATOM   124  C  CD  . LYS A 1 15  ? -10.336 -8.071  5.704   1.00 34.41 ? 22  LYS A CD  1 
ATOM   125  C  CE  . LYS A 1 15  ? -10.568 -6.762  6.431   1.00 34.45 ? 22  LYS A CE  1 
ATOM   126  N  NZ  . LYS A 1 15  ? -11.930 -6.247  6.140   1.00 37.61 ? 22  LYS A NZ  1 
ATOM   127  N  N   . LYS A 1 16  ? -5.673  -10.231 7.998   1.00 25.41 ? 23  LYS A N   1 
ATOM   128  C  CA  . LYS A 1 16  ? -4.733  -10.471 9.101   1.00 24.99 ? 23  LYS A CA  1 
ATOM   129  C  C   . LYS A 1 16  ? -3.276  -10.459 8.598   1.00 23.67 ? 23  LYS A C   1 
ATOM   130  O  O   . LYS A 1 16  ? -2.380  -9.870  9.226   1.00 22.01 ? 23  LYS A O   1 
ATOM   131  C  CB  . LYS A 1 16  ? -5.064  -11.804 9.779   1.00 25.83 ? 23  LYS A CB  1 
ATOM   132  C  CG  . LYS A 1 16  ? -4.382  -12.002 11.125  1.00 30.67 ? 23  LYS A CG  1 
ATOM   133  C  CD  . LYS A 1 16  ? -5.081  -13.172 11.904  1.00 38.59 ? 23  LYS A CD  1 
ATOM   134  C  CE  . LYS A 1 16  ? -4.562  -13.310 13.342  1.00 41.52 ? 23  LYS A CE  1 
ATOM   135  N  NZ  . LYS A 1 16  ? -3.108  -13.723 13.393  1.00 45.30 ? 23  LYS A NZ  1 
ATOM   136  N  N   . GLU A 1 17  ? -3.044  -11.105 7.458   1.00 23.32 ? 24  GLU A N   1 
ATOM   137  C  CA  . GLU A 1 17  ? -1.712  -11.135 6.828   1.00 23.72 ? 24  GLU A CA  1 
ATOM   138  C  C   . GLU A 1 17  ? -1.257  -9.698  6.488   1.00 22.20 ? 24  GLU A C   1 
ATOM   139  O  O   . GLU A 1 17  ? -0.114  -9.314  6.741   1.00 21.26 ? 24  GLU A O   1 
ATOM   140  C  CB  . GLU A 1 17  ? -1.758  -11.972 5.535   1.00 24.62 ? 24  GLU A CB  1 
ATOM   141  C  CG  . GLU A 1 17  ? -1.884  -13.491 5.751   1.00 31.98 ? 24  GLU A CG  1 
ATOM   142  C  CD  . GLU A 1 17  ? -2.395  -14.271 4.529   1.00 40.62 ? 24  GLU A CD  1 
ATOM   143  O  OE1 . GLU A 1 17  ? -2.145  -13.856 3.385   1.00 41.74 ? 24  GLU A OE1 1 
ATOM   144  O  OE2 . GLU A 1 17  ? -3.064  -15.331 4.714   1.00 47.42 ? 24  GLU A OE2 1 
ATOM   145  N  N   . LEU A 1 18  ? -2.154  -8.923  5.890   1.00 22.03 ? 25  LEU A N   1 
ATOM   146  C  CA  . LEU A 1 18  ? -1.820  -7.558  5.497   1.00 20.47 ? 25  LEU A CA  1 
ATOM   147  C  C   . LEU A 1 18  ? -1.371  -6.730  6.701   1.00 20.22 ? 25  LEU A C   1 
ATOM   148  O  O   . LEU A 1 18  ? -0.434  -5.952  6.615   1.00 19.29 ? 25  LEU A O   1 
ATOM   149  C  CB  . LEU A 1 18  ? -3.009  -6.904  4.782   1.00 20.77 ? 25  LEU A CB  1 
ATOM   150  C  CG  . LEU A 1 18  ? -3.207  -7.354  3.313   1.00 20.76 ? 25  LEU A CG  1 
ATOM   151  C  CD1 . LEU A 1 18  ? -4.550  -6.879  2.849   1.00 21.82 ? 25  LEU A CD1 1 
ATOM   152  C  CD2 . LEU A 1 18  ? -2.074  -6.749  2.436   1.00 19.06 ? 25  LEU A CD2 1 
ATOM   153  N  N   . LYS A 1 19  ? -2.063  -6.863  7.820   1.00 19.69 ? 26  LYS A N   1 
ATOM   154  C  CA  . LYS A 1 19  ? -1.650  -6.128  9.034   1.00 20.26 ? 26  LYS A CA  1 
ATOM   155  C  C   . LYS A 1 19  ? -0.241  -6.521  9.507   1.00 19.17 ? 26  LYS A C   1 
ATOM   156  O  O   . LYS A 1 19  ? 0.539   -5.673  9.936   1.00 19.68 ? 26  LYS A O   1 
ATOM   157  C  CB  . LYS A 1 19  ? -2.709  -6.269  10.143  1.00 21.36 ? 26  LYS A CB  1 
ATOM   158  C  CG  . LYS A 1 19  ? -3.988  -5.463  9.779   1.00 26.10 ? 26  LYS A CG  1 
ATOM   159  C  CD  . LYS A 1 19  ? -5.013  -5.436  10.884  1.00 33.18 ? 26  LYS A CD  1 
ATOM   160  C  CE  . LYS A 1 19  ? -6.039  -4.297  10.654  1.00 34.72 ? 26  LYS A CE  1 
ATOM   161  N  NZ  . LYS A 1 19  ? -5.655  -2.926  11.216  1.00 35.71 ? 26  LYS A NZ  1 
ATOM   162  N  N   . ALA A 1 20  ? 0.086   -7.801  9.407   1.00 19.30 ? 27  ALA A N   1 
ATOM   163  C  CA  . ALA A 1 20  ? 1.434   -8.310  9.724   1.00 18.80 ? 27  ALA A CA  1 
ATOM   164  C  C   . ALA A 1 20  ? 2.490   -7.763  8.772   1.00 17.97 ? 27  ALA A C   1 
ATOM   165  O  O   . ALA A 1 20  ? 3.552   -7.290  9.195   1.00 19.16 ? 27  ALA A O   1 
ATOM   166  C  CB  . ALA A 1 20  ? 1.462   -9.869  9.692   1.00 18.14 ? 27  ALA A CB  1 
ATOM   167  N  N   . TYR A 1 21  ? 2.222   -7.849  7.475   1.00 17.48 ? 28  TYR A N   1 
ATOM   168  C  CA  . TYR A 1 21  ? 3.186   -7.331  6.491   1.00 18.61 ? 28  TYR A CA  1 
ATOM   169  C  C   . TYR A 1 21  ? 3.403   -5.848  6.695   1.00 19.28 ? 28  TYR A C   1 
ATOM   170  O  O   . TYR A 1 21  ? 4.539   -5.377  6.603   1.00 19.15 ? 28  TYR A O   1 
ATOM   171  C  CB  . TYR A 1 21  ? 2.658   -7.552  5.061   1.00 18.50 ? 28  TYR A CB  1 
ATOM   172  C  CG  . TYR A 1 21  ? 2.428   -9.035  4.701   1.00 18.97 ? 28  TYR A CG  1 
ATOM   173  C  CD1 . TYR A 1 21  ? 3.279   -10.020 5.187   1.00 23.56 ? 28  TYR A CD1 1 
ATOM   174  C  CD2 . TYR A 1 21  ? 1.381   -9.413  3.858   1.00 22.38 ? 28  TYR A CD2 1 
ATOM   175  C  CE1 . TYR A 1 21  ? 3.110   -11.359 4.852   1.00 24.73 ? 28  TYR A CE1 1 
ATOM   176  C  CE2 . TYR A 1 21  ? 1.195   -10.751 3.509   1.00 23.77 ? 28  TYR A CE2 1 
ATOM   177  C  CZ  . TYR A 1 21  ? 2.060   -11.708 4.007   1.00 26.51 ? 28  TYR A CZ  1 
ATOM   178  O  OH  . TYR A 1 21  ? 1.872   -13.034 3.695   1.00 28.95 ? 28  TYR A OH  1 
HETATM 179  N  N   . MSE A 1 22  ? 2.309   -5.102  6.950   1.00 19.41 ? 29  MSE A N   1 
HETATM 180  C  CA  . MSE A 1 22  ? 2.451   -3.670  7.194   1.00 20.55 ? 29  MSE A CA  1 
HETATM 181  C  C   . MSE A 1 22  ? 3.343   -3.430  8.426   1.00 20.35 ? 29  MSE A C   1 
HETATM 182  O  O   . MSE A 1 22  ? 4.215   -2.557  8.400   1.00 19.81 ? 29  MSE A O   1 
HETATM 183  C  CB  . MSE A 1 22  ? 1.082   -2.973  7.395   1.00 20.04 ? 29  MSE A CB  1 
HETATM 184  C  CG  . MSE A 1 22  ? 1.188   -1.451  7.676   1.00 20.92 ? 29  MSE A CG  1 
HETATM 185  SE SE  . MSE A 1 22  ? 2.118   -0.412  6.268   0.70 23.44 ? 29  MSE A SE  1 
HETATM 186  C  CE  . MSE A 1 22  ? 1.087   -1.048  4.771   1.00 22.35 ? 29  MSE A CE  1 
HETATM 187  N  N   . MSE A 1 23  ? 3.102   -4.173  9.502   1.00 19.76 ? 30  MSE A N   1 
HETATM 188  C  CA  . MSE A 1 23  ? 3.942   -4.070  10.696  1.00 20.69 ? 30  MSE A CA  1 
HETATM 189  C  C   . MSE A 1 23  ? 5.412   -4.273  10.380  1.00 20.25 ? 30  MSE A C   1 
HETATM 190  O  O   . MSE A 1 23  ? 6.263   -3.542  10.870  1.00 20.88 ? 30  MSE A O   1 
HETATM 191  C  CB  . MSE A 1 23  ? 3.524   -5.057  11.797  1.00 21.64 ? 30  MSE A CB  1 
HETATM 192  C  CG  . MSE A 1 23  ? 4.266   -4.761  13.068  1.00 23.44 ? 30  MSE A CG  1 
HETATM 193  SE SE  . MSE A 1 23  ? 3.678   -5.955  14.507  0.70 28.33 ? 30  MSE A SE  1 
HETATM 194  C  CE  . MSE A 1 23  ? 1.960   -5.194  14.989  1.00 27.32 ? 30  MSE A CE  1 
HETATM 195  N  N   A MSE A 1 24  ? 5.718   -5.242  9.523   0.50 19.77 ? 31  MSE A N   1 
HETATM 196  N  N   B MSE A 1 24  ? 5.705   -5.244  9.521   0.50 19.66 ? 31  MSE A N   1 
HETATM 197  C  CA  A MSE A 1 24  ? 7.114   -5.477  9.152   0.50 19.81 ? 31  MSE A CA  1 
HETATM 198  C  CA  B MSE A 1 24  ? 7.089   -5.506  9.129   0.50 19.63 ? 31  MSE A CA  1 
HETATM 199  C  C   A MSE A 1 24  ? 7.755   -4.291  8.458   0.50 19.83 ? 31  MSE A C   1 
HETATM 200  C  C   B MSE A 1 24  ? 7.755   -4.330  8.433   0.50 19.72 ? 31  MSE A C   1 
HETATM 201  O  O   A MSE A 1 24  ? 8.907   -3.958  8.737   0.50 20.16 ? 31  MSE A O   1 
HETATM 202  O  O   B MSE A 1 24  ? 8.924   -4.040  8.691   0.50 20.02 ? 31  MSE A O   1 
HETATM 203  C  CB  A MSE A 1 24  ? 7.234   -6.736  8.295   0.50 20.12 ? 31  MSE A CB  1 
HETATM 204  C  CB  B MSE A 1 24  ? 7.160   -6.777  8.277   0.50 19.79 ? 31  MSE A CB  1 
HETATM 205  C  CG  A MSE A 1 24  ? 6.752   -7.958  9.034   0.50 20.29 ? 31  MSE A CG  1 
HETATM 206  C  CG  B MSE A 1 24  ? 6.807   -8.011  9.089   0.50 19.47 ? 31  MSE A CG  1 
HETATM 207  SE SE  A MSE A 1 24  ? 7.213   -9.588  8.098   0.30 21.34 ? 31  MSE A SE  1 
HETATM 208  SE SE  B MSE A 1 24  ? 8.355   -8.757  10.020  0.30 19.22 ? 31  MSE A SE  1 
HETATM 209  C  CE  A MSE A 1 24  ? 9.137   -9.565  8.261   0.50 20.20 ? 31  MSE A CE  1 
HETATM 210  C  CE  B MSE A 1 24  ? 8.852   -10.075 8.688   0.50 17.73 ? 31  MSE A CE  1 
ATOM   211  N  N   . GLY A 1 25  ? 7.014   -3.665  7.546   1.00 19.72 ? 32  GLY A N   1 
ATOM   212  C  CA  . GLY A 1 25  ? 7.527   -2.511  6.830   1.00 20.32 ? 32  GLY A CA  1 
ATOM   213  C  C   . GLY A 1 25  ? 7.740   -1.311  7.769   1.00 20.01 ? 32  GLY A C   1 
ATOM   214  O  O   . GLY A 1 25  ? 8.797   -0.698  7.765   1.00 19.55 ? 32  GLY A O   1 
ATOM   215  N  N   . VAL A 1 26  ? 6.733   -1.030  8.597   1.00 19.99 ? 33  VAL A N   1 
ATOM   216  C  CA  . VAL A 1 26  ? 6.778   0.044   9.564   1.00 20.13 ? 33  VAL A CA  1 
ATOM   217  C  C   . VAL A 1 26  ? 7.926   -0.152  10.583  1.00 21.06 ? 33  VAL A C   1 
ATOM   218  O  O   . VAL A 1 26  ? 8.651   0.805   10.918  1.00 20.72 ? 33  VAL A O   1 
ATOM   219  C  CB  . VAL A 1 26  ? 5.381   0.234   10.255  1.00 20.79 ? 33  VAL A CB  1 
ATOM   220  C  CG1 . VAL A 1 26  ? 5.461   1.239   11.461  1.00 22.54 ? 33  VAL A CG1 1 
ATOM   221  C  CG2 . VAL A 1 26  ? 4.337   0.734   9.197   1.00 19.15 ? 33  VAL A CG2 1 
ATOM   222  N  N   . THR A 1 27  ? 8.113   -1.377  11.037  1.00 19.50 ? 34  THR A N   1 
ATOM   223  C  CA  . THR A 1 27  ? 9.183   -1.626  12.006  1.00 21.18 ? 34  THR A CA  1 
ATOM   224  C  C   . THR A 1 27  ? 10.566  -1.692  11.341  1.00 21.45 ? 34  THR A C   1 
ATOM   225  O  O   . THR A 1 27  ? 11.537  -1.269  11.945  1.00 23.27 ? 34  THR A O   1 
ATOM   226  C  CB  . THR A 1 27  ? 8.898   -2.869  12.882  1.00 20.26 ? 34  THR A CB  1 
ATOM   227  O  OG1 . THR A 1 27  ? 8.681   -4.011  12.052  1.00 20.27 ? 34  THR A OG1 1 
ATOM   228  C  CG2 . THR A 1 27  ? 7.631   -2.634  13.729  1.00 20.70 ? 34  THR A CG2 1 
ATOM   229  N  N   . ALA A 1 28  ? 10.650  -2.159  10.093  1.00 22.02 ? 35  ALA A N   1 
ATOM   230  C  CA  . ALA A 1 28  ? 11.929  -2.160  9.377   1.00 21.93 ? 35  ALA A CA  1 
ATOM   231  C  C   . ALA A 1 28  ? 12.547  -0.767  9.272   1.00 22.53 ? 35  ALA A C   1 
ATOM   232  O  O   . ALA A 1 28  ? 13.785  -0.643  9.302   1.00 22.41 ? 35  ALA A O   1 
ATOM   233  C  CB  . ALA A 1 28  ? 11.809  -2.809  7.982   1.00 22.51 ? 35  ALA A CB  1 
ATOM   234  N  N   . ILE A 1 29  ? 11.699  0.267   9.133   1.00 21.47 ? 36  ILE A N   1 
ATOM   235  C  CA  . ILE A 1 29  ? 12.187  1.645   8.989   1.00 22.29 ? 36  ILE A CA  1 
ATOM   236  C  C   . ILE A 1 29  ? 12.119  2.421   10.302  1.00 22.76 ? 36  ILE A C   1 
ATOM   237  O  O   . ILE A 1 29  ? 12.433  3.597   10.349  1.00 22.17 ? 36  ILE A O   1 
ATOM   238  C  CB  . ILE A 1 29  ? 11.432  2.408   7.862   1.00 22.22 ? 36  ILE A CB  1 
ATOM   239  C  CG1 . ILE A 1 29  ? 9.945   2.561   8.226   1.00 20.51 ? 36  ILE A CG1 1 
ATOM   240  C  CG2 . ILE A 1 29  ? 11.637  1.664   6.509   1.00 22.31 ? 36  ILE A CG2 1 
ATOM   241  C  CD1 . ILE A 1 29  ? 9.235   3.771   7.627   1.00 23.49 ? 36  ILE A CD1 1 
ATOM   242  N  N   . LYS A 1 30  ? 11.718  1.761   11.384  1.00 24.46 ? 37  LYS A N   1 
ATOM   243  C  CA  . LYS A 1 30  ? 11.548  2.476   12.655  1.00 26.89 ? 37  LYS A CA  1 
ATOM   244  C  C   . LYS A 1 30  ? 12.815  3.214   13.173  1.00 27.24 ? 37  LYS A C   1 
ATOM   245  O  O   . LYS A 1 30  ? 12.716  4.358   13.625  1.00 26.92 ? 37  LYS A O   1 
ATOM   246  C  CB  . LYS A 1 30  ? 10.947  1.542   13.717  1.00 27.24 ? 37  LYS A CB  1 
ATOM   247  C  CG  . LYS A 1 30  ? 10.554  2.248   14.985  1.00 32.59 ? 37  LYS A CG  1 
ATOM   248  C  CD  . LYS A 1 30  ? 9.552   1.431   15.804  1.00 38.29 ? 37  LYS A CD  1 
ATOM   249  C  CE  . LYS A 1 30  ? 9.064   2.268   17.008  1.00 40.89 ? 37  LYS A CE  1 
ATOM   250  N  NZ  . LYS A 1 30  ? 10.160  2.493   17.964  1.00 42.54 ? 37  LYS A NZ  1 
ATOM   251  N  N   . PRO A 1 31  ? 14.001  2.572   13.104  1.00 28.04 ? 38  PRO A N   1 
ATOM   252  C  CA  . PRO A 1 31  ? 15.234  3.269   13.555  1.00 28.62 ? 38  PRO A CA  1 
ATOM   253  C  C   . PRO A 1 31  ? 15.422  4.578   12.792  1.00 28.35 ? 38  PRO A C   1 
ATOM   254  O  O   . PRO A 1 31  ? 15.688  5.626   13.401  1.00 28.17 ? 38  PRO A O   1 
ATOM   255  C  CB  . PRO A 1 31  ? 16.346  2.293   13.163  1.00 28.77 ? 38  PRO A CB  1 
ATOM   256  C  CG  . PRO A 1 31  ? 15.668  0.936   13.208  1.00 30.87 ? 38  PRO A CG  1 
ATOM   257  C  CD  . PRO A 1 31  ? 14.282  1.186   12.675  1.00 27.23 ? 38  PRO A CD  1 
ATOM   258  N  N   . LEU A 1 32  ? 15.207  4.530   11.474  1.00 27.25 ? 39  LEU A N   1 
ATOM   259  C  CA  . LEU A 1 32  ? 15.292  5.728   10.632  1.00 26.26 ? 39  LEU A CA  1 
ATOM   260  C  C   . LEU A 1 32  ? 14.204  6.766   10.914  1.00 26.28 ? 39  LEU A C   1 
ATOM   261  O  O   . LEU A 1 32  ? 14.495  7.975   11.036  1.00 26.36 ? 39  LEU A O   1 
ATOM   262  C  CB  . LEU A 1 32  ? 15.257  5.320   9.161   1.00 26.29 ? 39  LEU A CB  1 
ATOM   263  C  CG  . LEU A 1 32  ? 16.448  4.569   8.580   1.00 26.15 ? 39  LEU A CG  1 
ATOM   264  C  CD1 . LEU A 1 32  ? 16.069  3.927   7.224   1.00 27.04 ? 39  LEU A CD1 1 
ATOM   265  C  CD2 . LEU A 1 32  ? 17.673  5.460   8.408   1.00 27.43 ? 39  LEU A CD2 1 
ATOM   266  N  N   . TYR A 1 33  ? 12.960  6.308   11.010  1.00 25.30 ? 40  TYR A N   1 
ATOM   267  C  CA  . TYR A 1 33  ? 11.811  7.162   11.263  1.00 26.18 ? 40  TYR A CA  1 
ATOM   268  C  C   . TYR A 1 33  ? 11.981  7.895   12.597  1.00 27.97 ? 40  TYR A C   1 
ATOM   269  O  O   . TYR A 1 33  ? 11.800  9.109   12.652  1.00 27.73 ? 40  TYR A O   1 
ATOM   270  C  CB  . TYR A 1 33  ? 10.546  6.306   11.319  1.00 25.35 ? 40  TYR A CB  1 
ATOM   271  C  CG  . TYR A 1 33  ? 9.217   7.051   11.335  1.00 25.29 ? 40  TYR A CG  1 
ATOM   272  C  CD1 . TYR A 1 33  ? 8.763   7.748   10.198  1.00 23.78 ? 40  TYR A CD1 1 
ATOM   273  C  CD2 . TYR A 1 33  ? 8.376   6.988   12.453  1.00 25.34 ? 40  TYR A CD2 1 
ATOM   274  C  CE1 . TYR A 1 33  ? 7.522   8.405   10.188  1.00 25.07 ? 40  TYR A CE1 1 
ATOM   275  C  CE2 . TYR A 1 33  ? 7.125   7.651   12.456  1.00 26.14 ? 40  TYR A CE2 1 
ATOM   276  C  CZ  . TYR A 1 33  ? 6.713   8.348   11.309  1.00 25.94 ? 40  TYR A CZ  1 
ATOM   277  O  OH  . TYR A 1 33  ? 5.474   8.966   11.308  1.00 26.58 ? 40  TYR A OH  1 
ATOM   278  N  N   . ASP A 1 34  ? 12.311  7.136   13.645  1.00 29.24 ? 41  ASP A N   1 
ATOM   279  C  CA  . ASP A 1 34  ? 12.453  7.678   14.995  1.00 31.82 ? 41  ASP A CA  1 
ATOM   280  C  C   . ASP A 1 34  ? 13.587  8.718   15.100  1.00 32.76 ? 41  ASP A C   1 
ATOM   281  O  O   . ASP A 1 34  ? 13.416  9.730   15.782  1.00 34.01 ? 41  ASP A O   1 
ATOM   282  C  CB  . ASP A 1 34  ? 12.622  6.557   16.033  1.00 31.07 ? 41  ASP A CB  1 
ATOM   283  C  CG  . ASP A 1 34  ? 11.326  5.790   16.293  1.00 33.37 ? 41  ASP A CG  1 
ATOM   284  O  OD1 . ASP A 1 34  ? 10.241  6.209   15.842  1.00 35.66 ? 41  ASP A OD1 1 
ATOM   285  O  OD2 . ASP A 1 34  ? 11.371  4.744   16.960  1.00 35.61 ? 41  ASP A OD2 1 
ATOM   286  N  N   . SER A 1 35  ? 14.716  8.466   14.431  1.00 32.80 ? 42  SER A N   1 
ATOM   287  C  CA  . SER A 1 35  ? 15.880  9.355   14.459  1.00 33.72 ? 42  SER A CA  1 
ATOM   288  C  C   . SER A 1 35  ? 15.912  10.447  13.382  1.00 34.21 ? 42  SER A C   1 
ATOM   289  O  O   . SER A 1 35  ? 16.907  11.178  13.262  1.00 33.67 ? 42  SER A O   1 
ATOM   290  C  CB  . SER A 1 35  ? 17.175  8.538   14.359  1.00 33.78 ? 42  SER A CB  1 
ATOM   291  O  OG  . SER A 1 35  ? 17.339  7.983   13.063  1.00 32.99 ? 42  SER A OG  1 
ATOM   292  N  N   . ASP A 1 36  ? 14.846  10.546  12.593  1.00 33.85 ? 43  ASP A N   1 
ATOM   293  C  CA  . ASP A 1 36  ? 14.818  11.474  11.482  1.00 34.93 ? 43  ASP A CA  1 
ATOM   294  C  C   . ASP A 1 36  ? 14.875  12.930  11.967  1.00 36.60 ? 43  ASP A C   1 
ATOM   295  O  O   . ASP A 1 36  ? 14.251  13.280  12.980  1.00 36.72 ? 43  ASP A O   1 
ATOM   296  C  CB  . ASP A 1 36  ? 13.539  11.271  10.678  1.00 34.09 ? 43  ASP A CB  1 
ATOM   297  C  CG  . ASP A 1 36  ? 13.453  12.186  9.489   1.00 34.27 ? 43  ASP A CG  1 
ATOM   298  O  OD1 . ASP A 1 36  ? 14.261  12.013  8.555   1.00 32.37 ? 43  ASP A OD1 1 
ATOM   299  O  OD2 . ASP A 1 36  ? 12.578  13.087  9.485   1.00 34.05 ? 43  ASP A OD2 1 
ATOM   300  N  N   . VAL A 1 37  ? 15.594  13.767  11.220  1.00 37.66 ? 44  VAL A N   1 
ATOM   301  C  CA  . VAL A 1 37  ? 15.586  15.220  11.450  1.00 39.36 ? 44  VAL A CA  1 
ATOM   302  C  C   . VAL A 1 37  ? 15.169  15.886  10.140  1.00 39.45 ? 44  VAL A C   1 
ATOM   303  O  O   . VAL A 1 37  ? 15.934  15.900  9.175   1.00 39.28 ? 44  VAL A O   1 
ATOM   304  C  CB  . VAL A 1 37  ? 16.969  15.769  11.929  1.00 39.63 ? 44  VAL A CB  1 
ATOM   305  C  CG1 . VAL A 1 37  ? 16.944  17.309  12.037  1.00 41.56 ? 44  VAL A CG1 1 
ATOM   306  C  CG2 . VAL A 1 37  ? 17.368  15.142  13.269  1.00 41.42 ? 44  VAL A CG2 1 
ATOM   307  N  N   . ASN A 1 38  ? 13.944  16.400  10.116  1.00 39.90 ? 45  ASN A N   1 
ATOM   308  C  CA  . ASN A 1 38  ? 13.400  17.115  8.955   1.00 41.17 ? 45  ASN A CA  1 
ATOM   309  C  C   . ASN A 1 38  ? 13.592  16.386  7.619   1.00 40.12 ? 45  ASN A C   1 
ATOM   310  O  O   . ASN A 1 38  ? 14.003  16.984  6.606   1.00 39.86 ? 45  ASN A O   1 
ATOM   311  C  CB  . ASN A 1 38  ? 13.969  18.542  8.880   1.00 41.92 ? 45  ASN A CB  1 
ATOM   312  C  CG  . ASN A 1 38  ? 13.015  19.509  8.188   1.00 46.77 ? 45  ASN A CG  1 
ATOM   313  O  OD1 . ASN A 1 38  ? 11.804  19.537  8.495   1.00 51.04 ? 45  ASN A OD1 1 
ATOM   314  N  ND2 . ASN A 1 38  ? 13.543  20.302  7.238   1.00 48.76 ? 45  ASN A ND2 1 
ATOM   315  N  N   . GLY A 1 39  ? 13.301  15.084  7.619   1.00 38.52 ? 46  GLY A N   1 
ATOM   316  C  CA  . GLY A 1 39  ? 13.273  14.333  6.371   1.00 36.43 ? 46  GLY A CA  1 
ATOM   317  C  C   . GLY A 1 39  ? 14.607  13.755  5.962   1.00 35.52 ? 46  GLY A C   1 
ATOM   318  O  O   . GLY A 1 39  ? 14.708  13.121  4.901   1.00 34.40 ? 46  GLY A O   1 
ATOM   319  N  N   . SER A 1 40  ? 15.622  13.939  6.813   1.00 34.69 ? 47  SER A N   1 
ATOM   320  C  CA  . SER A 1 40  ? 16.972  13.412  6.574   1.00 34.50 ? 47  SER A CA  1 
ATOM   321  C  C   . SER A 1 40  ? 17.019  11.927  6.187   1.00 33.44 ? 47  SER A C   1 
ATOM   322  O  O   . SER A 1 40  ? 17.866  11.511  5.394   1.00 33.93 ? 47  SER A O   1 
ATOM   323  C  CB  . SER A 1 40  ? 17.887  13.638  7.800   1.00 35.58 ? 47  SER A CB  1 
ATOM   324  O  OG  . SER A 1 40  ? 17.376  13.009  8.983   1.00 36.58 ? 47  SER A OG  1 
ATOM   325  N  N   . ASN A 1 41  ? 16.112  11.133  6.743   1.00 31.16 ? 48  ASN A N   1 
ATOM   326  C  CA  . ASN A 1 41  ? 16.208  9.680   6.606   1.00 30.28 ? 48  ASN A CA  1 
ATOM   327  C  C   . ASN A 1 41  ? 15.202  9.083   5.620   1.00 28.92 ? 48  ASN A C   1 
ATOM   328  O  O   . ASN A 1 41  ? 15.148  7.857   5.458   1.00 28.31 ? 48  ASN A O   1 
ATOM   329  C  CB  . ASN A 1 41  ? 16.038  9.027   7.986   1.00 30.07 ? 48  ASN A CB  1 
ATOM   330  C  CG  . ASN A 1 41  ? 17.291  9.145   8.841   1.00 30.98 ? 48  ASN A CG  1 
ATOM   331  O  OD1 . ASN A 1 41  ? 18.411  9.292   8.320   1.00 31.12 ? 48  ASN A OD1 1 
ATOM   332  N  ND2 . ASN A 1 41  ? 17.115  9.060   10.158  1.00 29.12 ? 48  ASN A ND2 1 
ATOM   333  N  N   . LYS A 1 42  ? 14.409  9.941   4.972   1.00 28.55 ? 49  LYS A N   1 
ATOM   334  C  CA  . LYS A 1 42  ? 13.343  9.470   4.081   1.00 27.94 ? 49  LYS A CA  1 
ATOM   335  C  C   . LYS A 1 42  ? 13.923  8.670   2.925   1.00 27.76 ? 49  LYS A C   1 
ATOM   336  O  O   . LYS A 1 42  ? 13.384  7.612   2.555   1.00 27.04 ? 49  LYS A O   1 
ATOM   337  C  CB  . LYS A 1 42  ? 12.543  10.639  3.519   1.00 28.53 ? 49  LYS A CB  1 
ATOM   338  C  CG  . LYS A 1 42  ? 11.509  11.239  4.434   1.00 29.73 ? 49  LYS A CG  1 
ATOM   339  C  CD  . LYS A 1 42  ? 10.931  12.425  3.676   1.00 33.60 ? 49  LYS A CD  1 
ATOM   340  C  CE  . LYS A 1 42  ? 9.582   12.835  4.131   1.00 34.17 ? 49  LYS A CE  1 
ATOM   341  N  NZ  . LYS A 1 42  ? 9.156   14.026  3.282   1.00 35.87 ? 49  LYS A NZ  1 
ATOM   342  N  N   . GLN A 1 43  ? 15.033  9.159   2.357   1.00 26.77 ? 50  GLN A N   1 
ATOM   343  C  CA  . GLN A 1 43  ? 15.641  8.478   1.231   1.00 27.28 ? 50  GLN A CA  1 
ATOM   344  C  C   . GLN A 1 43  ? 16.090  7.073   1.614   1.00 26.39 ? 50  GLN A C   1 
ATOM   345  O  O   . GLN A 1 43  ? 15.865  6.110   0.865   1.00 25.69 ? 50  GLN A O   1 
ATOM   346  C  CB  . GLN A 1 43  ? 16.818  9.280   0.641   1.00 27.84 ? 50  GLN A CB  1 
ATOM   347  C  CG  . GLN A 1 43  ? 17.500  8.582   -0.506  1.00 31.47 ? 50  GLN A CG  1 
ATOM   348  C  CD  . GLN A 1 43  ? 16.558  8.403   -1.719  1.00 36.84 ? 50  GLN A CD  1 
ATOM   349  O  OE1 . GLN A 1 43  ? 15.799  9.313   -2.072  1.00 36.11 ? 50  GLN A OE1 1 
ATOM   350  N  NE2 . GLN A 1 43  ? 16.603  7.215   -2.341  1.00 39.49 ? 50  GLN A NE2 1 
ATOM   351  N  N   . ALA A 1 44  ? 16.738  6.953   2.767   1.00 25.24 ? 51  ALA A N   1 
ATOM   352  C  CA  . ALA A 1 44  ? 17.184  5.633   3.230   1.00 24.63 ? 51  ALA A CA  1 
ATOM   353  C  C   . ALA A 1 44  ? 16.000  4.679   3.521   1.00 22.92 ? 51  ALA A C   1 
ATOM   354  O  O   . ALA A 1 44  ? 16.085  3.453   3.281   1.00 21.18 ? 51  ALA A O   1 
ATOM   355  C  CB  . ALA A 1 44  ? 18.084  5.783   4.477   1.00 24.79 ? 51  ALA A CB  1 
ATOM   356  N  N   . ALA A 1 45  ? 14.917  5.237   4.068   1.00 22.40 ? 52  ALA A N   1 
ATOM   357  C  CA  . ALA A 1 45  ? 13.707  4.440   4.319   1.00 21.27 ? 52  ALA A CA  1 
ATOM   358  C  C   . ALA A 1 45  ? 13.059  4.002   3.006   1.00 21.41 ? 52  ALA A C   1 
ATOM   359  O  O   . ALA A 1 45  ? 12.608  2.865   2.889   1.00 20.34 ? 52  ALA A O   1 
ATOM   360  C  CB  . ALA A 1 45  ? 12.717  5.214   5.171   1.00 21.90 ? 52  ALA A CB  1 
ATOM   361  N  N   . LYS A 1 46  ? 12.985  4.897   2.021   1.00 21.85 ? 53  LYS A N   1 
ATOM   362  C  CA  . LYS A 1 46  ? 12.512  4.498   0.695   1.00 22.62 ? 53  LYS A CA  1 
ATOM   363  C  C   . LYS A 1 46  ? 13.256  3.329   0.114   1.00 22.07 ? 53  LYS A C   1 
ATOM   364  O  O   . LYS A 1 46  ? 12.623  2.429   -0.432  1.00 21.13 ? 53  LYS A O   1 
ATOM   365  C  CB  . LYS A 1 46  ? 12.565  5.640   -0.349  1.00 24.45 ? 53  LYS A CB  1 
ATOM   366  C  CG  . LYS A 1 46  ? 11.595  6.758   -0.129  1.00 27.25 ? 53  LYS A CG  1 
ATOM   367  C  CD  . LYS A 1 46  ? 11.854  7.863   -1.191  1.00 30.29 ? 53  LYS A CD  1 
ATOM   368  C  CE  . LYS A 1 46  ? 11.779  7.287   -2.622  1.00 33.64 ? 53  LYS A CE  1 
ATOM   369  N  NZ  . LYS A 1 46  ? 11.943  8.342   -3.680  1.00 38.74 ? 53  LYS A NZ  1 
ATOM   370  N  N   A GLU A 1 47  ? 14.580  3.318   0.236   0.50 22.20 ? 54  GLU A N   1 
ATOM   371  N  N   B GLU A 1 47  ? 14.596  3.321   0.185   0.50 22.16 ? 54  GLU A N   1 
ATOM   372  C  CA  A GLU A 1 47  ? 15.377  2.235   -0.341  0.50 22.46 ? 54  GLU A CA  1 
ATOM   373  C  CA  B GLU A 1 47  ? 15.343  2.176   -0.383  0.50 22.40 ? 54  GLU A CA  1 
ATOM   374  C  C   A GLU A 1 47  ? 15.119  0.852   0.274   0.50 21.89 ? 54  GLU A C   1 
ATOM   375  C  C   B GLU A 1 47  ? 14.917  0.852   0.240   0.50 21.79 ? 54  GLU A C   1 
ATOM   376  O  O   A GLU A 1 47  ? 15.150  -0.184  -0.428  0.50 21.07 ? 54  GLU A O   1 
ATOM   377  O  O   B GLU A 1 47  ? 14.679  -0.152  -0.480  0.50 20.73 ? 54  GLU A O   1 
ATOM   378  C  CB  A GLU A 1 47  ? 16.854  2.629   -0.318  0.50 23.01 ? 54  GLU A CB  1 
ATOM   379  C  CB  B GLU A 1 47  ? 16.880  2.309   -0.294  0.50 23.02 ? 54  GLU A CB  1 
ATOM   380  C  CG  A GLU A 1 47  ? 17.086  3.813   -1.243  0.50 25.43 ? 54  GLU A CG  1 
ATOM   381  C  CG  B GLU A 1 47  ? 17.561  0.962   -0.642  0.50 25.61 ? 54  GLU A CG  1 
ATOM   382  C  CD  A GLU A 1 47  ? 18.482  4.374   -1.155  0.50 29.67 ? 54  GLU A CD  1 
ATOM   383  C  CD  B GLU A 1 47  ? 18.959  1.061   -1.254  0.50 30.56 ? 54  GLU A CD  1 
ATOM   384  O  OE1 A GLU A 1 47  ? 19.373  3.671   -0.617  0.50 31.68 ? 54  GLU A OE1 1 
ATOM   385  O  OE1 B GLU A 1 47  ? 19.136  0.589   -2.408  0.50 34.53 ? 54  GLU A OE1 1 
ATOM   386  O  OE2 A GLU A 1 47  ? 18.676  5.513   -1.634  0.50 31.16 ? 54  GLU A OE2 1 
ATOM   387  O  OE2 B GLU A 1 47  ? 19.886  1.565   -0.591  0.50 29.17 ? 54  GLU A OE2 1 
ATOM   388  N  N   . ILE A 1 48  ? 14.829  0.835   1.570   1.00 20.78 ? 55  ILE A N   1 
ATOM   389  C  CA  . ILE A 1 48  ? 14.441  -0.382  2.261   1.00 20.91 ? 55  ILE A CA  1 
ATOM   390  C  C   . ILE A 1 48  ? 13.023  -0.815  1.839   1.00 20.06 ? 55  ILE A C   1 
ATOM   391  O  O   . ILE A 1 48  ? 12.793  -1.976  1.485   1.00 20.51 ? 55  ILE A O   1 
ATOM   392  C  CB  . ILE A 1 48  ? 14.476  -0.194  3.807   1.00 20.88 ? 55  ILE A CB  1 
ATOM   393  C  CG1 . ILE A 1 48  ? 15.935  0.033   4.271   1.00 22.95 ? 55  ILE A CG1 1 
ATOM   394  C  CG2 . ILE A 1 48  ? 13.851  -1.409  4.479   1.00 19.34 ? 55  ILE A CG2 1 
ATOM   395  C  CD1 . ILE A 1 48  ? 16.040  0.610   5.648   1.00 22.59 ? 55  ILE A CD1 1 
ATOM   396  N  N   . LEU A 1 49  ? 12.070  0.108   1.869   1.00 19.90 ? 56  LEU A N   1 
ATOM   397  C  CA  . LEU A 1 49  ? 10.675  -0.329  1.627   1.00 19.62 ? 56  LEU A CA  1 
ATOM   398  C  C   . LEU A 1 49  ? 10.467  -0.752  0.173   1.00 19.55 ? 56  LEU A C   1 
ATOM   399  O  O   . LEU A 1 49  ? 9.693   -1.668  -0.104  1.00 18.64 ? 56  LEU A O   1 
ATOM   400  C  CB  . LEU A 1 49  ? 9.693   0.784   1.980   1.00 19.70 ? 56  LEU A CB  1 
ATOM   401  C  CG  . LEU A 1 49  ? 9.539   1.118   3.486   1.00 19.32 ? 56  LEU A CG  1 
ATOM   402  C  CD1 . LEU A 1 49  ? 8.946   2.517   3.628   1.00 19.53 ? 56  LEU A CD1 1 
ATOM   403  C  CD2 . LEU A 1 49  ? 8.659   0.066   4.141   1.00 17.29 ? 56  LEU A CD2 1 
ATOM   404  N  N   . LYS A 1 50  ? 11.156  -0.099  -0.758  1.00 19.16 ? 57  LYS A N   1 
ATOM   405  C  CA  . LYS A 1 50  ? 11.046  -0.491  -2.164  1.00 19.18 ? 57  LYS A CA  1 
ATOM   406  C  C   . LYS A 1 50  ? 11.689  -1.830  -2.505  1.00 20.41 ? 57  LYS A C   1 
ATOM   407  O  O   . LYS A 1 50  ? 11.320  -2.459  -3.490  1.00 20.70 ? 57  LYS A O   1 
ATOM   408  C  CB  . LYS A 1 50  ? 11.636  0.606   -3.053  1.00 19.07 ? 57  LYS A CB  1 
ATOM   409  C  CG  . LYS A 1 50  ? 10.696  1.817   -3.154  1.00 19.76 ? 57  LYS A CG  1 
ATOM   410  C  CD  . LYS A 1 50  ? 11.397  3.004   -3.842  1.00 23.47 ? 57  LYS A CD  1 
ATOM   411  C  CE  . LYS A 1 50  ? 11.762  2.727   -5.273  1.00 22.67 ? 57  LYS A CE  1 
ATOM   412  N  NZ  . LYS A 1 50  ? 12.348  3.997   -5.833  1.00 24.01 ? 57  LYS A NZ  1 
ATOM   413  N  N   . ALA A 1 51  ? 12.634  -2.283  -1.685  1.00 20.70 ? 58  ALA A N   1 
ATOM   414  C  CA  . ALA A 1 51  ? 13.220  -3.625  -1.896  1.00 21.02 ? 58  ALA A CA  1 
ATOM   415  C  C   . ALA A 1 51  ? 12.380  -4.781  -1.327  1.00 21.00 ? 58  ALA A C   1 
ATOM   416  O  O   . ALA A 1 51  ? 12.474  -5.936  -1.800  1.00 19.95 ? 58  ALA A O   1 
ATOM   417  C  CB  . ALA A 1 51  ? 14.619  -3.651  -1.296  1.00 20.64 ? 58  ALA A CB  1 
HETATM 418  N  N   . MSE A 1 52  ? 11.575  -4.501  -0.293  1.00 20.48 ? 59  MSE A N   1 
HETATM 419  C  CA  . MSE A 1 52  ? 10.815  -5.556  0.382   1.00 21.05 ? 59  MSE A CA  1 
HETATM 420  C  C   . MSE A 1 52  ? 9.735   -6.263  -0.447  1.00 21.66 ? 59  MSE A C   1 
HETATM 421  O  O   . MSE A 1 52  ? 8.954   -5.624  -1.195  1.00 21.69 ? 59  MSE A O   1 
HETATM 422  C  CB  . MSE A 1 52  ? 10.182  -5.019  1.690   1.00 20.73 ? 59  MSE A CB  1 
HETATM 423  C  CG  . MSE A 1 52  ? 11.248  -4.732  2.728   1.00 21.97 ? 59  MSE A CG  1 
HETATM 424  SE SE  . MSE A 1 52  ? 10.580  -3.763  4.276   0.70 26.08 ? 59  MSE A SE  1 
HETATM 425  C  CE  . MSE A 1 52  ? 9.714   -5.242  5.062   1.00 24.73 ? 59  MSE A CE  1 
ATOM   426  N  N   . ARG A 1 53  ? 9.685   -7.588  -0.305  1.00 20.92 ? 60  ARG A N   1 
ATOM   427  C  CA  . ARG A 1 53  ? 8.600   -8.381  -0.916  1.00 20.36 ? 60  ARG A CA  1 
ATOM   428  C  C   . ARG A 1 53  ? 8.131   -9.454  0.039   1.00 21.14 ? 60  ARG A C   1 
ATOM   429  O  O   . ARG A 1 53  ? 8.965   -10.059 0.729   1.00 21.28 ? 60  ARG A O   1 
ATOM   430  C  CB  . ARG A 1 53  ? 9.097   -9.085  -2.203  1.00 20.34 ? 60  ARG A CB  1 
ATOM   431  C  CG  . ARG A 1 53  ? 9.613   -8.136  -3.276  1.00 20.22 ? 60  ARG A CG  1 
ATOM   432  C  CD  . ARG A 1 53  ? 8.437   -7.455  -4.029  1.00 21.29 ? 60  ARG A CD  1 
ATOM   433  N  NE  . ARG A 1 53  ? 8.950   -6.691  -5.177  1.00 21.42 ? 60  ARG A NE  1 
ATOM   434  C  CZ  . ARG A 1 53  ? 9.612   -5.540  -5.079  1.00 22.94 ? 60  ARG A CZ  1 
ATOM   435  N  NH1 . ARG A 1 53  ? 9.824   -4.972  -3.878  1.00 19.74 ? 60  ARG A NH1 1 
ATOM   436  N  NH2 . ARG A 1 53  ? 10.020  -4.921  -6.191  1.00 22.11 ? 60  ARG A NH2 1 
ATOM   437  N  N   . PHE A 1 54  ? 6.821   -9.722  0.072   1.00 20.47 ? 61  PHE A N   1 
ATOM   438  C  CA  . PHE A 1 54  ? 6.347   -10.958 0.704   1.00 21.75 ? 61  PHE A CA  1 
ATOM   439  C  C   . PHE A 1 54  ? 5.926   -12.043 -0.307  1.00 23.17 ? 61  PHE A C   1 
ATOM   440  O  O   . PHE A 1 54  ? 5.597   -13.171 0.081   1.00 23.89 ? 61  PHE A O   1 
ATOM   441  C  CB  . PHE A 1 54  ? 5.244   -10.690 1.753   1.00 21.71 ? 61  PHE A CB  1 
ATOM   442  C  CG  . PHE A 1 54  ? 4.024   -9.924  1.220   1.00 21.68 ? 61  PHE A CG  1 
ATOM   443  C  CD1 . PHE A 1 54  ? 2.953   -10.606 0.642   1.00 22.96 ? 61  PHE A CD1 1 
ATOM   444  C  CD2 . PHE A 1 54  ? 3.954   -8.548  1.319   1.00 22.31 ? 61  PHE A CD2 1 
ATOM   445  C  CE1 . PHE A 1 54  ? 1.801   -9.896  0.156   1.00 23.33 ? 61  PHE A CE1 1 
ATOM   446  C  CE2 . PHE A 1 54  ? 2.790   -7.826  0.836   1.00 23.76 ? 61  PHE A CE2 1 
ATOM   447  C  CZ  . PHE A 1 54  ? 1.736   -8.518  0.262   1.00 20.56 ? 61  PHE A CZ  1 
ATOM   448  N  N   . GLU A 1 55  ? 5.920   -11.663 -1.586  1.00 24.52 ? 62  GLU A N   1 
ATOM   449  C  CA  . GLU A 1 55  ? 5.787   -12.545 -2.750  1.00 25.71 ? 62  GLU A CA  1 
ATOM   450  C  C   . GLU A 1 55  ? 5.999   -11.629 -3.959  1.00 25.23 ? 62  GLU A C   1 
ATOM   451  O  O   . GLU A 1 55  ? 6.146   -10.406 -3.821  1.00 24.10 ? 62  GLU A O   1 
ATOM   452  C  CB  . GLU A 1 55  ? 4.421   -13.246 -2.805  1.00 26.54 ? 62  GLU A CB  1 
ATOM   453  C  CG  . GLU A 1 55  ? 3.218   -12.270 -2.807  1.00 29.36 ? 62  GLU A CG  1 
ATOM   454  C  CD  . GLU A 1 55  ? 1.868   -12.996 -2.866  1.00 37.78 ? 62  GLU A CD  1 
ATOM   455  O  OE1 . GLU A 1 55  ? 1.569   -13.609 -3.914  1.00 39.93 ? 62  GLU A OE1 1 
ATOM   456  O  OE2 . GLU A 1 55  ? 1.113   -12.946 -1.872  1.00 42.18 ? 62  GLU A OE2 1 
ATOM   457  N  N   . SER A 1 56  ? 6.053   -12.206 -5.151  1.00 24.86 ? 63  SER A N   1 
ATOM   458  C  CA  . SER A 1 56  ? 6.294   -11.401 -6.349  1.00 24.89 ? 63  SER A CA  1 
ATOM   459  C  C   . SER A 1 56  ? 5.312   -10.233 -6.494  1.00 23.40 ? 63  SER A C   1 
ATOM   460  O  O   . SER A 1 56  ? 5.709   -9.110  -6.911  1.00 23.83 ? 63  SER A O   1 
ATOM   461  C  CB  . SER A 1 56  ? 6.273   -12.279 -7.604  1.00 26.10 ? 63  SER A CB  1 
ATOM   462  O  OG  . SER A 1 56  ? 7.480   -13.036 -7.650  1.00 32.75 ? 63  SER A OG  1 
ATOM   463  N  N   . ASP A 1 57  ? 4.066   -10.459 -6.068  1.00 21.25 ? 64  ASP A N   1 
ATOM   464  C  CA  . ASP A 1 57  ? 3.030   -9.417  -6.184  1.00 20.77 ? 64  ASP A CA  1 
ATOM   465  C  C   . ASP A 1 57  ? 2.837   -8.627  -4.884  1.00 19.57 ? 64  ASP A C   1 
ATOM   466  O  O   . ASP A 1 57  ? 1.874   -7.895  -4.760  1.00 18.55 ? 64  ASP A O   1 
ATOM   467  C  CB  . ASP A 1 57  ? 1.702   -10.071 -6.552  1.00 20.43 ? 64  ASP A CB  1 
ATOM   468  C  CG  . ASP A 1 57  ? 1.697   -10.594 -7.992  1.00 22.25 ? 64  ASP A CG  1 
ATOM   469  O  OD1 . ASP A 1 57  ? 2.182   -9.869  -8.878  1.00 22.60 ? 64  ASP A OD1 1 
ATOM   470  O  OD2 . ASP A 1 57  ? 1.203   -11.712 -8.228  1.00 23.14 ? 64  ASP A OD2 1 
ATOM   471  N  N   . GLY A 1 58  ? 3.736   -8.817  -3.930  1.00 18.43 ? 65  GLY A N   1 
ATOM   472  C  CA  . GLY A 1 58  ? 3.552   -8.307  -2.567  1.00 18.51 ? 65  GLY A CA  1 
ATOM   473  C  C   . GLY A 1 58  ? 4.586   -7.245  -2.265  1.00 18.54 ? 65  GLY A C   1 
ATOM   474  O  O   . GLY A 1 58  ? 5.718   -7.577  -1.911  1.00 19.37 ? 65  GLY A O   1 
ATOM   475  N  N   . TYR A 1 59  ? 4.203   -5.961  -2.379  1.00 17.08 ? 66  TYR A N   1 
ATOM   476  C  CA  . TYR A 1 59  ? 5.158   -4.846  -2.336  1.00 16.40 ? 66  TYR A CA  1 
ATOM   477  C  C   . TYR A 1 59  ? 4.524   -3.605  -1.710  1.00 16.32 ? 66  TYR A C   1 
ATOM   478  O  O   . TYR A 1 59  ? 3.292   -3.560  -1.515  1.00 15.52 ? 66  TYR A O   1 
ATOM   479  C  CB  . TYR A 1 59  ? 5.604   -4.484  -3.789  1.00 16.00 ? 66  TYR A CB  1 
ATOM   480  C  CG  . TYR A 1 59  ? 4.438   -3.983  -4.649  1.00 15.79 ? 66  TYR A CG  1 
ATOM   481  C  CD1 . TYR A 1 59  ? 4.104   -2.626  -4.680  1.00 16.98 ? 66  TYR A CD1 1 
ATOM   482  C  CD2 . TYR A 1 59  ? 3.644   -4.884  -5.386  1.00 16.83 ? 66  TYR A CD2 1 
ATOM   483  C  CE1 . TYR A 1 59  ? 3.020   -2.142  -5.463  1.00 16.73 ? 66  TYR A CE1 1 
ATOM   484  C  CE2 . TYR A 1 59  ? 2.549   -4.439  -6.188  1.00 17.51 ? 66  TYR A CE2 1 
ATOM   485  C  CZ  . TYR A 1 59  ? 2.257   -3.049  -6.213  1.00 15.90 ? 66  TYR A CZ  1 
ATOM   486  O  OH  . TYR A 1 59  ? 1.200   -2.597  -6.971  1.00 16.33 ? 66  TYR A OH  1 
ATOM   487  N  N   . PHE A 1 60  ? 5.366   -2.605  -1.409  1.00 16.40 ? 67  PHE A N   1 
ATOM   488  C  CA  . PHE A 1 60  ? 4.904   -1.337  -0.833  1.00 16.65 ? 67  PHE A CA  1 
ATOM   489  C  C   . PHE A 1 60  ? 4.830   -0.174  -1.822  1.00 17.60 ? 67  PHE A C   1 
ATOM   490  O  O   . PHE A 1 60  ? 5.627   -0.094  -2.793  1.00 17.28 ? 67  PHE A O   1 
ATOM   491  C  CB  . PHE A 1 60  ? 5.837   -0.894  0.294   1.00 16.27 ? 67  PHE A CB  1 
ATOM   492  C  CG  . PHE A 1 60  ? 5.754   -1.744  1.510   1.00 17.28 ? 67  PHE A CG  1 
ATOM   493  C  CD1 . PHE A 1 60  ? 4.706   -1.581  2.420   1.00 17.85 ? 67  PHE A CD1 1 
ATOM   494  C  CD2 . PHE A 1 60  ? 6.733   -2.701  1.760   1.00 19.84 ? 67  PHE A CD2 1 
ATOM   495  C  CE1 . PHE A 1 60  ? 4.619   -2.360  3.573   1.00 20.98 ? 67  PHE A CE1 1 
ATOM   496  C  CE2 . PHE A 1 60  ? 6.673   -3.512  2.928   1.00 20.34 ? 67  PHE A CE2 1 
ATOM   497  C  CZ  . PHE A 1 60  ? 5.604   -3.353  3.835   1.00 22.56 ? 67  PHE A CZ  1 
ATOM   498  N  N   . PHE A 1 61  ? 3.896   0.737   -1.529  1.00 16.44 ? 68  PHE A N   1 
ATOM   499  C  CA  . PHE A 1 61  ? 3.801   2.028   -2.183  1.00 16.61 ? 68  PHE A CA  1 
ATOM   500  C  C   . PHE A 1 61  ? 3.536   3.067   -1.073  1.00 16.72 ? 68  PHE A C   1 
ATOM   501  O  O   . PHE A 1 61  ? 3.091   2.709   0.029   1.00 17.38 ? 68  PHE A O   1 
ATOM   502  C  CB  . PHE A 1 61  ? 2.646   2.030   -3.230  1.00 15.39 ? 68  PHE A CB  1 
ATOM   503  C  CG  . PHE A 1 61  ? 1.326   1.586   -2.656  1.00 17.43 ? 68  PHE A CG  1 
ATOM   504  C  CD1 . PHE A 1 61  ? 0.543   2.488   -1.899  1.00 17.84 ? 68  PHE A CD1 1 
ATOM   505  C  CD2 . PHE A 1 61  ? 0.845   0.288   -2.847  1.00 17.08 ? 68  PHE A CD2 1 
ATOM   506  C  CE1 . PHE A 1 61  ? -0.687  2.074   -1.358  1.00 19.36 ? 68  PHE A CE1 1 
ATOM   507  C  CE2 . PHE A 1 61  ? -0.379  -0.137  -2.287  1.00 18.81 ? 68  PHE A CE2 1 
ATOM   508  C  CZ  . PHE A 1 61  ? -1.151  0.768   -1.549  1.00 17.94 ? 68  PHE A CZ  1 
ATOM   509  N  N   . ALA A 1 62  ? 3.782   4.341   -1.360  1.00 17.03 ? 69  ALA A N   1 
ATOM   510  C  CA  . ALA A 1 62  ? 3.315   5.387   -0.429  1.00 18.14 ? 69  ALA A CA  1 
ATOM   511  C  C   . ALA A 1 62  ? 2.925   6.644   -1.162  1.00 17.82 ? 69  ALA A C   1 
ATOM   512  O  O   . ALA A 1 62  ? 3.501   6.941   -2.230  1.00 19.03 ? 69  ALA A O   1 
ATOM   513  C  CB  . ALA A 1 62  ? 4.378   5.683   0.668   1.00 16.06 ? 69  ALA A CB  1 
ATOM   514  N  N   . TYR A 1 63  ? 1.930   7.358   -0.617  1.00 17.94 ? 70  TYR A N   1 
ATOM   515  C  CA  . TYR A 1 63  ? 1.466   8.640   -1.181  1.00 18.89 ? 70  TYR A CA  1 
ATOM   516  C  C   . TYR A 1 63  ? 1.395   9.648   -0.049  1.00 19.29 ? 70  TYR A C   1 
ATOM   517  O  O   . TYR A 1 63  ? 1.146   9.247   1.086   1.00 19.38 ? 70  TYR A O   1 
ATOM   518  C  CB  . TYR A 1 63  ? 0.054   8.492   -1.799  1.00 18.58 ? 70  TYR A CB  1 
ATOM   519  C  CG  . TYR A 1 63  ? 0.053   7.585   -3.024  1.00 18.86 ? 70  TYR A CG  1 
ATOM   520  C  CD1 . TYR A 1 63  ? 0.149   8.118   -4.325  1.00 18.06 ? 70  TYR A CD1 1 
ATOM   521  C  CD2 . TYR A 1 63  ? -0.006  6.199   -2.870  1.00 16.48 ? 70  TYR A CD2 1 
ATOM   522  C  CE1 . TYR A 1 63  ? 0.176   7.273   -5.442  1.00 17.16 ? 70  TYR A CE1 1 
ATOM   523  C  CE2 . TYR A 1 63  ? -0.015  5.334   -4.006  1.00 18.10 ? 70  TYR A CE2 1 
ATOM   524  C  CZ  . TYR A 1 63  ? 0.113   5.898   -5.273  1.00 18.31 ? 70  TYR A CZ  1 
ATOM   525  O  OH  . TYR A 1 63  ? 0.131   5.073   -6.374  1.00 17.56 ? 70  TYR A OH  1 
ATOM   526  N  N   . ASP A 1 64  ? 1.603   10.935  -0.340  1.00 19.30 ? 71  ASP A N   1 
ATOM   527  C  CA  . ASP A 1 64  ? 1.345   11.950  0.685   1.00 19.99 ? 71  ASP A CA  1 
ATOM   528  C  C   . ASP A 1 64  ? -0.139  12.297  0.725   1.00 19.54 ? 71  ASP A C   1 
ATOM   529  O  O   . ASP A 1 64  ? -0.921  11.755  -0.043  1.00 19.55 ? 71  ASP A O   1 
ATOM   530  C  CB  . ASP A 1 64  ? 2.300   13.165  0.589   1.00 19.59 ? 71  ASP A CB  1 
ATOM   531  C  CG  . ASP A 1 64  ? 2.010   14.070  -0.609  1.00 23.81 ? 71  ASP A CG  1 
ATOM   532  O  OD1 . ASP A 1 64  ? 0.932   13.937  -1.218  1.00 23.77 ? 71  ASP A OD1 1 
ATOM   533  O  OD2 . ASP A 1 64  ? 2.884   14.932  -0.928  1.00 26.63 ? 71  ASP A OD2 1 
ATOM   534  N  N   . SER A 1 65  ? -0.544  13.187  1.630   1.00 20.13 ? 72  SER A N   1 
ATOM   535  C  CA  . SER A 1 65  ? -1.976  13.497  1.807   1.00 21.27 ? 72  SER A CA  1 
ATOM   536  C  C   . SER A 1 65  ? -2.595  14.234  0.620   1.00 21.82 ? 72  SER A C   1 
ATOM   537  O  O   . SER A 1 65  ? -3.834  14.228  0.471   1.00 21.66 ? 72  SER A O   1 
ATOM   538  C  CB  . SER A 1 65  ? -2.237  14.285  3.116   1.00 21.46 ? 72  SER A CB  1 
ATOM   539  O  OG  . SER A 1 65  ? -1.979  13.446  4.218   1.00 23.46 ? 72  SER A OG  1 
ATOM   540  N  N   . GLN A 1 66  ? -1.755  14.826  -0.232  1.00 21.12 ? 73  GLN A N   1 
ATOM   541  C  CA  . GLN A 1 66  ? -2.248  15.449  -1.484  1.00 22.40 ? 73  GLN A CA  1 
ATOM   542  C  C   . GLN A 1 66  ? -2.348  14.463  -2.659  1.00 21.32 ? 73  GLN A C   1 
ATOM   543  O  O   . GLN A 1 66  ? -2.754  14.835  -3.750  1.00 20.89 ? 73  GLN A O   1 
ATOM   544  C  CB  . GLN A 1 66  ? -1.366  16.664  -1.886  1.00 23.67 ? 73  GLN A CB  1 
ATOM   545  C  CG  . GLN A 1 66  ? -1.039  17.667  -0.718  1.00 29.45 ? 73  GLN A CG  1 
ATOM   546  C  CD  . GLN A 1 66  ? -2.209  17.906  0.218   1.00 37.95 ? 73  GLN A CD  1 
ATOM   547  O  OE1 . GLN A 1 66  ? -3.251  18.458  -0.185  1.00 42.35 ? 73  GLN A OE1 1 
ATOM   548  N  NE2 . GLN A 1 66  ? -2.049  17.497  1.482   1.00 38.00 ? 73  GLN A NE2 1 
ATOM   549  N  N   . GLY A 1 67  ? -1.969  13.207  -2.429  1.00 21.09 ? 74  GLY A N   1 
ATOM   550  C  CA  . GLY A 1 67  ? -2.047  12.165  -3.464  1.00 20.74 ? 74  GLY A CA  1 
ATOM   551  C  C   . GLY A 1 67  ? -0.791  12.059  -4.338  1.00 20.22 ? 74  GLY A C   1 
ATOM   552  O  O   . GLY A 1 67  ? -0.820  11.398  -5.384  1.00 20.79 ? 74  GLY A O   1 
ATOM   553  N  N   . ILE A 1 68  ? 0.275   12.731  -3.936  1.00 19.83 ? 75  ILE A N   1 
ATOM   554  C  CA  . ILE A 1 68  ? 1.558   12.669  -4.660  1.00 19.62 ? 75  ILE A CA  1 
ATOM   555  C  C   . ILE A 1 68  ? 2.290   11.386  -4.242  1.00 19.64 ? 75  ILE A C   1 
ATOM   556  O  O   . ILE A 1 68  ? 2.520   11.148  -3.049  1.00 18.63 ? 75  ILE A O   1 
ATOM   557  C  CB  . ILE A 1 68  ? 2.432   13.876  -4.405  1.00 20.41 ? 75  ILE A CB  1 
ATOM   558  C  CG1 . ILE A 1 68  ? 1.716   15.152  -4.889  1.00 22.68 ? 75  ILE A CG1 1 
ATOM   559  C  CG2 . ILE A 1 68  ? 3.800   13.729  -5.192  1.00 21.51 ? 75  ILE A CG2 1 
ATOM   560  C  CD1 . ILE A 1 68  ? 2.344   16.437  -4.301  1.00 27.87 ? 75  ILE A CD1 1 
ATOM   561  N  N   . ASN A 1 69  ? 2.623   10.553  -5.219  1.00 18.45 ? 76  ASN A N   1 
ATOM   562  C  CA  . ASN A 1 69  ? 3.411   9.352   -4.914  1.00 18.29 ? 76  ASN A CA  1 
ATOM   563  C  C   . ASN A 1 69  ? 4.778   9.694   -4.328  1.00 18.82 ? 76  ASN A C   1 
ATOM   564  O  O   . ASN A 1 69  ? 5.529   10.507  -4.893  1.00 18.69 ? 76  ASN A O   1 
ATOM   565  C  CB  . ASN A 1 69  ? 3.570   8.469   -6.160  1.00 17.62 ? 76  ASN A CB  1 
ATOM   566  C  CG  . ASN A 1 69  ? 4.274   7.168   -5.829  1.00 17.58 ? 76  ASN A CG  1 
ATOM   567  O  OD1 . ASN A 1 69  ? 5.474   7.066   -6.004  1.00 19.41 ? 76  ASN A OD1 1 
ATOM   568  N  ND2 . ASN A 1 69  ? 3.533   6.203   -5.263  1.00 16.27 ? 76  ASN A ND2 1 
ATOM   569  N  N   . THR A 1 70  ? 5.102   9.091   -3.187  1.00 18.66 ? 77  THR A N   1 
ATOM   570  C  CA  . THR A 1 70  ? 6.398   9.294   -2.580  1.00 18.70 ? 77  THR A CA  1 
ATOM   571  C  C   . THR A 1 70  ? 7.314   8.066   -2.713  1.00 18.74 ? 77  THR A C   1 
ATOM   572  O  O   . THR A 1 70  ? 8.546   8.195   -2.663  1.00 19.88 ? 77  THR A O   1 
ATOM   573  C  CB  . THR A 1 70  ? 6.279   9.685   -1.099  1.00 18.50 ? 77  THR A CB  1 
ATOM   574  O  OG1 . THR A 1 70  ? 5.600   8.668   -0.364  1.00 18.90 ? 77  THR A OG1 1 
ATOM   575  C  CG2 . THR A 1 70  ? 5.470   11.006  -0.969  1.00 19.66 ? 77  THR A CG2 1 
ATOM   576  N  N   . LEU A 1 71  ? 6.742   6.878   -2.877  1.00 17.67 ? 78  LEU A N   1 
ATOM   577  C  CA  . LEU A 1 71  ? 7.610   5.755   -3.268  1.00 17.34 ? 78  LEU A CA  1 
ATOM   578  C  C   . LEU A 1 71  ? 6.763   4.736   -3.971  1.00 16.71 ? 78  LEU A C   1 
ATOM   579  O  O   . LEU A 1 71  ? 5.566   4.608   -3.665  1.00 17.98 ? 78  LEU A O   1 
ATOM   580  C  CB  . LEU A 1 71  ? 8.313   5.164   -2.046  1.00 18.59 ? 78  LEU A CB  1 
ATOM   581  C  CG  . LEU A 1 71  ? 7.432   4.427   -1.017  1.00 18.39 ? 78  LEU A CG  1 
ATOM   582  C  CD1 . LEU A 1 71  ? 7.409   2.881   -1.242  1.00 16.54 ? 78  LEU A CD1 1 
ATOM   583  C  CD2 . LEU A 1 71  ? 7.932   4.730   0.396   1.00 19.72 ? 78  LEU A CD2 1 
ATOM   584  N  N   . HIS A 1 72  ? 7.328   4.023   -4.947  1.00 16.28 ? 79  HIS A N   1 
ATOM   585  C  CA  . HIS A 1 72  ? 6.571   2.912   -5.549  1.00 16.46 ? 79  HIS A CA  1 
ATOM   586  C  C   . HIS A 1 72  ? 7.568   1.804   -5.908  1.00 17.39 ? 79  HIS A C   1 
ATOM   587  O  O   . HIS A 1 72  ? 8.506   2.038   -6.692  1.00 16.94 ? 79  HIS A O   1 
ATOM   588  C  CB  . HIS A 1 72  ? 5.752   3.356   -6.789  1.00 17.61 ? 79  HIS A CB  1 
ATOM   589  C  CG  . HIS A 1 72  ? 4.613   2.422   -7.075  1.00 17.51 ? 79  HIS A CG  1 
ATOM   590  N  ND1 . HIS A 1 72  ? 4.796   1.163   -7.628  1.00 17.62 ? 79  HIS A ND1 1 
ATOM   591  C  CD2 . HIS A 1 72  ? 3.298   2.508   -6.756  1.00 15.01 ? 79  HIS A CD2 1 
ATOM   592  C  CE1 . HIS A 1 72  ? 3.624   0.547   -7.698  1.00 16.98 ? 79  HIS A CE1 1 
ATOM   593  N  NE2 . HIS A 1 72  ? 2.701   1.342   -7.172  1.00 17.30 ? 79  HIS A NE2 1 
ATOM   594  N  N   . ALA A 1 73  ? 7.406   0.629   -5.297  1.00 16.94 ? 80  ALA A N   1 
ATOM   595  C  CA  . ALA A 1 73  ? 8.392   -0.456  -5.450  1.00 17.13 ? 80  ALA A CA  1 
ATOM   596  C  C   . ALA A 1 73  ? 8.448   -0.989  -6.888  1.00 18.30 ? 80  ALA A C   1 
ATOM   597  O  O   . ALA A 1 73  ? 9.505   -1.422  -7.340  1.00 18.51 ? 80  ALA A O   1 
ATOM   598  C  CB  . ALA A 1 73  ? 8.065   -1.635  -4.498  1.00 17.06 ? 80  ALA A CB  1 
ATOM   599  N  N   . ILE A 1 74  ? 7.302   -1.002  -7.561  1.00 16.71 ? 81  ILE A N   1 
ATOM   600  C  CA  . ILE A 1 74  ? 7.174   -1.612  -8.893  1.00 16.86 ? 81  ILE A CA  1 
ATOM   601  C  C   . ILE A 1 74  ? 7.437   -0.614  -10.035 1.00 17.20 ? 81  ILE A C   1 
ATOM   602  O  O   . ILE A 1 74  ? 8.091   -0.955  -11.040 1.00 17.40 ? 81  ILE A O   1 
ATOM   603  C  CB  . ILE A 1 74  ? 5.771   -2.260  -9.049  1.00 17.03 ? 81  ILE A CB  1 
ATOM   604  C  CG1 . ILE A 1 74  ? 5.543   -3.346  -7.947  1.00 17.49 ? 81  ILE A CG1 1 
ATOM   605  C  CG2 . ILE A 1 74  ? 5.513   -2.835  -10.473 1.00 17.17 ? 81  ILE A CG2 1 
ATOM   606  C  CD1 . ILE A 1 74  ? 6.589   -4.549  -7.975  1.00 18.63 ? 81  ILE A CD1 1 
ATOM   607  N  N   . LYS A 1 75  ? 6.872   0.584   -9.905  1.00 16.54 ? 82  LYS A N   1 
ATOM   608  C  CA  . LYS A 1 75  ? 6.964   1.581   -10.977 1.00 17.15 ? 82  LYS A CA  1 
ATOM   609  C  C   . LYS A 1 75  ? 7.484   2.879   -10.370 1.00 17.75 ? 82  LYS A C   1 
ATOM   610  O  O   . LYS A 1 75  ? 6.687   3.812   -10.074 1.00 17.72 ? 82  LYS A O   1 
ATOM   611  C  CB  . LYS A 1 75  ? 5.593   1.776   -11.627 1.00 16.78 ? 82  LYS A CB  1 
ATOM   612  C  CG  . LYS A 1 75  ? 5.650   2.656   -12.950 1.00 17.10 ? 82  LYS A CG  1 
ATOM   613  C  CD  . LYS A 1 75  ? 4.244   2.803   -13.537 1.00 21.75 ? 82  LYS A CD  1 
ATOM   614  C  CE  . LYS A 1 75  ? 4.250   3.708   -14.790 1.00 22.84 ? 82  LYS A CE  1 
ATOM   615  N  NZ  . LYS A 1 75  ? 2.861   3.674   -15.351 1.00 25.04 ? 82  LYS A NZ  1 
ATOM   616  N  N   . PRO A 1 76  ? 8.815   2.965   -10.168 1.00 18.87 ? 83  PRO A N   1 
ATOM   617  C  CA  . PRO A 1 76  ? 9.350   4.162   -9.490  1.00 19.76 ? 83  PRO A CA  1 
ATOM   618  C  C   . PRO A 1 76  ? 9.205   5.475   -10.277 1.00 20.45 ? 83  PRO A C   1 
ATOM   619  O  O   . PRO A 1 76  ? 9.319   6.541   -9.671  1.00 20.07 ? 83  PRO A O   1 
ATOM   620  C  CB  . PRO A 1 76  ? 10.815  3.793   -9.235  1.00 20.81 ? 83  PRO A CB  1 
ATOM   621  C  CG  . PRO A 1 76  ? 11.133  2.777   -10.329 1.00 19.91 ? 83  PRO A CG  1 
ATOM   622  C  CD  . PRO A 1 76  ? 9.888   1.967   -10.432 1.00 18.78 ? 83  PRO A CD  1 
ATOM   623  N  N   . SER A 1 77  ? 8.899   5.389   -11.580 1.00 20.54 ? 84  SER A N   1 
ATOM   624  C  CA  . SER A 1 77  ? 8.522   6.555   -12.380 1.00 21.27 ? 84  SER A CA  1 
ATOM   625  C  C   . SER A 1 77  ? 7.232   7.263   -11.921 1.00 20.88 ? 84  SER A C   1 
ATOM   626  O  O   . SER A 1 77  ? 6.980   8.408   -12.315 1.00 21.51 ? 84  SER A O   1 
ATOM   627  C  CB  . SER A 1 77  ? 8.477   6.229   -13.886 1.00 21.08 ? 84  SER A CB  1 
ATOM   628  O  OG  . SER A 1 77  ? 7.449   5.309   -14.207 1.00 23.10 ? 84  SER A OG  1 
ATOM   629  N  N   . LEU A 1 78  ? 6.442   6.628   -11.045 1.00 20.01 ? 85  LEU A N   1 
ATOM   630  C  CA  . LEU A 1 78  ? 5.260   7.302   -10.463 1.00 19.55 ? 85  LEU A CA  1 
ATOM   631  C  C   . LEU A 1 78  ? 5.674   8.336   -9.425  1.00 18.90 ? 85  LEU A C   1 
ATOM   632  O  O   . LEU A 1 78  ? 4.876   9.224   -9.081  1.00 19.29 ? 85  LEU A O   1 
ATOM   633  C  CB  . LEU A 1 78  ? 4.282   6.283   -9.809  1.00 19.34 ? 85  LEU A CB  1 
ATOM   634  C  CG  . LEU A 1 78  ? 3.622   5.300   -10.784 1.00 20.56 ? 85  LEU A CG  1 
ATOM   635  C  CD1 . LEU A 1 78  ? 2.618   4.366   -10.009 1.00 20.64 ? 85  LEU A CD1 1 
ATOM   636  C  CD2 . LEU A 1 78  ? 2.920   6.065   -11.935 1.00 21.10 ? 85  LEU A CD2 1 
ATOM   637  N  N   . GLU A 1 79  ? 6.899   8.209   -8.908  1.00 19.19 ? 86  GLU A N   1 
ATOM   638  C  CA  . GLU A 1 79  ? 7.335   9.029   -7.751  1.00 19.94 ? 86  GLU A CA  1 
ATOM   639  C  C   . GLU A 1 79  ? 7.349   10.502  -8.157  1.00 21.34 ? 86  GLU A C   1 
ATOM   640  O  O   . GLU A 1 79  ? 7.863   10.852  -9.238  1.00 19.37 ? 86  GLU A O   1 
ATOM   641  C  CB  . GLU A 1 79  ? 8.691   8.561   -7.202  1.00 21.63 ? 86  GLU A CB  1 
ATOM   642  C  CG  . GLU A 1 79  ? 8.610   7.141   -6.562  1.00 21.04 ? 86  GLU A CG  1 
ATOM   643  C  CD  . GLU A 1 79  ? 9.946   6.493   -6.235  1.00 26.98 ? 86  GLU A CD  1 
ATOM   644  O  OE1 . GLU A 1 79  ? 11.005  7.145   -6.370  1.00 26.74 ? 86  GLU A OE1 1 
ATOM   645  O  OE2 . GLU A 1 79  ? 9.922   5.304   -5.833  1.00 23.37 ? 86  GLU A OE2 1 
ATOM   646  N  N   . GLY A 1 80  ? 6.723   11.331  -7.323  1.00 21.45 ? 87  GLY A N   1 
ATOM   647  C  CA  . GLY A 1 80  ? 6.547   12.752  -7.612  1.00 22.87 ? 87  GLY A CA  1 
ATOM   648  C  C   . GLY A 1 80  ? 5.321   13.092  -8.441  1.00 23.15 ? 87  GLY A C   1 
ATOM   649  O  O   . GLY A 1 80  ? 5.014   14.273  -8.634  1.00 24.20 ? 87  GLY A O   1 
ATOM   650  N  N   . LYS A 1 81  ? 4.598   12.100  -8.958  1.00 22.93 ? 88  LYS A N   1 
ATOM   651  C  CA  . LYS A 1 81  ? 3.351   12.411  -9.688  1.00 22.98 ? 88  LYS A CA  1 
ATOM   652  C  C   . LYS A 1 81  ? 2.146   12.529  -8.747  1.00 23.10 ? 88  LYS A C   1 
ATOM   653  O  O   . LYS A 1 81  ? 2.008   11.734  -7.820  1.00 22.35 ? 88  LYS A O   1 
ATOM   654  C  CB  . LYS A 1 81  ? 3.021   11.387  -10.771 1.00 23.16 ? 88  LYS A CB  1 
ATOM   655  C  CG  . LYS A 1 81  ? 4.156   11.241  -11.825 1.00 25.98 ? 88  LYS A CG  1 
ATOM   656  C  CD  . LYS A 1 81  ? 3.735   10.351  -12.995 1.00 30.31 ? 88  LYS A CD  1 
ATOM   657  C  CE  . LYS A 1 81  ? 4.821   10.305  -14.112 1.00 32.01 ? 88  LYS A CE  1 
ATOM   658  N  NZ  . LYS A 1 81  ? 5.204   11.690  -14.528 1.00 35.81 ? 88  LYS A NZ  1 
ATOM   659  N  N   . ASN A 1 82  ? 1.270   13.498  -9.026  1.00 21.27 ? 89  ASN A N   1 
ATOM   660  C  CA  . ASN A 1 82  ? 0.015   13.631  -8.278  1.00 21.97 ? 89  ASN A CA  1 
ATOM   661  C  C   . ASN A 1 82  ? -1.081  12.733  -8.857  1.00 21.31 ? 89  ASN A C   1 
ATOM   662  O  O   . ASN A 1 82  ? -1.586  12.965  -9.966  1.00 21.48 ? 89  ASN A O   1 
ATOM   663  C  CB  . ASN A 1 82  ? -0.421  15.101  -8.288  1.00 22.45 ? 89  ASN A CB  1 
ATOM   664  C  CG  . ASN A 1 82  ? -1.589  15.372  -7.390  1.00 23.78 ? 89  ASN A CG  1 
ATOM   665  O  OD1 . ASN A 1 82  ? -2.542  14.582  -7.315  1.00 23.77 ? 89  ASN A OD1 1 
ATOM   666  N  ND2 . ASN A 1 82  ? -1.546  16.522  -6.723  1.00 25.07 ? 89  ASN A ND2 1 
ATOM   667  N  N   . LEU A 1 83  ? -1.441  11.698  -8.115  1.00 18.54 ? 90  LEU A N   1 
ATOM   668  C  CA  . LEU A 1 83  ? -2.447  10.718  -8.571  1.00 20.13 ? 90  LEU A CA  1 
ATOM   669  C  C   . LEU A 1 83  ? -3.724  10.782  -7.748  1.00 19.68 ? 90  LEU A C   1 
ATOM   670  O  O   . LEU A 1 83  ? -4.516  9.829   -7.733  1.00 21.05 ? 90  LEU A O   1 
ATOM   671  C  CB  . LEU A 1 83  ? -1.885  9.276   -8.548  1.00 19.57 ? 90  LEU A CB  1 
ATOM   672  C  CG  . LEU A 1 83  ? -0.619  9.022   -9.389  1.00 21.38 ? 90  LEU A CG  1 
ATOM   673  C  CD1 . LEU A 1 83  ? -0.258  7.483   -9.345  1.00 21.73 ? 90  LEU A CD1 1 
ATOM   674  C  CD2 . LEU A 1 83  ? -0.744  9.493   -10.805 1.00 25.94 ? 90  LEU A CD2 1 
ATOM   675  N  N   . TYR A 1 84  ? -3.946  11.925  -7.109  1.00 20.48 ? 91  TYR A N   1 
ATOM   676  C  CA  . TYR A 1 84  ? -5.158  12.128  -6.287  1.00 21.01 ? 91  TYR A CA  1 
ATOM   677  C  C   . TYR A 1 84  ? -6.470  11.849  -7.044  1.00 22.81 ? 91  TYR A C   1 
ATOM   678  O  O   . TYR A 1 84  ? -7.396  11.220  -6.500  1.00 22.63 ? 91  TYR A O   1 
ATOM   679  C  CB  . TYR A 1 84  ? -5.180  13.524  -5.661  1.00 20.77 ? 91  TYR A CB  1 
ATOM   680  C  CG  . TYR A 1 84  ? -6.218  13.581  -4.557  1.00 21.80 ? 91  TYR A CG  1 
ATOM   681  C  CD1 . TYR A 1 84  ? -5.931  13.085  -3.286  1.00 24.64 ? 91  TYR A CD1 1 
ATOM   682  C  CD2 . TYR A 1 84  ? -7.507  14.054  -4.816  1.00 25.19 ? 91  TYR A CD2 1 
ATOM   683  C  CE1 . TYR A 1 84  ? -6.906  13.107  -2.257  1.00 25.89 ? 91  TYR A CE1 1 
ATOM   684  C  CE2 . TYR A 1 84  ? -8.510  14.061  -3.798  1.00 25.96 ? 91  TYR A CE2 1 
ATOM   685  C  CZ  . TYR A 1 84  ? -8.184  13.591  -2.533  1.00 27.67 ? 91  TYR A CZ  1 
ATOM   686  O  OH  . TYR A 1 84  ? -9.139  13.598  -1.545  1.00 25.60 ? 91  TYR A OH  1 
ATOM   687  N  N   . ASP A 1 85  ? -6.540  12.297  -8.301  1.00 24.39 ? 92  ASP A N   1 
ATOM   688  C  CA  . ASP A 1 85  ? -7.738  12.098  -9.131  1.00 26.35 ? 92  ASP A CA  1 
ATOM   689  C  C   . ASP A 1 85  ? -7.796  10.757  -9.848  1.00 26.26 ? 92  ASP A C   1 
ATOM   690  O  O   . ASP A 1 85  ? -8.743  10.498  -10.599 1.00 25.18 ? 92  ASP A O   1 
ATOM   691  C  CB  . ASP A 1 85  ? -7.856  13.199  -10.204 1.00 28.82 ? 92  ASP A CB  1 
ATOM   692  C  CG  . ASP A 1 85  ? -7.908  14.590  -9.618  1.00 34.04 ? 92  ASP A CG  1 
ATOM   693  O  OD1 . ASP A 1 85  ? -8.480  14.754  -8.512  1.00 38.04 ? 92  ASP A OD1 1 
ATOM   694  O  OD2 . ASP A 1 85  ? -7.381  15.526  -10.277 1.00 40.22 ? 92  ASP A OD2 1 
ATOM   695  N  N   . LEU A 1 86  ? -6.790  9.902   -9.649  1.00 25.42 ? 93  LEU A N   1 
ATOM   696  C  CA  . LEU A 1 86  ? -6.755  8.621   -10.375 1.00 25.49 ? 93  LEU A CA  1 
ATOM   697  C  C   . LEU A 1 86  ? -7.938  7.674   -10.071 1.00 24.61 ? 93  LEU A C   1 
ATOM   698  O  O   . LEU A 1 86  ? -8.229  7.386   -8.902  1.00 24.92 ? 93  LEU A O   1 
ATOM   699  C  CB  . LEU A 1 86  ? -5.413  7.898   -10.132 1.00 24.56 ? 93  LEU A CB  1 
ATOM   700  C  CG  . LEU A 1 86  ? -5.155  6.547   -10.816 1.00 28.74 ? 93  LEU A CG  1 
ATOM   701  C  CD1 . LEU A 1 86  ? -3.660  6.306   -10.923 1.00 30.33 ? 93  LEU A CD1 1 
ATOM   702  C  CD2 . LEU A 1 86  ? -5.802  5.371   -10.037 1.00 29.22 ? 93  LEU A CD2 1 
ATOM   703  N  N   . LYS A 1 87  ? -8.569  7.139   -11.128 1.00 23.43 ? 94  LYS A N   1 
ATOM   704  C  CA  . LYS A 1 87  ? -9.613  6.134   -10.976 1.00 23.84 ? 94  LYS A CA  1 
ATOM   705  C  C   . LYS A 1 87  ? -9.206  4.795   -11.584 1.00 23.37 ? 94  LYS A C   1 
ATOM   706  O  O   . LYS A 1 87  ? -8.569  4.763   -12.647 1.00 22.85 ? 94  LYS A O   1 
ATOM   707  C  CB  . LYS A 1 87  ? -10.923 6.631   -11.591 1.00 24.67 ? 94  LYS A CB  1 
ATOM   708  C  CG  . LYS A 1 87  ? -11.528 7.875   -10.837 1.00 27.55 ? 94  LYS A CG  1 
ATOM   709  C  CD  . LYS A 1 87  ? -12.821 8.342   -11.539 1.00 35.71 ? 94  LYS A CD  1 
ATOM   710  C  CE  . LYS A 1 87  ? -13.306 9.729   -11.055 1.00 38.33 ? 94  LYS A CE  1 
ATOM   711  N  NZ  . LYS A 1 87  ? -13.722 9.811   -9.626  1.00 37.56 ? 94  LYS A NZ  1 
ATOM   712  N  N   . ASP A 1 88  ? -9.561  3.697   -10.927 1.00 21.59 ? 95  ASP A N   1 
ATOM   713  C  CA  . ASP A 1 88  ? -9.348  2.392   -11.578 1.00 21.77 ? 95  ASP A CA  1 
ATOM   714  C  C   . ASP A 1 88  ? -10.414 2.160   -12.669 1.00 22.60 ? 95  ASP A C   1 
ATOM   715  O  O   . ASP A 1 88  ? -11.219 3.071   -12.968 1.00 20.52 ? 95  ASP A O   1 
ATOM   716  C  CB  . ASP A 1 88  ? -9.228  1.242   -10.576 1.00 20.50 ? 95  ASP A CB  1 
ATOM   717  C  CG  . ASP A 1 88  ? -10.581 0.859   -9.911  1.00 22.26 ? 95  ASP A CG  1 
ATOM   718  O  OD1 . ASP A 1 88  ? -11.676 1.341   -10.354 1.00 20.80 ? 95  ASP A OD1 1 
ATOM   719  O  OD2 . ASP A 1 88  ? -10.542 0.045   -8.966  1.00 21.98 ? 95  ASP A OD2 1 
ATOM   720  N  N   . GLU A 1 89  ? -10.403 0.967   -13.276 1.00 23.50 ? 96  GLU A N   1 
ATOM   721  C  CA  . GLU A 1 89  ? -11.319 0.655   -14.385 1.00 25.42 ? 96  GLU A CA  1 
ATOM   722  C  C   . GLU A 1 89  ? -12.795 0.631   -13.956 1.00 25.24 ? 96  GLU A C   1 
ATOM   723  O  O   . GLU A 1 89  ? -13.671 0.689   -14.819 1.00 25.12 ? 96  GLU A O   1 
ATOM   724  C  CB  . GLU A 1 89  ? -10.967 -0.706  -15.022 1.00 26.64 ? 96  GLU A CB  1 
ATOM   725  C  CG  . GLU A 1 89  ? -11.258 -1.889  -14.103 1.00 30.15 ? 96  GLU A CG  1 
ATOM   726  C  CD  . GLU A 1 89  ? -10.650 -3.183  -14.596 1.00 37.14 ? 96  GLU A CD  1 
ATOM   727  O  OE1 . GLU A 1 89  ? -9.404  -3.290  -14.586 1.00 37.03 ? 96  GLU A OE1 1 
ATOM   728  O  OE2 . GLU A 1 89  ? -11.432 -4.097  -14.973 1.00 37.46 ? 96  GLU A OE2 1 
ATOM   729  N  N   . ASN A 1 90  ? -13.058 0.551   -12.640 1.00 23.54 ? 97  ASN A N   1 
ATOM   730  C  CA  . ASN A 1 90  ? -14.433 0.538   -12.096 1.00 23.72 ? 97  ASN A CA  1 
ATOM   731  C  C   . ASN A 1 90  ? -14.836 1.874   -11.490 1.00 23.02 ? 97  ASN A C   1 
ATOM   732  O  O   . ASN A 1 90  ? -15.878 1.981   -10.829 1.00 24.28 ? 97  ASN A O   1 
ATOM   733  C  CB  . ASN A 1 90  ? -14.630 -0.591  -11.072 1.00 23.01 ? 97  ASN A CB  1 
ATOM   734  C  CG  . ASN A 1 90  ? -14.372 -1.945  -11.677 1.00 27.45 ? 97  ASN A CG  1 
ATOM   735  O  OD1 . ASN A 1 90  ? -14.821 -2.212  -12.802 1.00 31.41 ? 97  ASN A OD1 1 
ATOM   736  N  ND2 . ASN A 1 90  ? -13.590 -2.783  -10.987 1.00 28.38 ? 97  ASN A ND2 1 
ATOM   737  N  N   . GLY A 1 91  ? -13.994 2.871   -11.693 1.00 22.95 ? 98  GLY A N   1 
ATOM   738  C  CA  . GLY A 1 91  ? -14.243 4.232   -11.208 1.00 22.53 ? 98  GLY A CA  1 
ATOM   739  C  C   . GLY A 1 91  ? -13.958 4.409   -9.728  1.00 22.76 ? 98  GLY A C   1 
ATOM   740  O  O   . GLY A 1 91  ? -14.466 5.365   -9.118  1.00 22.76 ? 98  GLY A O   1 
ATOM   741  N  N   . VAL A 1 92  ? -13.170 3.508   -9.133  1.00 21.86 ? 99  VAL A N   1 
ATOM   742  C  CA  . VAL A 1 92  ? -12.767 3.671   -7.716  1.00 21.32 ? 99  VAL A CA  1 
ATOM   743  C  C   . VAL A 1 92  ? -11.655 4.734   -7.647  1.00 21.08 ? 99  VAL A C   1 
ATOM   744  O  O   . VAL A 1 92  ? -10.644 4.606   -8.350  1.00 20.87 ? 99  VAL A O   1 
ATOM   745  C  CB  . VAL A 1 92  ? -12.264 2.355   -7.050  1.00 21.17 ? 99  VAL A CB  1 
ATOM   746  C  CG1 . VAL A 1 92  ? -11.687 2.663   -5.576  1.00 20.10 ? 99  VAL A CG1 1 
ATOM   747  C  CG2 . VAL A 1 92  ? -13.367 1.321   -6.947  1.00 22.97 ? 99  VAL A CG2 1 
ATOM   748  N  N   . ALA A 1 93  ? -11.837 5.786   -6.828  1.00 19.75 ? 100 ALA A N   1 
ATOM   749  C  CA  . ALA A 1 93  ? -10.790 6.779   -6.632  1.00 19.78 ? 100 ALA A CA  1 
ATOM   750  C  C   . ALA A 1 93  ? -9.780  6.185   -5.668  1.00 19.21 ? 100 ALA A C   1 
ATOM   751  O  O   . ALA A 1 93  ? -9.911  6.265   -4.429  1.00 17.99 ? 100 ALA A O   1 
ATOM   752  C  CB  . ALA A 1 93  ? -11.352 8.126   -6.115  1.00 20.64 ? 100 ALA A CB  1 
ATOM   753  N  N   . VAL A 1 94  ? -8.785  5.522   -6.249  1.00 18.14 ? 101 VAL A N   1 
ATOM   754  C  CA  . VAL A 1 94  ? -7.884  4.668   -5.476  1.00 18.33 ? 101 VAL A CA  1 
ATOM   755  C  C   . VAL A 1 94  ? -7.042  5.433   -4.434  1.00 18.33 ? 101 VAL A C   1 
ATOM   756  O  O   . VAL A 1 94  ? -6.970  5.017   -3.272  1.00 16.96 ? 101 VAL A O   1 
ATOM   757  C  CB  . VAL A 1 94  ? -6.917  3.859   -6.443  1.00 18.48 ? 101 VAL A CB  1 
ATOM   758  C  CG1 . VAL A 1 94  ? -5.917  2.966   -5.629  1.00 18.97 ? 101 VAL A CG1 1 
ATOM   759  C  CG2 . VAL A 1 94  ? -7.750  3.001   -7.412  1.00 18.43 ? 101 VAL A CG2 1 
ATOM   760  N  N   . ILE A 1 95  ? -6.375  6.504   -4.875  1.00 19.06 ? 102 ILE A N   1 
ATOM   761  C  CA  . ILE A 1 95  ? -5.418  7.220   -4.010  1.00 19.13 ? 102 ILE A CA  1 
ATOM   762  C  C   . ILE A 1 95  ? -6.188  7.969   -2.907  1.00 19.92 ? 102 ILE A C   1 
ATOM   763  O  O   . ILE A 1 95  ? -5.826  7.918   -1.701  1.00 18.86 ? 102 ILE A O   1 
ATOM   764  C  CB  . ILE A 1 95  ? -4.447  8.140   -4.829  1.00 19.98 ? 102 ILE A CB  1 
ATOM   765  C  CG1 . ILE A 1 95  ? -3.291  7.322   -5.426  1.00 21.99 ? 102 ILE A CG1 1 
ATOM   766  C  CG2 . ILE A 1 95  ? -3.664  9.084   -3.909  1.00 19.68 ? 102 ILE A CG2 1 
ATOM   767  C  CD1 . ILE A 1 95  ? -3.667  6.178   -6.233  1.00 24.37 ? 102 ILE A CD1 1 
ATOM   768  N  N   . ALA A 1 96  ? -7.249  8.647   -3.300  1.00 19.61 ? 103 ALA A N   1 
ATOM   769  C  CA  . ALA A 1 96  ? -8.052  9.366   -2.303  1.00 20.81 ? 103 ALA A CA  1 
ATOM   770  C  C   . ALA A 1 96  ? -8.647  8.363   -1.305  1.00 21.00 ? 103 ALA A C   1 
ATOM   771  O  O   . ALA A 1 96  ? -8.717  8.634   -0.097  1.00 21.07 ? 103 ALA A O   1 
ATOM   772  C  CB  . ALA A 1 96  ? -9.161  10.153  -2.969  1.00 20.22 ? 103 ALA A CB  1 
ATOM   773  N  N   . GLY A 1 97  ? -9.076  7.211   -1.826  1.00 20.51 ? 104 GLY A N   1 
ATOM   774  C  CA  . GLY A 1 97  ? -9.674  6.173   -0.986  1.00 20.44 ? 104 GLY A CA  1 
ATOM   775  C  C   . GLY A 1 97  ? -8.685  5.610   0.024   1.00 19.80 ? 104 GLY A C   1 
ATOM   776  O  O   . GLY A 1 97  ? -9.057  5.354   1.170   1.00 18.68 ? 104 GLY A O   1 
ATOM   777  N  N   . LEU A 1 98  ? -7.423  5.414   -0.385  1.00 18.96 ? 105 LEU A N   1 
ATOM   778  C  CA  . LEU A 1 98  ? -6.407  4.888   0.535   1.00 18.62 ? 105 LEU A CA  1 
ATOM   779  C  C   . LEU A 1 98  ? -6.003  5.928   1.568   1.00 18.69 ? 105 LEU A C   1 
ATOM   780  O  O   . LEU A 1 98  ? -5.743  5.592   2.756   1.00 17.08 ? 105 LEU A O   1 
ATOM   781  C  CB  . LEU A 1 98  ? -5.157  4.392   -0.204  1.00 18.77 ? 105 LEU A CB  1 
ATOM   782  C  CG  . LEU A 1 98  ? -5.321  3.075   -0.987  1.00 20.58 ? 105 LEU A CG  1 
ATOM   783  C  CD1 . LEU A 1 98  ? -4.204  2.955   -2.075  1.00 19.29 ? 105 LEU A CD1 1 
ATOM   784  C  CD2 . LEU A 1 98  ? -5.247  1.895   -0.016  1.00 21.49 ? 105 LEU A CD2 1 
ATOM   785  N  N   . ILE A 1 99  ? -5.958  7.187   1.132   1.00 18.30 ? 106 ILE A N   1 
ATOM   786  C  CA  . ILE A 1 99  ? -5.559  8.250   2.071   1.00 18.60 ? 106 ILE A CA  1 
ATOM   787  C  C   . ILE A 1 99  ? -6.648  8.284   3.154   1.00 19.24 ? 106 ILE A C   1 
ATOM   788  O  O   . ILE A 1 99  ? -6.341  8.275   4.353   1.00 18.22 ? 106 ILE A O   1 
ATOM   789  C  CB  . ILE A 1 99  ? -5.447  9.623   1.374   1.00 17.97 ? 106 ILE A CB  1 
ATOM   790  C  CG1 . ILE A 1 99  ? -4.189  9.658   0.474   1.00 17.00 ? 106 ILE A CG1 1 
ATOM   791  C  CG2 . ILE A 1 99  ? -5.355  10.754  2.427   1.00 19.57 ? 106 ILE A CG2 1 
ATOM   792  C  CD1 . ILE A 1 99  ? -4.323  10.791  -0.628  1.00 18.76 ? 106 ILE A CD1 1 
ATOM   793  N  N   . ASP A 1 100 ? -7.900  8.309   2.727   1.00 20.63 ? 107 ASP A N   1 
ATOM   794  C  CA  . ASP A 1 100 ? -9.022  8.347   3.704   1.00 21.62 ? 107 ASP A CA  1 
ATOM   795  C  C   . ASP A 1 100 ? -9.137  7.080   4.571   1.00 21.14 ? 107 ASP A C   1 
ATOM   796  O  O   . ASP A 1 100 ? -9.371  7.184   5.782   1.00 21.00 ? 107 ASP A O   1 
ATOM   797  C  CB  . ASP A 1 100 ? -10.348 8.622   3.009   1.00 21.71 ? 107 ASP A CB  1 
ATOM   798  C  CG  . ASP A 1 100 ? -10.428 10.049  2.433   1.00 27.56 ? 107 ASP A CG  1 
ATOM   799  O  OD1 . ASP A 1 100 ? -9.571  10.933  2.776   1.00 29.86 ? 107 ASP A OD1 1 
ATOM   800  O  OD2 . ASP A 1 100 ? -11.358 10.268  1.632   1.00 29.61 ? 107 ASP A OD2 1 
ATOM   801  N  N   . ALA A 1 101 ? -8.986  5.898   3.963   1.00 20.59 ? 108 ALA A N   1 
ATOM   802  C  CA  . ALA A 1 101 ? -8.979  4.651   4.746   1.00 19.87 ? 108 ALA A CA  1 
ATOM   803  C  C   . ALA A 1 101 ? -7.935  4.687   5.860   1.00 19.65 ? 108 ALA A C   1 
ATOM   804  O  O   . ALA A 1 101 ? -8.220  4.283   7.013   1.00 18.78 ? 108 ALA A O   1 
ATOM   805  C  CB  . ALA A 1 101 ? -8.746  3.411   3.852   1.00 18.18 ? 108 ALA A CB  1 
ATOM   806  N  N   . SER A 1 102 ? -6.723  5.118   5.517   1.00 18.86 ? 109 SER A N   1 
ATOM   807  C  CA  . SER A 1 102 ? -5.648  5.104   6.490   1.00 20.34 ? 109 SER A CA  1 
ATOM   808  C  C   . SER A 1 102 ? -5.852  6.150   7.608   1.00 21.08 ? 109 SER A C   1 
ATOM   809  O  O   . SER A 1 102 ? -5.443  5.916   8.750   1.00 21.91 ? 109 SER A O   1 
ATOM   810  C  CB  . SER A 1 102 ? -4.274  5.313   5.824   1.00 20.55 ? 109 SER A CB  1 
ATOM   811  O  OG  . SER A 1 102 ? -4.068  6.666   5.465   1.00 20.55 ? 109 SER A OG  1 
ATOM   812  N  N   . GLN A 1 103 ? -6.475  7.278   7.291   1.00 20.50 ? 110 GLN A N   1 
ATOM   813  C  CA  . GLN A 1 103 ? -6.573  8.366   8.288   1.00 21.10 ? 110 GLN A CA  1 
ATOM   814  C  C   . GLN A 1 103 ? -7.887  8.351   9.082   1.00 22.10 ? 110 GLN A C   1 
ATOM   815  O  O   . GLN A 1 103 ? -7.889  8.648   10.282  1.00 22.79 ? 110 GLN A O   1 
ATOM   816  C  CB  . GLN A 1 103 ? -6.415  9.712   7.596   1.00 20.97 ? 110 GLN A CB  1 
ATOM   817  C  CG  . GLN A 1 103 ? -4.966  9.946   7.079   1.00 20.55 ? 110 GLN A CG  1 
ATOM   818  C  CD  . GLN A 1 103 ? -4.809  11.165  6.202   1.00 18.98 ? 110 GLN A CD  1 
ATOM   819  O  OE1 . GLN A 1 103 ? -5.777  11.782  5.756   1.00 19.99 ? 110 GLN A OE1 1 
ATOM   820  N  NE2 . GLN A 1 103 ? -3.548  11.494  5.893   1.00 22.17 ? 110 GLN A NE2 1 
ATOM   821  N  N   . LYS A 1 104 ? -8.987  8.048   8.407   1.00 21.93 ? 111 LYS A N   1 
ATOM   822  C  CA  . LYS A 1 104 ? -10.347 8.158   8.991   1.00 23.50 ? 111 LYS A CA  1 
ATOM   823  C  C   . LYS A 1 104 ? -11.047 6.808   9.031   1.00 22.81 ? 111 LYS A C   1 
ATOM   824  O  O   . LYS A 1 104 ? -12.180 6.708   9.481   1.00 21.54 ? 111 LYS A O   1 
ATOM   825  C  CB  . LYS A 1 104 ? -11.234 9.061   8.123   1.00 24.33 ? 111 LYS A CB  1 
ATOM   826  C  CG  . LYS A 1 104 ? -10.644 10.395  7.767   1.00 28.48 ? 111 LYS A CG  1 
ATOM   827  C  CD  . LYS A 1 104 ? -11.688 11.324  7.255   1.00 33.26 ? 111 LYS A CD  1 
ATOM   828  C  CE  . LYS A 1 104 ? -12.144 10.986  5.855   1.00 38.69 ? 111 LYS A CE  1 
ATOM   829  N  NZ  . LYS A 1 104 ? -12.866 12.180  5.318   1.00 42.66 ? 111 LYS A NZ  1 
ATOM   830  N  N   . GLY A 1 105 ? -10.414 5.764   8.518   1.00 22.85 ? 112 GLY A N   1 
ATOM   831  C  CA  . GLY A 1 105 ? -11.108 4.482   8.438   1.00 21.99 ? 112 GLY A CA  1 
ATOM   832  C  C   . GLY A 1 105 ? -10.304 3.294   8.918   1.00 21.66 ? 112 GLY A C   1 
ATOM   833  O  O   . GLY A 1 105 ? -9.386  3.444   9.728   1.00 21.53 ? 112 GLY A O   1 
ATOM   834  N  N   . ASP A 1 106 ? -10.637 2.107   8.397   1.00 21.33 ? 113 ASP A N   1 
ATOM   835  C  CA  . ASP A 1 106 ? -9.955  0.884   8.854   1.00 21.49 ? 113 ASP A CA  1 
ATOM   836  C  C   . ASP A 1 106 ? -8.724  0.466   8.046   1.00 20.56 ? 113 ASP A C   1 
ATOM   837  O  O   . ASP A 1 106 ? -8.170  -0.609  8.272   1.00 20.70 ? 113 ASP A O   1 
ATOM   838  C  CB  . ASP A 1 106 ? -10.935 -0.274  8.983   1.00 21.77 ? 113 ASP A CB  1 
ATOM   839  C  CG  . ASP A 1 106 ? -11.387 -0.830  7.630   1.00 24.25 ? 113 ASP A CG  1 
ATOM   840  O  OD1 . ASP A 1 106 ? -10.966 -0.323  6.555   1.00 22.93 ? 113 ASP A OD1 1 
ATOM   841  O  OD2 . ASP A 1 106 ? -12.180 -1.796  7.653   1.00 24.77 ? 113 ASP A OD2 1 
ATOM   842  N  N   . GLY A 1 107 ? -8.312  1.309   7.118   1.00 20.75 ? 114 GLY A N   1 
ATOM   843  C  CA  . GLY A 1 107 ? -7.062  1.085   6.376   1.00 19.85 ? 114 GLY A CA  1 
ATOM   844  C  C   . GLY A 1 107 ? -7.261  0.336   5.063   1.00 19.34 ? 114 GLY A C   1 
ATOM   845  O  O   . GLY A 1 107 ? -6.357  0.347   4.212   1.00 18.48 ? 114 GLY A O   1 
ATOM   846  N  N   . PHE A 1 108 ? -8.423  -0.299  4.887   1.00 19.17 ? 115 PHE A N   1 
ATOM   847  C  CA  . PHE A 1 108 ? -8.631  -1.229  3.758   1.00 18.80 ? 115 PHE A CA  1 
ATOM   848  C  C   . PHE A 1 108 ? -9.390  -0.554  2.626   1.00 19.81 ? 115 PHE A C   1 
ATOM   849  O  O   . PHE A 1 108 ? -10.275 0.300   2.856   1.00 18.04 ? 115 PHE A O   1 
ATOM   850  C  CB  . PHE A 1 108 ? -9.381  -2.511  4.182   1.00 19.35 ? 115 PHE A CB  1 
ATOM   851  C  CG  . PHE A 1 108 ? -8.561  -3.424  5.075   1.00 19.46 ? 115 PHE A CG  1 
ATOM   852  C  CD1 . PHE A 1 108 ? -7.583  -4.260  4.533   1.00 21.09 ? 115 PHE A CD1 1 
ATOM   853  C  CD2 . PHE A 1 108 ? -8.748  -3.410  6.448   1.00 20.27 ? 115 PHE A CD2 1 
ATOM   854  C  CE1 . PHE A 1 108 ? -6.812  -5.075  5.363   1.00 21.30 ? 115 PHE A CE1 1 
ATOM   855  C  CE2 . PHE A 1 108 ? -7.999  -4.208  7.285   1.00 20.30 ? 115 PHE A CE2 1 
ATOM   856  C  CZ  . PHE A 1 108 ? -7.025  -5.038  6.745   1.00 21.59 ? 115 PHE A CZ  1 
ATOM   857  N  N   . LEU A 1 109 ? -9.057  -0.949  1.393   1.00 18.63 ? 116 LEU A N   1 
ATOM   858  C  CA  . LEU A 1 109 ? -9.782  -0.472  0.218   1.00 19.45 ? 116 LEU A CA  1 
ATOM   859  C  C   . LEU A 1 109 ? -9.700  -1.531  -0.878  1.00 19.80 ? 116 LEU A C   1 
ATOM   860  O  O   . LEU A 1 109 ? -8.593  -2.019  -1.171  1.00 19.54 ? 116 LEU A O   1 
ATOM   861  C  CB  . LEU A 1 109 ? -9.180  0.833   -0.313  1.00 19.62 ? 116 LEU A CB  1 
ATOM   862  C  CG  . LEU A 1 109 ? -9.986  1.501   -1.442  1.00 19.57 ? 116 LEU A CG  1 
ATOM   863  C  CD1 . LEU A 1 109 ? -11.344 2.133   -0.916  1.00 20.63 ? 116 LEU A CD1 1 
ATOM   864  C  CD2 . LEU A 1 109 ? -9.136  2.560   -2.220  1.00 19.35 ? 116 LEU A CD2 1 
ATOM   865  N  N   . TYR A 1 110 ? -10.849 -1.862  -1.497  1.00 19.90 ? 117 TYR A N   1 
ATOM   866  C  CA  . TYR A 1 110 ? -10.843 -2.744  -2.689  1.00 19.53 ? 117 TYR A CA  1 
ATOM   867  C  C   . TYR A 1 110 ? -10.696 -1.860  -3.942  1.00 19.80 ? 117 TYR A C   1 
ATOM   868  O  O   . TYR A 1 110 ? -11.361 -0.823  -4.065  1.00 19.42 ? 117 TYR A O   1 
ATOM   869  C  CB  . TYR A 1 110 ? -12.156 -3.536  -2.815  1.00 20.31 ? 117 TYR A CB  1 
ATOM   870  C  CG  . TYR A 1 110 ? -12.332 -4.663  -1.850  1.00 23.16 ? 117 TYR A CG  1 
ATOM   871  C  CD1 . TYR A 1 110 ? -11.815 -5.934  -2.137  1.00 24.90 ? 117 TYR A CD1 1 
ATOM   872  C  CD2 . TYR A 1 110 ? -13.013 -4.478  -0.631  1.00 24.86 ? 117 TYR A CD2 1 
ATOM   873  C  CE1 . TYR A 1 110 ? -11.981 -7.000  -1.248  1.00 25.66 ? 117 TYR A CE1 1 
ATOM   874  C  CE2 . TYR A 1 110 ? -13.186 -5.539  0.260   1.00 28.14 ? 117 TYR A CE2 1 
ATOM   875  C  CZ  . TYR A 1 110 ? -12.666 -6.797  -0.070  1.00 27.85 ? 117 TYR A CZ  1 
ATOM   876  O  OH  . TYR A 1 110 ? -12.807 -7.863  0.774   1.00 30.26 ? 117 TYR A OH  1 
ATOM   877  N  N   . PHE A 1 111 ? -9.829  -2.262  -4.881  1.00 19.25 ? 118 PHE A N   1 
ATOM   878  C  CA  . PHE A 1 111 ? -9.635  -1.536  -6.138  1.00 18.93 ? 118 PHE A CA  1 
ATOM   879  C  C   . PHE A 1 111 ? -8.856  -2.464  -7.062  1.00 18.61 ? 118 PHE A C   1 
ATOM   880  O  O   . PHE A 1 111 ? -8.395  -3.502  -6.626  1.00 19.92 ? 118 PHE A O   1 
ATOM   881  C  CB  . PHE A 1 111 ? -8.847  -0.222  -5.939  1.00 18.57 ? 118 PHE A CB  1 
ATOM   882  C  CG  . PHE A 1 111 ? -7.474  -0.389  -5.301  1.00 19.33 ? 118 PHE A CG  1 
ATOM   883  C  CD1 . PHE A 1 111 ? -6.320  -0.438  -6.105  1.00 19.75 ? 118 PHE A CD1 1 
ATOM   884  C  CD2 . PHE A 1 111 ? -7.327  -0.442  -3.889  1.00 19.97 ? 118 PHE A CD2 1 
ATOM   885  C  CE1 . PHE A 1 111 ? -5.020  -0.548  -5.512  1.00 18.90 ? 118 PHE A CE1 1 
ATOM   886  C  CE2 . PHE A 1 111 ? -6.064  -0.575  -3.293  1.00 16.18 ? 118 PHE A CE2 1 
ATOM   887  C  CZ  . PHE A 1 111 ? -4.894  -0.635  -4.099  1.00 16.61 ? 118 PHE A CZ  1 
ATOM   888  N  N   . SER A 1 112 ? -8.741  -2.084  -8.332  1.00 19.97 ? 119 SER A N   1 
ATOM   889  C  CA  . SER A 1 112 ? -7.911  -2.819  -9.304  1.00 19.80 ? 119 SER A CA  1 
ATOM   890  C  C   . SER A 1 112 ? -6.657  -2.010  -9.573  1.00 19.62 ? 119 SER A C   1 
ATOM   891  O  O   . SER A 1 112 ? -6.686  -0.778  -9.558  1.00 19.84 ? 119 SER A O   1 
ATOM   892  C  CB  . SER A 1 112 ? -8.663  -3.050  -10.610 1.00 20.45 ? 119 SER A CB  1 
ATOM   893  O  OG  . SER A 1 112 ? -9.677  -4.016  -10.406 1.00 24.20 ? 119 SER A OG  1 
ATOM   894  N  N   . TRP A 1 113 ? -5.555  -2.724  -9.789  1.00 18.54 ? 120 TRP A N   1 
ATOM   895  C  CA  . TRP A 1 113 ? -4.262  -2.124  -10.027 1.00 18.27 ? 120 TRP A CA  1 
ATOM   896  C  C   . TRP A 1 113 ? -3.422  -3.118  -10.843 1.00 18.37 ? 120 TRP A C   1 
ATOM   897  O  O   . TRP A 1 113 ? -3.680  -4.346  -10.850 1.00 19.29 ? 120 TRP A O   1 
ATOM   898  C  CB  . TRP A 1 113 ? -3.557  -1.800  -8.693  1.00 17.33 ? 120 TRP A CB  1 
ATOM   899  C  CG  . TRP A 1 113 ? -2.439  -0.807  -8.860  1.00 17.86 ? 120 TRP A CG  1 
ATOM   900  C  CD1 . TRP A 1 113 ? -1.110  -1.091  -9.118  1.00 18.51 ? 120 TRP A CD1 1 
ATOM   901  C  CD2 . TRP A 1 113 ? -2.541  0.624   -8.800  1.00 19.47 ? 120 TRP A CD2 1 
ATOM   902  N  NE1 . TRP A 1 113 ? -0.398  0.082   -9.229  1.00 19.55 ? 120 TRP A NE1 1 
ATOM   903  C  CE2 . TRP A 1 113 ? -1.242  1.146   -9.014  1.00 19.72 ? 120 TRP A CE2 1 
ATOM   904  C  CE3 . TRP A 1 113 ? -3.615  1.519   -8.567  1.00 20.01 ? 120 TRP A CE3 1 
ATOM   905  C  CZ2 . TRP A 1 113 ? -0.972  2.522   -9.037  1.00 21.75 ? 120 TRP A CZ2 1 
ATOM   906  C  CZ3 . TRP A 1 113 ? -3.338  2.898   -8.578  1.00 22.06 ? 120 TRP A CZ3 1 
ATOM   907  C  CH2 . TRP A 1 113 ? -2.028  3.383   -8.793  1.00 21.46 ? 120 TRP A CH2 1 
ATOM   908  N  N   . HIS A 1 114 ? -2.399  -2.592  -11.503 1.00 18.55 ? 121 HIS A N   1 
ATOM   909  C  CA  . HIS A 1 114 ? -1.383  -3.438  -12.139 1.00 17.23 ? 121 HIS A CA  1 
ATOM   910  C  C   . HIS A 1 114 ? -0.958  -4.555  -11.165 1.00 17.34 ? 121 HIS A C   1 
ATOM   911  O  O   . HIS A 1 114 ? -0.646  -4.305  -10.001 1.00 17.09 ? 121 HIS A O   1 
ATOM   912  C  CB  . HIS A 1 114 ? -0.180  -2.573  -12.491 1.00 16.75 ? 121 HIS A CB  1 
ATOM   913  C  CG  . HIS A 1 114 ? 1.026   -3.346  -12.954 1.00 19.09 ? 121 HIS A CG  1 
ATOM   914  N  ND1 . HIS A 1 114 ? 2.053   -3.699  -12.105 1.00 17.40 ? 121 HIS A ND1 1 
ATOM   915  C  CD2 . HIS A 1 114 ? 1.398   -3.753  -14.190 1.00 20.42 ? 121 HIS A CD2 1 
ATOM   916  C  CE1 . HIS A 1 114 ? 3.000   -4.314  -12.795 1.00 21.69 ? 121 HIS A CE1 1 
ATOM   917  N  NE2 . HIS A 1 114 ? 2.634   -4.342  -14.070 1.00 19.84 ? 121 HIS A NE2 1 
ATOM   918  N  N   . LYS A 1 115 ? -0.941  -5.787  -11.659 1.00 16.64 ? 122 LYS A N   1 
ATOM   919  C  CA  . LYS A 1 115 ? -0.466  -6.926  -10.888 1.00 17.36 ? 122 LYS A CA  1 
ATOM   920  C  C   . LYS A 1 115 ? 0.868   -7.414  -11.523 1.00 18.05 ? 122 LYS A C   1 
ATOM   921  O  O   . LYS A 1 115 ? 0.870   -7.848  -12.681 1.00 19.06 ? 122 LYS A O   1 
ATOM   922  C  CB  . LYS A 1 115 ? -1.512  -8.046  -10.967 1.00 16.94 ? 122 LYS A CB  1 
ATOM   923  C  CG  . LYS A 1 115 ? -1.118  -9.330  -10.236 1.00 19.62 ? 122 LYS A CG  1 
ATOM   924  C  CD  . LYS A 1 115 ? -2.276  -10.349 -10.267 1.00 20.85 ? 122 LYS A CD  1 
ATOM   925  C  CE  . LYS A 1 115 ? -1.887  -11.636 -9.556  1.00 23.06 ? 122 LYS A CE  1 
ATOM   926  N  NZ  . LYS A 1 115 ? -2.997  -12.660 -9.539  1.00 25.03 ? 122 LYS A NZ  1 
ATOM   927  N  N   . PRO A 1 116 ? 1.995   -7.310  -10.789 1.00 18.51 ? 123 PRO A N   1 
ATOM   928  C  CA  . PRO A 1 116 ? 3.308   -7.606  -11.394 1.00 18.13 ? 123 PRO A CA  1 
ATOM   929  C  C   . PRO A 1 116 ? 3.375   -8.920  -12.151 1.00 18.22 ? 123 PRO A C   1 
ATOM   930  O  O   . PRO A 1 116 ? 3.904   -8.941  -13.282 1.00 20.27 ? 123 PRO A O   1 
ATOM   931  C  CB  . PRO A 1 116 ? 4.262   -7.588  -10.194 1.00 18.71 ? 123 PRO A CB  1 
ATOM   932  C  CG  . PRO A 1 116 ? 3.652   -6.448  -9.305  1.00 16.89 ? 123 PRO A CG  1 
ATOM   933  C  CD  . PRO A 1 116 ? 2.120   -6.697  -9.442  1.00 18.37 ? 123 PRO A CD  1 
ATOM   934  N  N   . THR A 1 117 ? 2.857   -10.006 -11.585 1.00 19.79 ? 124 THR A N   1 
ATOM   935  C  CA  . THR A 1 117 ? 3.092   -11.322 -12.199 1.00 19.65 ? 124 THR A CA  1 
ATOM   936  C  C   . THR A 1 117 ? 2.363   -11.542 -13.539 1.00 20.18 ? 124 THR A C   1 
ATOM   937  O  O   . THR A 1 117 ? 2.618   -12.553 -14.205 1.00 20.68 ? 124 THR A O   1 
ATOM   938  C  CB  . THR A 1 117 ? 2.768   -12.502 -11.237 1.00 20.25 ? 124 THR A CB  1 
ATOM   939  O  OG1 . THR A 1 117 ? 1.414   -12.404 -10.764 1.00 20.00 ? 124 THR A OG1 1 
ATOM   940  C  CG2 . THR A 1 117 ? 3.755   -12.548 -10.038 1.00 21.73 ? 124 THR A CG2 1 
ATOM   941  N  N   . ILE A 1 118 ? 1.435   -10.651 -13.914 1.00 19.20 ? 125 ILE A N   1 
ATOM   942  C  CA  . ILE A 1 118 ? 0.749   -10.740 -15.226 1.00 19.28 ? 125 ILE A CA  1 
ATOM   943  C  C   . ILE A 1 118 ? 0.836   -9.443  -16.024 1.00 19.00 ? 125 ILE A C   1 
ATOM   944  O  O   . ILE A 1 118 ? 0.304   -9.347  -17.142 1.00 18.31 ? 125 ILE A O   1 
ATOM   945  C  CB  . ILE A 1 118 ? -0.761  -11.158 -15.102 1.00 20.27 ? 125 ILE A CB  1 
ATOM   946  C  CG1 . ILE A 1 118 ? -1.557  -10.129 -14.256 1.00 18.79 ? 125 ILE A CG1 1 
ATOM   947  C  CG2 . ILE A 1 118 ? -0.870  -12.578 -14.530 1.00 21.26 ? 125 ILE A CG2 1 
ATOM   948  C  CD1 . ILE A 1 118 ? -3.134  -10.393 -14.214 1.00 21.20 ? 125 ILE A CD1 1 
ATOM   949  N  N   . ASN A 1 119 ? 1.511   -8.443  -15.458 1.00 17.83 ? 126 ASN A N   1 
ATOM   950  C  CA  . ASN A 1 119 ? 1.615   -7.136  -16.095 1.00 18.56 ? 126 ASN A CA  1 
ATOM   951  C  C   . ASN A 1 119 ? 0.275   -6.646  -16.685 1.00 18.69 ? 126 ASN A C   1 
ATOM   952  O  O   . ASN A 1 119 ? 0.206   -6.251  -17.872 1.00 17.86 ? 126 ASN A O   1 
ATOM   953  C  CB  . ASN A 1 119 ? 2.731   -7.123  -17.198 1.00 17.62 ? 126 ASN A CB  1 
ATOM   954  C  CG  . ASN A 1 119 ? 3.050   -5.716  -17.684 1.00 18.19 ? 126 ASN A CG  1 
ATOM   955  O  OD1 . ASN A 1 119 ? 2.851   -4.730  -16.946 1.00 18.87 ? 126 ASN A OD1 1 
ATOM   956  N  ND2 . ASN A 1 119 ? 3.542   -5.598  -18.919 1.00 17.66 ? 126 ASN A ND2 1 
ATOM   957  N  N   . ALA A 1 120 ? -0.795  -6.681  -15.873 1.00 18.38 ? 127 ALA A N   1 
ATOM   958  C  CA  . ALA A 1 120 ? -2.114  -6.242  -16.328 1.00 19.44 ? 127 ALA A CA  1 
ATOM   959  C  C   . ALA A 1 120 ? -2.928  -5.909  -15.077 1.00 19.48 ? 127 ALA A C   1 
ATOM   960  O  O   . ALA A 1 120 ? -2.573  -6.331  -13.998 1.00 17.44 ? 127 ALA A O   1 
ATOM   961  C  CB  . ALA A 1 120 ? -2.812  -7.407  -17.122 1.00 20.04 ? 127 ALA A CB  1 
ATOM   962  N  N   . GLN A 1 121 ? -4.016  -5.141  -15.232 1.00 20.23 ? 128 GLN A N   1 
ATOM   963  C  CA  . GLN A 1 121 ? -4.900  -4.833  -14.082 1.00 20.76 ? 128 GLN A CA  1 
ATOM   964  C  C   . GLN A 1 121 ? -5.533  -6.067  -13.490 1.00 21.12 ? 128 GLN A C   1 
ATOM   965  O  O   . GLN A 1 121 ? -5.927  -6.981  -14.218 1.00 21.59 ? 128 GLN A O   1 
ATOM   966  C  CB  . GLN A 1 121 ? -6.011  -3.849  -14.542 1.00 21.65 ? 128 GLN A CB  1 
ATOM   967  C  CG  . GLN A 1 121 ? -5.458  -2.580  -15.139 1.00 22.44 ? 128 GLN A CG  1 
ATOM   968  C  CD  . GLN A 1 121 ? -4.862  -1.695  -14.054 1.00 25.16 ? 128 GLN A CD  1 
ATOM   969  O  OE1 . GLN A 1 121 ? -5.519  -1.419  -13.034 1.00 23.60 ? 128 GLN A OE1 1 
ATOM   970  N  NE2 . GLN A 1 121 ? -3.615  -1.264  -14.253 1.00 23.16 ? 128 GLN A NE2 1 
ATOM   971  N  N   . ALA A 1 122 ? -5.641  -6.117  -12.166 1.00 19.98 ? 129 ALA A N   1 
ATOM   972  C  CA  . ALA A 1 122 ? -6.341  -7.186  -11.467 1.00 20.32 ? 129 ALA A CA  1 
ATOM   973  C  C   . ALA A 1 122 ? -6.954  -6.665  -10.171 1.00 20.36 ? 129 ALA A C   1 
ATOM   974  O  O   . ALA A 1 122 ? -6.402  -5.739  -9.566  1.00 19.63 ? 129 ALA A O   1 
ATOM   975  C  CB  . ALA A 1 122 ? -5.409  -8.351  -11.121 1.00 20.44 ? 129 ALA A CB  1 
ATOM   976  N  N   . PRO A 1 123 ? -8.053  -7.293  -9.719  1.00 21.71 ? 130 PRO A N   1 
ATOM   977  C  CA  . PRO A 1 123 ? -8.638  -6.856  -8.442  1.00 21.80 ? 130 PRO A CA  1 
ATOM   978  C  C   . PRO A 1 123 ? -7.712  -7.099  -7.258  1.00 20.97 ? 130 PRO A C   1 
ATOM   979  O  O   . PRO A 1 123 ? -7.081  -8.174  -7.150  1.00 19.92 ? 130 PRO A O   1 
ATOM   980  C  CB  . PRO A 1 123 ? -9.938  -7.663  -8.323  1.00 21.93 ? 130 PRO A CB  1 
ATOM   981  C  CG  . PRO A 1 123 ? -9.817  -8.784  -9.294  1.00 25.59 ? 130 PRO A CG  1 
ATOM   982  C  CD  . PRO A 1 123 ? -8.876  -8.320  -10.396 1.00 22.66 ? 130 PRO A CD  1 
ATOM   983  N  N   . LYS A 1 124 ? -7.672  -6.115  -6.358  1.00 20.95 ? 131 LYS A N   1 
ATOM   984  C  CA  . LYS A 1 124 ? -6.738  -6.113  -5.233  1.00 20.28 ? 131 LYS A CA  1 
ATOM   985  C  C   . LYS A 1 124 ? -7.475  -5.698  -3.961  1.00 20.08 ? 131 LYS A C   1 
ATOM   986  O  O   . LYS A 1 124 ? -8.503  -4.996  -4.016  1.00 20.15 ? 131 LYS A O   1 
ATOM   987  C  CB  . LYS A 1 124 ? -5.653  -5.055  -5.558  1.00 20.37 ? 131 LYS A CB  1 
ATOM   988  C  CG  . LYS A 1 124 ? -4.473  -4.941  -4.619  1.00 20.15 ? 131 LYS A CG  1 
ATOM   989  C  CD  . LYS A 1 124 ? -3.424  -3.992  -5.245  1.00 18.32 ? 131 LYS A CD  1 
ATOM   990  C  CE  . LYS A 1 124 ? -2.117  -3.941  -4.413  1.00 17.41 ? 131 LYS A CE  1 
ATOM   991  N  NZ  . LYS A 1 124 ? -1.028  -3.158  -5.132  1.00 19.09 ? 131 LYS A NZ  1 
ATOM   992  N  N   . LEU A 1 125 ? -6.938  -6.119  -2.817  1.00 20.10 ? 132 LEU A N   1 
ATOM   993  C  CA  . LEU A 1 125 ? -7.362  -5.561  -1.538  1.00 19.53 ? 132 LEU A CA  1 
ATOM   994  C  C   . LEU A 1 125 ? -6.156  -4.854  -0.932  1.00 19.30 ? 132 LEU A C   1 
ATOM   995  O  O   . LEU A 1 125 ? -5.181  -5.489  -0.600  1.00 18.37 ? 132 LEU A O   1 
ATOM   996  C  CB  . LEU A 1 125 ? -7.892  -6.644  -0.601  1.00 19.30 ? 132 LEU A CB  1 
ATOM   997  C  CG  . LEU A 1 125 ? -8.171  -6.196  0.862   1.00 21.83 ? 132 LEU A CG  1 
ATOM   998  C  CD1 . LEU A 1 125 ? -9.226  -5.071  0.875   1.00 21.48 ? 132 LEU A CD1 1 
ATOM   999  C  CD2 . LEU A 1 125 ? -8.645  -7.398  1.672   1.00 24.89 ? 132 LEU A CD2 1 
ATOM   1000 N  N   . GLY A 1 126 ? -6.227  -3.533  -0.827  1.00 18.90 ? 133 GLY A N   1 
ATOM   1001 C  CA  . GLY A 1 126 ? -5.113  -2.744  -0.292  1.00 18.99 ? 133 GLY A CA  1 
ATOM   1002 C  C   . GLY A 1 126 ? -5.281  -2.471  1.179   1.00 19.04 ? 133 GLY A C   1 
ATOM   1003 O  O   . GLY A 1 126 ? -6.396  -2.524  1.702   1.00 19.38 ? 133 GLY A O   1 
ATOM   1004 N  N   . TYR A 1 127 ? -4.170  -2.216  1.851   1.00 18.78 ? 134 TYR A N   1 
ATOM   1005 C  CA  . TYR A 1 127 ? -4.162  -1.915  3.276   1.00 18.88 ? 134 TYR A CA  1 
ATOM   1006 C  C   . TYR A 1 127 ? -3.091  -0.828  3.477   1.00 18.75 ? 134 TYR A C   1 
ATOM   1007 O  O   . TYR A 1 127 ? -1.967  -0.963  3.015   1.00 18.51 ? 134 TYR A O   1 
ATOM   1008 C  CB  . TYR A 1 127 ? -3.884  -3.162  4.148   1.00 19.36 ? 134 TYR A CB  1 
ATOM   1009 C  CG  . TYR A 1 127 ? -3.797  -2.740  5.611   1.00 19.72 ? 134 TYR A CG  1 
ATOM   1010 C  CD1 . TYR A 1 127 ? -4.928  -2.282  6.279   1.00 19.00 ? 134 TYR A CD1 1 
ATOM   1011 C  CD2 . TYR A 1 127 ? -2.564  -2.694  6.266   1.00 17.77 ? 134 TYR A CD2 1 
ATOM   1012 C  CE1 . TYR A 1 127 ? -4.846  -1.830  7.608   1.00 19.46 ? 134 TYR A CE1 1 
ATOM   1013 C  CE2 . TYR A 1 127 ? -2.469  -2.261  7.601   1.00 21.07 ? 134 TYR A CE2 1 
ATOM   1014 C  CZ  . TYR A 1 127 ? -3.624  -1.821  8.247   1.00 20.57 ? 134 TYR A CZ  1 
ATOM   1015 O  OH  . TYR A 1 127 ? -3.568  -1.399  9.546   1.00 21.54 ? 134 TYR A OH  1 
ATOM   1016 N  N   . ALA A 1 128 ? -3.474  0.284   4.103   1.00 18.72 ? 135 ALA A N   1 
ATOM   1017 C  CA  . ALA A 1 128 ? -2.579  1.420   4.325   1.00 18.36 ? 135 ALA A CA  1 
ATOM   1018 C  C   . ALA A 1 128 ? -2.614  1.961   5.788   1.00 18.83 ? 135 ALA A C   1 
ATOM   1019 O  O   . ALA A 1 128 ? -3.681  1.923   6.487   1.00 17.94 ? 135 ALA A O   1 
ATOM   1020 C  CB  . ALA A 1 128 ? -2.889  2.547   3.290   1.00 18.37 ? 135 ALA A CB  1 
ATOM   1021 N  N   . GLU A 1 129 ? -1.432  2.396   6.250   1.00 18.86 ? 136 GLU A N   1 
ATOM   1022 C  CA  . GLU A 1 129 ? -1.265  3.028   7.550   1.00 19.64 ? 136 GLU A CA  1 
ATOM   1023 C  C   . GLU A 1 129 ? -0.613  4.391   7.352   1.00 20.40 ? 136 GLU A C   1 
ATOM   1024 O  O   . GLU A 1 129 ? 0.215   4.591   6.441   1.00 20.42 ? 136 GLU A O   1 
ATOM   1025 C  CB  . GLU A 1 129 ? -0.449  2.127   8.504   1.00 19.87 ? 136 GLU A CB  1 
ATOM   1026 C  CG  . GLU A 1 129 ? -1.316  1.026   9.168   1.00 25.43 ? 136 GLU A CG  1 
ATOM   1027 C  CD  . GLU A 1 129 ? -0.527  0.095   10.160  1.00 28.85 ? 136 GLU A CD  1 
ATOM   1028 O  OE1 . GLU A 1 129 ? 0.664   0.437   10.487  1.00 24.01 ? 136 GLU A OE1 1 
ATOM   1029 O  OE2 . GLU A 1 129 ? -1.122  -0.967  10.568  1.00 26.24 ? 136 GLU A OE2 1 
ATOM   1030 N  N   . TYR A 1 130 ? -1.022  5.353   8.172   1.00 20.20 ? 137 TYR A N   1 
ATOM   1031 C  CA  . TYR A 1 130 ? -0.532  6.729   8.019   1.00 20.95 ? 137 TYR A CA  1 
ATOM   1032 C  C   . TYR A 1 130 ? 0.647   6.985   8.954   1.00 21.32 ? 137 TYR A C   1 
ATOM   1033 O  O   . TYR A 1 130 ? 0.561   6.684   10.166  1.00 21.93 ? 137 TYR A O   1 
ATOM   1034 C  CB  . TYR A 1 130 ? -1.680  7.717   8.302   1.00 20.35 ? 137 TYR A CB  1 
ATOM   1035 C  CG  . TYR A 1 130 ? -1.282  9.170   8.108   1.00 20.22 ? 137 TYR A CG  1 
ATOM   1036 C  CD1 . TYR A 1 130 ? -0.686  9.596   6.918   1.00 20.51 ? 137 TYR A CD1 1 
ATOM   1037 C  CD2 . TYR A 1 130 ? -1.496  10.123  9.113   1.00 20.26 ? 137 TYR A CD2 1 
ATOM   1038 C  CE1 . TYR A 1 130 ? -0.312  10.930  6.722   1.00 21.52 ? 137 TYR A CE1 1 
ATOM   1039 C  CE2 . TYR A 1 130 ? -1.125  11.463  8.936   1.00 20.88 ? 137 TYR A CE2 1 
ATOM   1040 C  CZ  . TYR A 1 130 ? -0.522  11.860  7.742   1.00 23.80 ? 137 TYR A CZ  1 
ATOM   1041 O  OH  . TYR A 1 130 ? -0.142  13.176  7.537   1.00 20.30 ? 137 TYR A OH  1 
ATOM   1042 N  N   . LEU A 1 131 ? 1.747   7.476   8.387   1.00 20.91 ? 138 LEU A N   1 
ATOM   1043 C  CA  . LEU A 1 131 ? 2.976   7.795   9.107   1.00 22.38 ? 138 LEU A CA  1 
ATOM   1044 C  C   . LEU A 1 131 ? 3.132   9.319   9.148   1.00 22.56 ? 138 LEU A C   1 
ATOM   1045 O  O   . LEU A 1 131 ? 3.694   9.946   8.230   1.00 22.17 ? 138 LEU A O   1 
ATOM   1046 C  CB  . LEU A 1 131 ? 4.185   7.161   8.409   1.00 23.00 ? 138 LEU A CB  1 
ATOM   1047 C  CG  . LEU A 1 131 ? 4.245   5.630   8.391   1.00 26.58 ? 138 LEU A CG  1 
ATOM   1048 C  CD1 . LEU A 1 131 ? 5.474   5.208   7.586   1.00 26.68 ? 138 LEU A CD1 1 
ATOM   1049 C  CD2 . LEU A 1 131 ? 4.333   5.082   9.815   1.00 30.45 ? 138 LEU A CD2 1 
ATOM   1050 N  N   . GLN A 1 132 ? 2.588   9.927   10.193  1.00 22.47 ? 139 GLN A N   1 
ATOM   1051 C  CA  . GLN A 1 132 ? 2.328   11.369  10.125  1.00 23.55 ? 139 GLN A CA  1 
ATOM   1052 C  C   . GLN A 1 132 ? 3.584   12.250  10.024  1.00 23.86 ? 139 GLN A C   1 
ATOM   1053 O  O   . GLN A 1 132 ? 3.535   13.332  9.420   1.00 23.79 ? 139 GLN A O   1 
ATOM   1054 C  CB  . GLN A 1 132 ? 1.449   11.797  11.308  1.00 22.93 ? 139 GLN A CB  1 
ATOM   1055 C  CG  . GLN A 1 132 ? 2.082   11.511  12.658  1.00 25.54 ? 139 GLN A CG  1 
ATOM   1056 C  CD  . GLN A 1 132 ? 2.953   12.677  13.162  1.00 30.36 ? 139 GLN A CD  1 
ATOM   1057 O  OE1 . GLN A 1 132 ? 2.970   13.784  12.574  1.00 24.59 ? 139 GLN A OE1 1 
ATOM   1058 N  NE2 . GLN A 1 132 ? 3.694   12.420  14.240  1.00 32.04 ? 139 GLN A NE2 1 
ATOM   1059 N  N   . LYS A 1 133 ? 4.704   11.793  10.593  1.00 24.16 ? 140 LYS A N   1 
ATOM   1060 C  CA  . LYS A 1 133 ? 5.943   12.593  10.629  1.00 25.10 ? 140 LYS A CA  1 
ATOM   1061 C  C   . LYS A 1 133 ? 6.418   12.930  9.232   1.00 24.68 ? 140 LYS A C   1 
ATOM   1062 O  O   . LYS A 1 133 ? 6.884   14.035  8.979   1.00 22.72 ? 140 LYS A O   1 
ATOM   1063 C  CB  . LYS A 1 133 ? 7.054   11.843  11.360  1.00 26.59 ? 140 LYS A CB  1 
ATOM   1064 C  CG  . LYS A 1 133 ? 8.335   12.672  11.537  1.00 32.61 ? 140 LYS A CG  1 
ATOM   1065 C  CD  . LYS A 1 133 ? 9.454   11.883  12.257  1.00 38.32 ? 140 LYS A CD  1 
ATOM   1066 C  CE  . LYS A 1 133 ? 9.032   11.351  13.597  1.00 41.03 ? 140 LYS A CE  1 
ATOM   1067 N  NZ  . LYS A 1 133 ? 10.269  10.799  14.286  1.00 44.50 ? 140 LYS A NZ  1 
ATOM   1068 N  N   . TRP A 1 134 ? 6.258   11.965  8.320   1.00 23.52 ? 141 TRP A N   1 
ATOM   1069 C  CA  . TRP A 1 134 ? 6.601   12.145  6.916   1.00 23.19 ? 141 TRP A CA  1 
ATOM   1070 C  C   . TRP A 1 134 ? 5.427   12.430  5.959   1.00 23.11 ? 141 TRP A C   1 
ATOM   1071 O  O   . TRP A 1 134 ? 5.659   12.619  4.756   1.00 23.10 ? 141 TRP A O   1 
ATOM   1072 C  CB  . TRP A 1 134 ? 7.363   10.902  6.452   1.00 22.73 ? 141 TRP A CB  1 
ATOM   1073 C  CG  . TRP A 1 134 ? 8.712   10.824  7.063   1.00 23.59 ? 141 TRP A CG  1 
ATOM   1074 C  CD1 . TRP A 1 134 ? 9.370   11.820  7.749   1.00 25.56 ? 141 TRP A CD1 1 
ATOM   1075 C  CD2 . TRP A 1 134 ? 9.592   9.714   7.025   1.00 23.98 ? 141 TRP A CD2 1 
ATOM   1076 N  NE1 . TRP A 1 134 ? 10.611  11.377  8.151   1.00 25.75 ? 141 TRP A NE1 1 
ATOM   1077 C  CE2 . TRP A 1 134 ? 10.770  10.084  7.713   1.00 25.47 ? 141 TRP A CE2 1 
ATOM   1078 C  CE3 . TRP A 1 134 ? 9.499   8.428   6.480   1.00 23.59 ? 141 TRP A CE3 1 
ATOM   1079 C  CZ2 . TRP A 1 134 ? 11.854  9.215   7.859   1.00 27.33 ? 141 TRP A CZ2 1 
ATOM   1080 C  CZ3 . TRP A 1 134 ? 10.580  7.566   6.631   1.00 25.56 ? 141 TRP A CZ3 1 
ATOM   1081 C  CH2 . TRP A 1 134 ? 11.734  7.958   7.316   1.00 26.86 ? 141 TRP A CH2 1 
ATOM   1082 N  N   . ASP A 1 135 ? 4.205   12.493  6.497   1.00 22.11 ? 142 ASP A N   1 
ATOM   1083 C  CA  . ASP A 1 135 ? 2.961   12.554  5.734   1.00 22.28 ? 142 ASP A CA  1 
ATOM   1084 C  C   . ASP A 1 135 ? 2.976   11.445  4.661   1.00 22.44 ? 142 ASP A C   1 
ATOM   1085 O  O   . ASP A 1 135 ? 2.741   11.721  3.483   1.00 23.51 ? 142 ASP A O   1 
ATOM   1086 C  CB  . ASP A 1 135 ? 2.763   13.938  5.067   1.00 22.32 ? 142 ASP A CB  1 
ATOM   1087 C  CG  . ASP A 1 135 ? 1.390   14.118  4.465   1.00 23.39 ? 142 ASP A CG  1 
ATOM   1088 O  OD1 . ASP A 1 135 ? 0.395   13.639  5.060   1.00 26.84 ? 142 ASP A OD1 1 
ATOM   1089 O  OD2 . ASP A 1 135 ? 1.282   14.760  3.373   1.00 23.13 ? 142 ASP A OD2 1 
ATOM   1090 N  N   . TRP A 1 136 ? 3.294   10.216  5.064   1.00 20.70 ? 143 TRP A N   1 
ATOM   1091 C  CA  . TRP A 1 136 ? 3.203   9.073   4.151   1.00 19.72 ? 143 TRP A CA  1 
ATOM   1092 C  C   . TRP A 1 136 ? 2.027   8.208   4.532   1.00 20.14 ? 143 TRP A C   1 
ATOM   1093 O  O   . TRP A 1 136 ? 1.931   7.735   5.674   1.00 21.13 ? 143 TRP A O   1 
ATOM   1094 C  CB  . TRP A 1 136 ? 4.461   8.209   4.158   1.00 19.72 ? 143 TRP A CB  1 
ATOM   1095 C  CG  . TRP A 1 136 ? 5.663   8.799   3.467   1.00 20.06 ? 143 TRP A CG  1 
ATOM   1096 C  CD1 . TRP A 1 136 ? 5.753   10.001  2.813   1.00 20.92 ? 143 TRP A CD1 1 
ATOM   1097 C  CD2 . TRP A 1 136 ? 6.948   8.184   3.358   1.00 21.90 ? 143 TRP A CD2 1 
ATOM   1098 N  NE1 . TRP A 1 136 ? 7.027   10.172  2.308   1.00 21.91 ? 143 TRP A NE1 1 
ATOM   1099 C  CE2 . TRP A 1 136 ? 7.784   9.076   2.651   1.00 23.36 ? 143 TRP A CE2 1 
ATOM   1100 C  CE3 . TRP A 1 136 ? 7.477   6.962   3.794   1.00 21.49 ? 143 TRP A CE3 1 
ATOM   1101 C  CZ2 . TRP A 1 136 ? 9.115   8.763   2.338   1.00 22.19 ? 143 TRP A CZ2 1 
ATOM   1102 C  CZ3 . TRP A 1 136 ? 8.814   6.669   3.514   1.00 22.28 ? 143 TRP A CZ3 1 
ATOM   1103 C  CH2 . TRP A 1 136 ? 9.608   7.560   2.797   1.00 22.93 ? 143 TRP A CH2 1 
ATOM   1104 N  N   . VAL A 1 137 ? 1.165   7.979   3.543   1.00 19.07 ? 144 VAL A N   1 
ATOM   1105 C  CA  . VAL A 1 137 ? 0.190   6.901   3.571   1.00 18.53 ? 144 VAL A CA  1 
ATOM   1106 C  C   . VAL A 1 137 ? 0.904   5.734   2.900   1.00 18.07 ? 144 VAL A C   1 
ATOM   1107 O  O   . VAL A 1 137 ? 1.055   5.705   1.664   1.00 17.58 ? 144 VAL A O   1 
ATOM   1108 C  CB  . VAL A 1 137 ? -1.081  7.290   2.802   1.00 18.49 ? 144 VAL A CB  1 
ATOM   1109 C  CG1 . VAL A 1 137 ? -2.070  6.104   2.754   1.00 18.07 ? 144 VAL A CG1 1 
ATOM   1110 C  CG2 . VAL A 1 137 ? -1.755  8.506   3.453   1.00 18.12 ? 144 VAL A CG2 1 
ATOM   1111 N  N   . LEU A 1 138 ? 1.389   4.832   3.739   1.00 17.78 ? 145 LEU A N   1 
ATOM   1112 C  CA  . LEU A 1 138 ? 2.200   3.675   3.300   1.00 17.74 ? 145 LEU A CA  1 
ATOM   1113 C  C   . LEU A 1 138 ? 1.248   2.492   3.138   1.00 17.49 ? 145 LEU A C   1 
ATOM   1114 O  O   . LEU A 1 138 ? 0.507   2.193   4.063   1.00 18.24 ? 145 LEU A O   1 
ATOM   1115 C  CB  . LEU A 1 138 ? 3.244   3.342   4.368   1.00 16.94 ? 145 LEU A CB  1 
ATOM   1116 C  CG  . LEU A 1 138 ? 4.144   2.105   4.147   1.00 17.73 ? 145 LEU A CG  1 
ATOM   1117 C  CD1 . LEU A 1 138 ? 5.006   2.295   2.874   1.00 15.76 ? 145 LEU A CD1 1 
ATOM   1118 C  CD2 . LEU A 1 138 ? 5.048   1.830   5.367   1.00 18.09 ? 145 LEU A CD2 1 
ATOM   1119 N  N   . GLY A 1 139 ? 1.301   1.809   1.995   1.00 17.20 ? 146 GLY A N   1 
ATOM   1120 C  CA  . GLY A 1 139 ? 0.318   0.765   1.691   1.00 17.37 ? 146 GLY A CA  1 
ATOM   1121 C  C   . GLY A 1 139 ? 0.921   -0.473  1.049   1.00 17.73 ? 146 GLY A C   1 
ATOM   1122 O  O   . GLY A 1 139 ? 2.027   -0.420  0.525   1.00 17.29 ? 146 GLY A O   1 
ATOM   1123 N  N   . THR A 1 140 ? 0.180   -1.574  1.093   1.00 18.20 ? 147 THR A N   1 
ATOM   1124 C  CA  . THR A 1 140 ? 0.517   -2.762  0.342   1.00 18.87 ? 147 THR A CA  1 
ATOM   1125 C  C   . THR A 1 140 ? -0.825  -3.424  0.018   1.00 19.59 ? 147 THR A C   1 
ATOM   1126 O  O   . THR A 1 140 ? -1.889  -2.799  0.188   1.00 18.97 ? 147 THR A O   1 
ATOM   1127 C  CB  . THR A 1 140 ? 1.494   -3.717  1.125   1.00 19.88 ? 147 THR A CB  1 
ATOM   1128 O  OG1 . THR A 1 140 ? 1.794   -4.854  0.278   1.00 21.04 ? 147 THR A OG1 1 
ATOM   1129 C  CG2 . THR A 1 140 ? 0.858   -4.239  2.416   1.00 20.65 ? 147 THR A CG2 1 
ATOM   1130 N  N   . GLY A 1 141 ? -0.817  -4.660  -0.465  1.00 19.52 ? 148 GLY A N   1 
ATOM   1131 C  CA  . GLY A 1 141 ? -2.092  -5.289  -0.853  1.00 18.42 ? 148 GLY A CA  1 
ATOM   1132 C  C   . GLY A 1 141 ? -1.918  -6.736  -1.244  1.00 19.52 ? 148 GLY A C   1 
ATOM   1133 O  O   . GLY A 1 141 ? -0.789  -7.212  -1.415  1.00 18.80 ? 148 GLY A O   1 
ATOM   1134 N  N   . ILE A 1 142 ? -3.042  -7.446  -1.331  1.00 19.35 ? 149 ILE A N   1 
ATOM   1135 C  CA  A ILE A 1 142 ? -3.072  -8.824  -1.846  0.50 19.71 ? 149 ILE A CA  1 
ATOM   1136 C  CA  B ILE A 1 142 ? -3.030  -8.799  -1.890  0.50 20.29 ? 149 ILE A CA  1 
ATOM   1137 C  C   . ILE A 1 142 ? -4.022  -8.859  -3.050  1.00 20.33 ? 149 ILE A C   1 
ATOM   1138 O  O   . ILE A 1 142 ? -5.059  -8.174  -3.039  1.00 19.57 ? 149 ILE A O   1 
ATOM   1139 C  CB  A ILE A 1 142 ? -3.516  -9.804  -0.741  0.50 19.20 ? 149 ILE A CB  1 
ATOM   1140 C  CB  B ILE A 1 142 ? -3.291  -9.890  -0.827  0.50 20.14 ? 149 ILE A CB  1 
ATOM   1141 C  CG1 A ILE A 1 142 ? -2.483  -9.799  0.393   0.50 19.11 ? 149 ILE A CG1 1 
ATOM   1142 C  CG1 B ILE A 1 142 ? -4.458  -9.499  0.081   0.50 21.97 ? 149 ILE A CG1 1 
ATOM   1143 C  CG2 A ILE A 1 142 ? -3.717  -11.215 -1.274  0.50 19.00 ? 149 ILE A CG2 1 
ATOM   1144 C  CG2 B ILE A 1 142 ? -2.001  -10.158 0.005   0.50 20.39 ? 149 ILE A CG2 1 
ATOM   1145 C  CD1 A ILE A 1 142 ? -2.824  -10.712 1.529   0.50 17.84 ? 149 ILE A CD1 1 
ATOM   1146 C  CD1 B ILE A 1 142 ? -5.803  -9.856  -0.473  0.50 23.83 ? 149 ILE A CD1 1 
ATOM   1147 N  N   . TYR A 1 143 ? -3.697  -9.642  -4.075  1.00 20.74 ? 150 TYR A N   1 
ATOM   1148 C  CA  . TYR A 1 143 ? -4.573  -9.688  -5.263  1.00 23.10 ? 150 TYR A CA  1 
ATOM   1149 C  C   . TYR A 1 143 ? -5.664  -10.737 -5.062  1.00 26.20 ? 150 TYR A C   1 
ATOM   1150 O  O   . TYR A 1 143 ? -5.415  -11.798 -4.513  1.00 26.57 ? 150 TYR A O   1 
ATOM   1151 C  CB  . TYR A 1 143 ? -3.752  -9.901  -6.546  1.00 22.45 ? 150 TYR A CB  1 
ATOM   1152 C  CG  . TYR A 1 143 ? -2.928  -8.646  -6.839  1.00 22.14 ? 150 TYR A CG  1 
ATOM   1153 C  CD1 . TYR A 1 143 ? -3.431  -7.647  -7.694  1.00 20.23 ? 150 TYR A CD1 1 
ATOM   1154 C  CD2 . TYR A 1 143 ? -1.695  -8.428  -6.234  1.00 20.37 ? 150 TYR A CD2 1 
ATOM   1155 C  CE1 . TYR A 1 143 ? -2.719  -6.484  -7.939  1.00 18.98 ? 150 TYR A CE1 1 
ATOM   1156 C  CE2 . TYR A 1 143 ? -0.970  -7.260  -6.471  1.00 19.39 ? 150 TYR A CE2 1 
ATOM   1157 C  CZ  . TYR A 1 143 ? -1.477  -6.300  -7.322  1.00 18.83 ? 150 TYR A CZ  1 
ATOM   1158 O  OH  . TYR A 1 143 ? -0.762  -5.142  -7.570  1.00 18.02 ? 150 TYR A OH  1 
ATOM   1159 N  N   . ILE A 1 144 ? -6.887  -10.425 -5.445  1.00 29.85 ? 151 ILE A N   1 
ATOM   1160 C  CA  . ILE A 1 144 ? -7.991  -11.324 -5.108  1.00 34.11 ? 151 ILE A CA  1 
ATOM   1161 C  C   . ILE A 1 144 ? -8.586  -12.028 -6.327  1.00 36.61 ? 151 ILE A C   1 
ATOM   1162 O  O   . ILE A 1 144 ? -9.593  -12.747 -6.200  1.00 37.72 ? 151 ILE A O   1 
ATOM   1163 C  CB  . ILE A 1 144 ? -9.093  -10.630 -4.274  1.00 34.18 ? 151 ILE A CB  1 
ATOM   1164 C  CG1 . ILE A 1 144 ? -9.549  -9.324  -4.921  1.00 35.71 ? 151 ILE A CG1 1 
ATOM   1165 C  CG2 . ILE A 1 144 ? -8.594  -10.322 -2.846  1.00 36.26 ? 151 ILE A CG2 1 
ATOM   1166 C  CD1 . ILE A 1 144 ? -10.581 -8.618  -4.080  1.00 39.04 ? 151 ILE A CD1 1 
ATOM   1167 N  N   . ASP A 1 145 ? -7.963  -11.842 -7.489  1.00 38.84 ? 152 ASP A N   1 
ATOM   1168 C  CA  . ASP A 1 145 ? -8.432  -12.507 -8.720  1.00 42.43 ? 152 ASP A CA  1 
ATOM   1169 C  C   . ASP A 1 145 ? -8.668  -14.025 -8.590  1.00 44.43 ? 152 ASP A C   1 
ATOM   1170 O  O   . ASP A 1 145 ? -9.540  -14.562 -9.288  1.00 45.71 ? 152 ASP A O   1 
ATOM   1171 C  CB  . ASP A 1 145 ? -7.626  -12.130 -9.990  1.00 42.05 ? 152 ASP A CB  1 
ATOM   1172 C  CG  . ASP A 1 145 ? -6.099  -12.126 -9.786  1.00 44.34 ? 152 ASP A CG  1 
ATOM   1173 O  OD1 . ASP A 1 145 ? -5.581  -12.118 -8.641  1.00 43.58 ? 152 ASP A OD1 1 
ATOM   1174 O  OD2 . ASP A 1 145 ? -5.399  -12.109 -10.823 1.00 46.91 ? 152 ASP A OD2 1 
ATOM   1175 N  N   . ASP A 1 146 ? -7.914  -14.706 -7.721  1.00 46.50 ? 153 ASP A N   1 
ATOM   1176 C  CA  . ASP A 1 146 ? -8.347  -16.028 -7.202  1.00 48.22 ? 153 ASP A CA  1 
ATOM   1177 C  C   . ASP A 1 146 ? -9.715  -15.929 -6.453  1.00 48.39 ? 153 ASP A C   1 
ATOM   1178 O  O   . ASP A 1 146 ? -9.844  -16.188 -5.244  1.00 48.41 ? 153 ASP A O   1 
ATOM   1179 C  CB  . ASP A 1 146 ? -7.251  -16.727 -6.352  1.00 48.87 ? 153 ASP A CB  1 
ATOM   1180 C  CG  . ASP A 1 146 ? -6.453  -15.755 -5.489  1.00 51.50 ? 153 ASP A CG  1 
ATOM   1181 O  OD1 . ASP A 1 146 ? -7.074  -15.070 -4.643  1.00 52.88 ? 153 ASP A OD1 1 
ATOM   1182 O  OD2 . ASP A 1 146 ? -5.207  -15.675 -5.657  1.00 53.38 ? 153 ASP A OD2 1 
HETATM 1183 C  C   . PYR B 2 .   ? -0.617  0.255   -5.783  1.00 20.67 ? 201 PYR A C   1 
HETATM 1184 O  O   . PYR B 2 .   ? -1.539  -0.637  -5.487  1.00 20.01 ? 201 PYR A O   1 
HETATM 1185 O  OXT . PYR B 2 .   ? 0.538   -0.161  -6.266  1.00 19.95 ? 201 PYR A OXT 1 
HETATM 1186 C  CA  . PYR B 2 .   ? -0.854  1.637   -5.604  1.00 21.76 ? 201 PYR A CA  1 
HETATM 1187 O  O3  . PYR B 2 .   ? 0.100   2.432   -5.919  1.00 19.66 ? 201 PYR A O3  1 
HETATM 1188 C  CB  . PYR B 2 .   ? -2.165  2.228   -5.098  1.00 20.45 ? 201 PYR A CB  1 
HETATM 1189 O  O   . HOH C 3 .   ? -1.549  -2.426  -16.260 1.00 17.23 ? 301 HOH A O   1 
HETATM 1190 O  O   . HOH C 3 .   ? 8.197   -3.066  -1.658  1.00 17.54 ? 302 HOH A O   1 
HETATM 1191 O  O   . HOH C 3 .   ? 0.758   -3.313  -3.031  1.00 18.82 ? 303 HOH A O   1 
HETATM 1192 O  O   . HOH C 3 .   ? 1.175   -5.931  -2.987  1.00 20.49 ? 304 HOH A O   1 
HETATM 1193 O  O   . HOH C 3 .   ? -2.145  0.274   -12.214 1.00 20.46 ? 305 HOH A O   1 
HETATM 1194 O  O   . HOH C 3 .   ? -1.531  -10.402 -18.720 1.00 20.17 ? 306 HOH A O   1 
HETATM 1195 O  O   . HOH C 3 .   ? 2.097   -2.365  -9.575  1.00 18.34 ? 307 HOH A O   1 
HETATM 1196 O  O   . HOH C 3 .   ? -10.905 -5.419  -5.716  1.00 21.99 ? 308 HOH A O   1 
HETATM 1197 O  O   . HOH C 3 .   ? 15.434  -0.282  -3.049  1.00 26.22 ? 309 HOH A O   1 
HETATM 1198 O  O   . HOH C 3 .   ? 1.208   8.408   12.199  1.00 23.24 ? 310 HOH A O   1 
HETATM 1199 O  O   . HOH C 3 .   ? 8.730   -3.710  -11.120 1.00 21.42 ? 311 HOH A O   1 
HETATM 1200 O  O   . HOH C 3 .   ? -12.401 -1.781  -8.537  1.00 23.06 ? 312 HOH A O   1 
HETATM 1201 O  O   . HOH C 3 .   ? -5.908  1.014   -11.491 1.00 24.66 ? 313 HOH A O   1 
HETATM 1202 O  O   . HOH C 3 .   ? -11.380 -4.279  -8.324  1.00 20.72 ? 314 HOH A O   1 
HETATM 1203 O  O   . HOH C 3 .   ? -7.726  8.606   -6.380  1.00 22.21 ? 315 HOH A O   1 
HETATM 1204 O  O   . HOH C 3 .   ? -8.279  -1.007  -13.329 1.00 27.02 ? 316 HOH A O   1 
HETATM 1205 O  O   . HOH C 3 .   ? -4.498  1.616   8.999   1.00 24.14 ? 317 HOH A O   1 
HETATM 1206 O  O   . HOH C 3 .   ? 3.751   7.891   12.973  1.00 29.26 ? 318 HOH A O   1 
HETATM 1207 O  O   . HOH C 3 .   ? -11.638 5.083   1.831   1.00 22.69 ? 319 HOH A O   1 
HETATM 1208 O  O   . HOH C 3 .   ? -8.537  11.890  5.320   1.00 27.96 ? 320 HOH A O   1 
HETATM 1209 O  O   . HOH C 3 .   ? 2.799   -13.992 -16.462 1.00 24.35 ? 321 HOH A O   1 
HETATM 1210 O  O   . HOH C 3 .   ? 2.083   -1.507  11.833  1.00 21.71 ? 322 HOH A O   1 
HETATM 1211 O  O   . HOH C 3 .   ? 4.757   -6.906  -21.577 1.00 22.15 ? 323 HOH A O   1 
HETATM 1212 O  O   . HOH C 3 .   ? -8.193  -2.176  10.537  1.00 25.88 ? 324 HOH A O   1 
HETATM 1213 O  O   . HOH C 3 .   ? -1.457  -11.361 -3.956  1.00 27.43 ? 325 HOH A O   1 
HETATM 1214 O  O   . HOH C 3 .   ? -16.665 1.617   -8.162  1.00 33.60 ? 326 HOH A O   1 
HETATM 1215 O  O   . HOH C 3 .   ? -10.169 11.649  -6.346  1.00 26.09 ? 327 HOH A O   1 
HETATM 1216 O  O   . HOH C 3 .   ? 8.332   3.467   11.659  1.00 26.76 ? 328 HOH A O   1 
HETATM 1217 O  O   . HOH C 3 .   ? -3.253  4.711   9.813   1.00 25.34 ? 329 HOH A O   1 
HETATM 1218 O  O   . HOH C 3 .   ? -13.388 -0.852  -0.284  1.00 21.44 ? 330 HOH A O   1 
HETATM 1219 O  O   . HOH C 3 .   ? 6.982   12.654  -4.155  1.00 32.14 ? 331 HOH A O   1 
HETATM 1220 O  O   . HOH C 3 .   ? -1.811  -9.721  11.825  1.00 30.27 ? 332 HOH A O   1 
HETATM 1221 O  O   . HOH C 3 .   ? 8.034   -8.085  -7.634  1.00 31.67 ? 333 HOH A O   1 
HETATM 1222 O  O   . HOH C 3 .   ? -3.928  16.975  -4.766  1.00 28.42 ? 334 HOH A O   1 
HETATM 1223 O  O   . HOH C 3 .   ? -13.564 0.284   -3.229  1.00 26.47 ? 335 HOH A O   1 
HETATM 1224 O  O   . HOH C 3 .   ? 11.787  -2.708  -6.410  1.00 27.03 ? 336 HOH A O   1 
HETATM 1225 O  O   . HOH C 3 .   ? 1.328   2.306   11.731  1.00 28.87 ? 337 HOH A O   1 
HETATM 1226 O  O   . HOH C 3 .   ? 2.905   -13.103 -6.103  1.00 31.92 ? 338 HOH A O   1 
HETATM 1227 O  O   . HOH C 3 .   ? 2.329   -2.044  -17.280 0.50 29.79 ? 339 HOH A O   1 
HETATM 1228 O  O   . HOH C 3 .   ? 15.678  1.429   9.654   1.00 30.53 ? 340 HOH A O   1 
HETATM 1229 O  O   . HOH C 3 .   ? 13.872  2.994   -8.051  1.00 32.46 ? 341 HOH A O   1 
HETATM 1230 O  O   . HOH C 3 .   ? 2.215   17.462  -1.108  1.00 33.53 ? 342 HOH A O   1 
HETATM 1231 O  O   . HOH C 3 .   ? 4.724   -14.661 -13.686 1.00 30.67 ? 343 HOH A O   1 
HETATM 1232 O  O   . HOH C 3 .   ? -0.017  -3.416  11.406  1.00 21.44 ? 344 HOH A O   1 
HETATM 1233 O  O   . HOH C 3 .   ? -6.214  14.166  1.738   1.00 27.66 ? 345 HOH A O   1 
HETATM 1234 O  O   . HOH C 3 .   ? -8.154  8.121   -13.702 1.00 30.10 ? 346 HOH A O   1 
HETATM 1235 O  O   . HOH C 3 .   ? 18.583  2.293   3.328   1.00 26.31 ? 347 HOH A O   1 
HETATM 1236 O  O   . HOH C 3 .   ? -14.105 6.077   -5.323  1.00 30.35 ? 348 HOH A O   1 
HETATM 1237 O  O   . HOH C 3 .   ? -5.763  14.192  4.389   1.00 27.99 ? 349 HOH A O   1 
HETATM 1238 O  O   . HOH C 3 .   ? 18.350  9.080   3.911   1.00 31.12 ? 350 HOH A O   1 
HETATM 1239 O  O   . HOH C 3 .   ? 16.155  11.826  2.696   1.00 31.14 ? 351 HOH A O   1 
HETATM 1240 O  O   . HOH C 3 .   ? -6.943  1.963   10.428  1.00 30.07 ? 352 HOH A O   1 
HETATM 1241 O  O   . HOH C 3 .   ? 6.527   5.802   -16.679 1.00 32.12 ? 353 HOH A O   1 
HETATM 1242 O  O   . HOH C 3 .   ? 14.666  4.894   -4.015  1.00 33.09 ? 354 HOH A O   1 
HETATM 1243 O  O   . HOH C 3 .   ? -4.854  -4.425  -17.918 1.00 29.70 ? 355 HOH A O   1 
HETATM 1244 O  O   . HOH C 3 .   ? 10.072  10.356  -2.534  1.00 30.77 ? 356 HOH A O   1 
HETATM 1245 O  O   . HOH C 3 .   ? 13.676  -6.946  -3.942  1.00 32.11 ? 357 HOH A O   1 
HETATM 1246 O  O   . HOH C 3 .   ? -7.682  5.292   10.932  1.00 27.59 ? 358 HOH A O   1 
HETATM 1247 O  O   . HOH C 3 .   ? -6.858  -6.796  -16.770 1.00 34.08 ? 359 HOH A O   1 
HETATM 1248 O  O   . HOH C 3 .   ? 12.054  6.598   -12.436 1.00 33.66 ? 360 HOH A O   1 
HETATM 1249 O  O   . HOH C 3 .   ? -9.272  -5.701  -12.664 1.00 34.96 ? 361 HOH A O   1 
HETATM 1250 O  O   . HOH C 3 .   ? 6.348   -15.089 -4.887  1.00 40.29 ? 362 HOH A O   1 
HETATM 1251 O  O   . HOH C 3 .   ? 0.033   -14.587 -11.213 1.00 38.74 ? 363 HOH A O   1 
HETATM 1252 O  O   . HOH C 3 .   ? 8.082   15.135  5.737   1.00 45.76 ? 364 HOH A O   1 
HETATM 1253 O  O   . HOH C 3 .   ? 0.554   3.478   -13.547 1.00 30.84 ? 365 HOH A O   1 
HETATM 1254 O  O   . HOH C 3 .   ? -4.081  -14.941 8.352   1.00 31.65 ? 366 HOH A O   1 
HETATM 1255 O  O   . HOH C 3 .   ? 1.924   15.481  11.178  1.00 38.87 ? 367 HOH A O   1 
HETATM 1256 O  O   . HOH C 3 .   ? -10.374 -16.421 8.070   1.00 37.02 ? 368 HOH A O   1 
HETATM 1257 O  O   . HOH C 3 .   ? 9.909   -5.254  -9.268  1.00 39.49 ? 369 HOH A O   1 
HETATM 1258 O  O   . HOH C 3 .   ? 6.700   -15.120 -9.622  1.00 55.26 ? 370 HOH A O   1 
HETATM 1259 O  O   . HOH C 3 .   ? -9.033  -10.550 9.691   1.00 34.47 ? 371 HOH A O   1 
HETATM 1260 O  O   . HOH C 3 .   ? -12.253 6.142   -3.145  1.00 31.13 ? 372 HOH A O   1 
HETATM 1261 O  O   . HOH C 3 .   ? 11.637  4.197   -14.062 1.00 25.36 ? 373 HOH A O   1 
HETATM 1262 O  O   . HOH C 3 .   ? 0.646   0.905   -12.773 1.00 22.81 ? 374 HOH A O   1 
HETATM 1263 O  O   . HOH C 3 .   ? -4.401  13.440  -9.973  1.00 35.71 ? 375 HOH A O   1 
HETATM 1264 O  O   . HOH C 3 .   ? 8.426   12.312  0.877   1.00 31.38 ? 376 HOH A O   1 
HETATM 1265 O  O   . HOH C 3 .   ? -13.907 8.688   10.614  1.00 31.73 ? 377 HOH A O   1 
HETATM 1266 O  O   . HOH C 3 .   ? -13.483 1.910   7.299   1.00 43.32 ? 378 HOH A O   1 
HETATM 1267 O  O   . HOH C 3 .   ? -15.659 7.485   -10.171 1.00 46.47 ? 379 HOH A O   1 
HETATM 1268 O  O   . HOH C 3 .   ? 4.864   -6.071  -14.710 0.50 23.29 ? 380 HOH A O   1 
HETATM 1269 O  O   . HOH C 3 .   ? 7.955   12.880  -11.023 1.00 35.38 ? 381 HOH A O   1 
HETATM 1270 O  O   . HOH C 3 .   ? 15.381  1.964   -4.327  1.00 34.16 ? 382 HOH A O   1 
HETATM 1271 O  O   . HOH C 3 .   ? -3.569  2.527   -11.708 1.00 28.75 ? 383 HOH A O   1 
HETATM 1272 O  O   . HOH C 3 .   ? -12.119 11.462  -4.591  1.00 31.48 ? 384 HOH A O   1 
HETATM 1273 O  O   . HOH C 3 .   ? 3.210   -2.744  -20.540 1.00 26.36 ? 385 HOH A O   1 
HETATM 1274 O  O   . HOH C 3 .   ? -13.171 -6.650  -5.220  1.00 32.82 ? 386 HOH A O   1 
HETATM 1275 O  O   . HOH C 3 .   ? 13.644  0.204   -9.002  1.00 31.32 ? 387 HOH A O   1 
HETATM 1276 O  O   . HOH C 3 .   ? -5.801  -10.454 -17.323 1.00 39.97 ? 388 HOH A O   1 
HETATM 1277 O  O   . HOH C 3 .   ? -1.066  9.110   13.367  1.00 35.94 ? 389 HOH A O   1 
HETATM 1278 O  O   . HOH C 3 .   ? 0.665   18.338  -7.415  1.00 34.36 ? 390 HOH A O   1 
HETATM 1279 O  O   . HOH C 3 .   ? -13.260 -5.903  -9.109  1.00 31.17 ? 391 HOH A O   1 
HETATM 1280 O  O   . HOH C 3 .   ? -14.402 2.861   -3.013  1.00 38.42 ? 392 HOH A O   1 
HETATM 1281 O  O   . HOH C 3 .   ? -14.726 -1.758  -7.021  1.00 41.40 ? 393 HOH A O   1 
HETATM 1282 O  O   . HOH C 3 .   ? 17.847  -1.095  -3.944  1.00 35.18 ? 394 HOH A O   1 
HETATM 1283 O  O   . HOH C 3 .   ? -15.892 -2.213  -0.601  1.00 41.28 ? 395 HOH A O   1 
HETATM 1284 O  O   . HOH C 3 .   ? 10.052  9.464   -10.497 1.00 36.57 ? 396 HOH A O   1 
HETATM 1285 O  O   . HOH C 3 .   ? -1.147  -11.957 12.610  1.00 36.81 ? 397 HOH A O   1 
HETATM 1286 O  O   . HOH C 3 .   ? 4.216   -15.229 -7.287  1.00 49.06 ? 398 HOH A O   1 
HETATM 1287 O  O   . HOH C 3 .   ? 16.231  5.510   16.001  1.00 39.49 ? 399 HOH A O   1 
HETATM 1288 O  O   . HOH C 3 .   ? 4.418   15.997  8.243   1.00 43.38 ? 400 HOH A O   1 
HETATM 1289 O  O   . HOH C 3 .   ? -9.908  -4.116  10.628  1.00 40.65 ? 401 HOH A O   1 
HETATM 1290 O  O   . HOH C 3 .   ? -6.566  -9.673  -14.560 1.00 32.88 ? 402 HOH A O   1 
HETATM 1291 O  O   . HOH C 3 .   ? 6.657   -10.501 -11.198 1.00 35.88 ? 403 HOH A O   1 
HETATM 1292 O  O   . HOH C 3 .   ? 7.821   5.007   15.700  1.00 44.62 ? 404 HOH A O   1 
HETATM 1293 O  O   . HOH C 3 .   ? 14.122  -1.947  -4.967  1.00 33.77 ? 405 HOH A O   1 
HETATM 1294 O  O   . HOH C 3 .   ? -12.644 9.127   -2.430  1.00 43.18 ? 406 HOH A O   1 
HETATM 1295 O  O   . HOH C 3 .   ? 5.381   14.866  -2.102  1.00 43.47 ? 407 HOH A O   1 
HETATM 1296 O  O   . HOH C 3 .   ? 3.644   16.154  2.254   1.00 45.42 ? 408 HOH A O   1 
HETATM 1297 O  O   . HOH C 3 .   ? 20.204  8.632   2.058   1.00 43.88 ? 409 HOH A O   1 
HETATM 1298 O  O   . HOH C 3 .   ? -13.818 -7.281  3.319   1.00 42.42 ? 410 HOH A O   1 
HETATM 1299 O  O   . HOH C 3 .   ? -8.243  12.198  0.761   1.00 42.07 ? 411 HOH A O   1 
HETATM 1300 O  O   . HOH C 3 .   ? 19.432  2.760   6.217   1.00 37.06 ? 412 HOH A O   1 
HETATM 1301 O  O   . HOH C 3 .   ? -12.771 -3.546  6.172   1.00 44.66 ? 413 HOH A O   1 
HETATM 1302 O  O   . HOH C 3 .   ? -7.648  -8.351  10.493  1.00 51.17 ? 414 HOH A O   1 
HETATM 1303 O  O   . HOH C 3 .   ? -0.889  13.488  -12.439 1.00 39.56 ? 415 HOH A O   1 
HETATM 1304 O  O   . HOH C 3 .   ? -3.289  -14.303 -16.541 1.00 44.69 ? 416 HOH A O   1 
HETATM 1305 O  O   . HOH C 3 .   ? -3.987  -8.729  13.055  1.00 36.78 ? 417 HOH A O   1 
HETATM 1306 O  O   . HOH C 3 .   ? 2.748   -14.182 0.893   1.00 39.83 ? 418 HOH A O   1 
HETATM 1307 O  O   . HOH C 3 .   ? 13.825  3.539   17.223  1.00 47.92 ? 419 HOH A O   1 
HETATM 1308 O  O   . HOH C 3 .   ? 5.821   13.392  2.165   1.00 42.33 ? 420 HOH A O   1 
HETATM 1309 O  O   . HOH C 3 .   ? -12.210 2.262   2.688   1.00 40.97 ? 421 HOH A O   1 
HETATM 1310 O  O   . HOH C 3 .   ? -8.147  -15.218 9.979   1.00 45.89 ? 422 HOH A O   1 
HETATM 1311 O  O   . HOH C 3 .   ? -15.513 -6.111  -13.476 1.00 39.55 ? 423 HOH A O   1 
HETATM 1312 O  O   . HOH C 3 .   ? -12.695 -0.624  4.474   1.00 46.24 ? 424 HOH A O   1 
HETATM 1313 O  O   . HOH C 3 .   ? -3.402  -14.773 -7.566  1.00 51.85 ? 425 HOH A O   1 
HETATM 1314 O  O   . HOH C 3 .   ? -14.040 1.252   1.345   1.00 37.57 ? 426 HOH A O   1 
HETATM 1315 O  O   . HOH C 3 .   ? 6.146   -16.463 -2.715  1.00 43.80 ? 427 HOH A O   1 
HETATM 1316 O  O   . HOH C 3 .   ? -0.515  -4.044  -18.823 1.00 46.82 ? 428 HOH A O   1 
HETATM 1317 O  O   . HOH C 3 .   ? 6.273   -15.765 -0.086  1.00 36.92 ? 429 HOH A O   1 
HETATM 1318 O  O   . HOH C 3 .   ? -6.255  -12.016 -13.120 1.00 43.57 ? 430 HOH A O   1 
HETATM 1319 O  O   . HOH C 3 .   ? 1.335   19.288  -2.594  1.00 44.25 ? 431 HOH A O   1 
HETATM 1320 O  O   . HOH C 3 .   ? -0.765  -12.640 -6.467  1.00 41.43 ? 432 HOH A O   1 
HETATM 1321 O  O   . HOH C 3 .   ? 6.754   3.824   13.737  1.00 42.42 ? 433 HOH A O   1 
HETATM 1322 O  O   . HOH C 3 .   ? 4.940   16.644  -7.529  1.00 36.10 ? 434 HOH A O   1 
HETATM 1323 O  O   . HOH C 3 .   ? -14.965 10.746  9.106   1.00 35.47 ? 435 HOH A O   1 
HETATM 1324 O  O   . HOH C 3 .   ? -16.216 2.439   -14.997 1.00 49.44 ? 436 HOH A O   1 
HETATM 1325 O  O   . HOH C 3 .   ? -12.078 5.067   -14.687 1.00 42.19 ? 437 HOH A O   1 
HETATM 1326 O  O   . HOH C 3 .   ? -3.322  -13.735 -12.016 1.00 48.48 ? 438 HOH A O   1 
HETATM 1327 O  O   . HOH C 3 .   ? 15.288  -4.586  -5.044  1.00 41.72 ? 439 HOH A O   1 
HETATM 1328 O  O   . HOH C 3 .   ? 8.049   -7.932  -12.661 0.50 35.81 ? 440 HOH A O   1 
HETATM 1329 O  O   . HOH C 3 .   ? 20.911  5.173   6.509   1.00 44.01 ? 441 HOH A O   1 
HETATM 1330 O  O   . HOH C 3 .   ? -15.944 -4.605  -9.458  1.00 45.21 ? 442 HOH A O   1 
HETATM 1331 O  O   . HOH C 3 .   ? 2.565   1.665   14.119  1.00 34.72 ? 443 HOH A O   1 
HETATM 1332 O  O   . HOH C 3 .   ? -14.886 3.140   -0.573  1.00 42.33 ? 444 HOH A O   1 
HETATM 1333 O  O   . HOH C 3 .   ? 21.560  0.604   1.471   1.00 39.13 ? 445 HOH A O   1 
HETATM 1334 O  O   . HOH C 3 .   ? 2.907   -0.895  14.113  1.00 40.03 ? 446 HOH A O   1 
HETATM 1335 O  O   . HOH C 3 .   ? 8.870   10.144  -13.599 1.00 41.94 ? 447 HOH A O   1 
HETATM 1336 O  O   . HOH C 3 .   ? -4.324  11.149  -12.080 1.00 41.32 ? 448 HOH A O   1 
HETATM 1337 O  O   . HOH C 3 .   ? -11.593 -4.711  8.866   1.00 45.55 ? 449 HOH A O   1 
HETATM 1338 O  O   . HOH C 3 .   ? -14.541 6.013   -14.030 1.00 42.03 ? 450 HOH A O   1 
HETATM 1339 O  O   . HOH C 3 .   ? -6.259  -8.272  -18.682 1.00 44.46 ? 451 HOH A O   1 
HETATM 1340 O  O   . HOH C 3 .   ? -6.738  17.025  -7.317  1.00 49.23 ? 452 HOH A O   1 
HETATM 1341 O  O   . HOH C 3 .   ? 6.118   15.997  6.374   1.00 53.61 ? 453 HOH A O   1 
HETATM 1342 O  O   . HOH C 3 .   ? 0.000   17.204  3.254   1.00 46.85 ? 454 HOH A O   1 
HETATM 1343 O  O   . HOH C 3 .   ? -11.729 13.485  -2.099  1.00 47.32 ? 455 HOH A O   1 
HETATM 1344 O  O   . HOH C 3 .   ? -15.387 8.456   -6.202  1.00 46.01 ? 456 HOH A O   1 
HETATM 1345 O  O   . HOH C 3 .   ? -3.617  3.786   -14.051 1.00 47.51 ? 457 HOH A O   1 
HETATM 1346 O  O   . HOH C 3 .   ? 10.005  12.262  -6.263  1.00 46.57 ? 458 HOH A O   1 
HETATM 1347 O  O   . HOH C 3 .   ? 20.302  3.998   2.172   1.00 44.13 ? 459 HOH A O   1 
HETATM 1348 O  O   . HOH C 3 .   ? 8.541   -1.611  17.183  1.00 41.78 ? 460 HOH A O   1 
HETATM 1349 O  O   . HOH C 3 .   ? -14.194 -1.946  9.348   1.00 39.82 ? 461 HOH A O   1 
HETATM 1350 O  O   . HOH C 3 .   ? -7.542  0.798   -15.382 1.00 46.92 ? 462 HOH A O   1 
HETATM 1351 O  O   . HOH C 3 .   ? 15.750  7.505   17.642  1.00 48.43 ? 463 HOH A O   1 
HETATM 1352 O  O   . HOH C 3 .   ? 8.350   10.110  -16.032 1.00 43.23 ? 464 HOH A O   1 
HETATM 1353 O  O   . HOH C 3 .   ? 5.072   15.515  13.174  1.00 42.54 ? 465 HOH A O   1 
HETATM 1354 O  O   . HOH C 3 .   ? 6.214   14.017  15.298  1.00 47.24 ? 466 HOH A O   1 
HETATM 1355 O  O   . HOH C 3 .   ? -12.262 -4.879  3.498   1.00 47.86 ? 467 HOH A O   1 
HETATM 1356 O  O   . HOH C 3 .   ? -9.760  -7.656  -14.065 1.00 49.53 ? 468 HOH A O   1 
HETATM 1357 O  O   . HOH C 3 .   ? -0.766  19.323  -4.094  1.00 47.54 ? 469 HOH A O   1 
HETATM 1358 O  O   . HOH C 3 .   ? 4.256   9.553   14.937  1.00 46.08 ? 470 HOH A O   1 
HETATM 1359 O  O   . HOH C 3 .   ? -1.361  -16.073 -15.175 1.00 51.46 ? 471 HOH A O   1 
HETATM 1360 O  O   . HOH C 3 .   ? -13.276 -5.262  -12.264 1.00 48.47 ? 472 HOH A O   1 
HETATM 1361 O  O   . HOH C 3 .   ? -1.292  2.765   15.645  0.50 29.58 ? 473 HOH A O   1 
HETATM 1362 O  O   . HOH C 3 .   ? 1.188   19.826  -6.152  1.00 42.89 ? 474 HOH A O   1 
HETATM 1363 O  O   . HOH C 3 .   ? -14.845 -0.983  -4.407  1.00 44.59 ? 475 HOH A O   1 
HETATM 1364 O  O   . HOH C 3 .   ? 18.767  2.619   -4.163  1.00 47.40 ? 476 HOH A O   1 
HETATM 1365 O  O   . HOH C 3 .   ? -4.574  -14.128 -14.151 1.00 51.43 ? 477 HOH A O   1 
HETATM 1366 O  O   . HOH C 3 .   ? 7.939   -6.552  -10.618 1.00 43.80 ? 478 HOH A O   1 
HETATM 1367 O  O   . HOH C 3 .   ? -9.785  13.525  6.501   0.50 37.43 ? 479 HOH A O   1 
HETATM 1368 O  O   . HOH C 3 .   ? 19.725  -0.047  3.726   1.00 34.21 ? 480 HOH A O   1 
HETATM 1369 O  O   . HOH C 3 .   ? 0.045   -9.618  -2.956  1.00 45.35 ? 481 HOH A O   1 
HETATM 1370 O  O   . HOH C 3 .   ? 18.736  -0.441  1.941   1.00 56.00 ? 482 HOH A O   1 
HETATM 1371 O  O   . HOH C 3 .   ? -11.869 2.250   5.418   1.00 53.59 ? 483 HOH A O   1 
HETATM 1372 O  O   . HOH C 3 .   ? 1.733   10.154  15.797  1.00 42.99 ? 484 HOH A O   1 
HETATM 1373 O  O   . HOH C 3 .   ? -9.237  -19.294 -7.109  1.00 64.63 ? 485 HOH A O   1 
HETATM 1374 O  O   . HOH C 3 .   ? 11.093  14.320  11.061  1.00 53.48 ? 486 HOH A O   1 
HETATM 1375 O  O   . HOH C 3 .   ? -10.767 -14.680 -3.189  1.00 54.47 ? 487 HOH A O   1 
HETATM 1376 O  O   . HOH C 3 .   ? 10.682  16.175  5.100   1.00 64.34 ? 488 HOH A O   1 
HETATM 1377 O  O   . HOH C 3 .   ? 9.129   8.838   15.890  1.00 49.65 ? 489 HOH A O   1 
HETATM 1378 O  O   . HOH C 3 .   ? -0.121  -13.546 2.011   1.00 57.79 ? 490 HOH A O   1 
HETATM 1379 O  O   . HOH C 3 .   ? 19.019  5.919   12.247  1.00 50.24 ? 491 HOH A O   1 
HETATM 1380 O  O   . HOH C 3 .   ? -14.160 -4.299  -14.526 1.00 52.17 ? 492 HOH A O   1 
HETATM 1381 O  O   . HOH C 3 .   ? -4.887  16.051  -8.460  1.00 56.85 ? 493 HOH A O   1 
HETATM 1382 O  O   . HOH C 3 .   ? -0.738  -14.685 -3.839  1.00 52.22 ? 494 HOH A O   1 
HETATM 1383 O  O   . HOH C 3 .   ? -6.418  -16.784 2.612   1.00 62.36 ? 495 HOH A O   1 
HETATM 1384 O  O   . HOH C 3 .   ? 1.508   4.758   12.052  1.00 44.17 ? 496 HOH A O   1 
HETATM 1385 O  O   . HOH C 3 .   ? -3.566  -16.392 6.800   1.00 56.55 ? 497 HOH A O   1 
HETATM 1386 O  O   . HOH C 3 .   ? -2.053  -0.539  13.106  1.00 50.24 ? 498 HOH A O   1 
HETATM 1387 O  O   . HOH C 3 .   ? -10.443 14.001  -7.132  1.00 52.61 ? 499 HOH A O   1 
HETATM 1388 O  O   . HOH C 3 .   ? 7.338   11.667  -12.566 1.00 64.67 ? 500 HOH A O   1 
HETATM 1389 O  O   . HOH C 3 .   ? -0.084  -16.432 4.789   1.00 57.86 ? 501 HOH A O   1 
HETATM 1390 O  O   . HOH C 3 .   ? 13.517  12.450  -3.405  1.00 56.54 ? 502 HOH A O   1 
HETATM 1391 O  O   . HOH C 3 .   ? -11.114 10.510  -8.690  1.00 64.19 ? 503 HOH A O   1 
HETATM 1392 O  O   . HOH C 3 .   ? -13.379 -3.414  -17.022 1.00 50.72 ? 504 HOH A O   1 
HETATM 1393 O  O   . HOH C 3 .   ? -12.988 -8.576  7.798   1.00 47.45 ? 505 HOH A O   1 
HETATM 1394 O  O   . HOH C 3 .   ? -12.734 14.128  7.548   1.00 52.81 ? 506 HOH A O   1 
HETATM 1395 O  O   . HOH C 3 .   ? -12.824 -16.371 9.352   1.00 63.49 ? 507 HOH A O   1 
HETATM 1396 O  O   . HOH C 3 .   ? 19.796  8.094   6.365   1.00 50.44 ? 508 HOH A O   1 
HETATM 1397 O  O   . HOH C 3 .   ? 12.284  19.306  11.323  1.00 73.37 ? 509 HOH A O   1 
HETATM 1398 O  O   . HOH C 3 .   ? -5.679  7.853   11.986  0.50 29.41 ? 510 HOH A O   1 
HETATM 1399 O  O   . HOH C 3 .   ? -1.488  -13.714 11.008  1.00 54.29 ? 511 HOH A O   1 
HETATM 1400 O  O   . HOH C 3 .   ? -14.068 -8.722  -3.690  1.00 51.71 ? 512 HOH A O   1 
HETATM 1401 O  O   . HOH C 3 .   ? -2.617  7.118   12.278  1.00 49.63 ? 513 HOH A O   1 
HETATM 1402 O  O   . HOH C 3 .   ? 5.940   10.387  13.662  1.00 90.11 ? 514 HOH A O   1 
HETATM 1403 O  O   . HOH C 3 .   ? -12.488 -14.152 -7.323  1.00 57.50 ? 515 HOH A O   1 
HETATM 1404 O  O   . HOH C 3 .   ? 11.403  15.657  2.634   1.00 63.89 ? 516 HOH A O   1 
HETATM 1405 O  O   . HOH C 3 .   ? 6.631   0.394   17.065  1.00 63.93 ? 517 HOH A O   1 
HETATM 1406 O  O   . HOH C 3 .   ? 11.879  7.815   -9.142  1.00 59.79 ? 518 HOH A O   1 
HETATM 1407 O  O   . HOH C 3 .   ? -1.606  5.007   13.200  1.00 81.46 ? 519 HOH A O   1 
HETATM 1408 O  O   . HOH C 3 .   ? -3.713  3.057   15.424  1.00 51.20 ? 520 HOH A O   1 
HETATM 1409 O  O   . HOH C 3 .   ? -1.392  2.367   13.251  1.00 60.56 ? 521 HOH A O   1 
HETATM 1410 O  O   . HOH C 3 .   ? -15.882 -3.441  1.804   1.00 51.47 ? 522 HOH A O   1 
# 
